data_3PP5
# 
_entry.id   3PP5 
# 
_audit_conform.dict_name       mmcif_pdbx.dic 
_audit_conform.dict_version    5.387 
_audit_conform.dict_location   http://mmcif.pdb.org/dictionaries/ascii/mmcif_pdbx.dic 
# 
loop_
_database_2.database_id 
_database_2.database_code 
_database_2.pdbx_database_accession 
_database_2.pdbx_DOI 
PDB   3PP5         pdb_00003pp5 10.2210/pdb3pp5/pdb 
RCSB  RCSB062647   ?            ?                   
WWPDB D_1000062647 ?            ?                   
# 
loop_
_pdbx_audit_revision_history.ordinal 
_pdbx_audit_revision_history.data_content_type 
_pdbx_audit_revision_history.major_revision 
_pdbx_audit_revision_history.minor_revision 
_pdbx_audit_revision_history.revision_date 
1 'Structure model' 1 0 2011-06-08 
2 'Structure model' 1 1 2011-07-13 
3 'Structure model' 1 2 2012-03-28 
4 'Structure model' 1 3 2017-11-08 
5 'Structure model' 1 4 2024-02-21 
# 
_pdbx_audit_revision_details.ordinal             1 
_pdbx_audit_revision_details.revision_ordinal    1 
_pdbx_audit_revision_details.data_content_type   'Structure model' 
_pdbx_audit_revision_details.provider            repository 
_pdbx_audit_revision_details.type                'Initial release' 
_pdbx_audit_revision_details.description         ? 
_pdbx_audit_revision_details.details             ? 
# 
loop_
_pdbx_audit_revision_group.ordinal 
_pdbx_audit_revision_group.revision_ordinal 
_pdbx_audit_revision_group.data_content_type 
_pdbx_audit_revision_group.group 
1 2 'Structure model' 'Version format compliance' 
2 3 'Structure model' 'Database references'       
3 4 'Structure model' 'Refinement description'    
4 5 'Structure model' 'Data collection'           
5 5 'Structure model' 'Database references'       
6 5 'Structure model' 'Derived calculations'      
# 
loop_
_pdbx_audit_revision_category.ordinal 
_pdbx_audit_revision_category.revision_ordinal 
_pdbx_audit_revision_category.data_content_type 
_pdbx_audit_revision_category.category 
1 4 'Structure model' software           
2 5 'Structure model' chem_comp_atom     
3 5 'Structure model' chem_comp_bond     
4 5 'Structure model' database_2         
5 5 'Structure model' struct_ref_seq_dif 
6 5 'Structure model' struct_site        
# 
loop_
_pdbx_audit_revision_item.ordinal 
_pdbx_audit_revision_item.revision_ordinal 
_pdbx_audit_revision_item.data_content_type 
_pdbx_audit_revision_item.item 
1 5 'Structure model' '_database_2.pdbx_DOI'                
2 5 'Structure model' '_database_2.pdbx_database_accession' 
3 5 'Structure model' '_struct_ref_seq_dif.details'         
4 5 'Structure model' '_struct_site.pdbx_auth_asym_id'      
5 5 'Structure model' '_struct_site.pdbx_auth_comp_id'      
6 5 'Structure model' '_struct_site.pdbx_auth_seq_id'       
# 
_pdbx_database_status.status_code                     REL 
_pdbx_database_status.entry_id                        3PP5 
_pdbx_database_status.recvd_initial_deposition_date   2010-11-24 
_pdbx_database_status.deposit_site                    RCSB 
_pdbx_database_status.process_site                    RCSB 
_pdbx_database_status.status_code_sf                  REL 
_pdbx_database_status.status_code_mr                  ? 
_pdbx_database_status.SG_entry                        ? 
_pdbx_database_status.status_code_cs                  ? 
_pdbx_database_status.pdb_format_compatible           Y 
_pdbx_database_status.methods_development_category    ? 
_pdbx_database_status.status_code_nmr_data            ? 
# 
loop_
_audit_author.name 
_audit_author.pdbx_ordinal 
'Linkner, J.' 1 
'Witte, G.'   2 
'Curth, U.'   3 
'Faix, J.'    4 
# 
_citation.id                        primary 
_citation.title                     'High-resolution X-ray structure of the trimeric Scar/WAVE-complex precursor Brk1.' 
_citation.journal_abbrev            'Plos One' 
_citation.journal_volume            6 
_citation.page_first                e21327 
_citation.page_last                 e21327 
_citation.year                      2011 
_citation.journal_id_ASTM           ? 
_citation.country                   US 
_citation.journal_id_ISSN           1932-6203 
_citation.journal_id_CSD            ? 
_citation.book_publisher            ? 
_citation.pdbx_database_id_PubMed   21701600 
_citation.pdbx_database_id_DOI      10.1371/journal.pone.0021327 
# 
loop_
_citation_author.citation_id 
_citation_author.name 
_citation_author.ordinal 
_citation_author.identifier_ORCID 
primary 'Linkner, J.' 1 ? 
primary 'Witte, G.'   2 ? 
primary 'Stradal, T.' 3 ? 
primary 'Curth, U.'   4 ? 
primary 'Faix, J.'    5 ? 
# 
loop_
_entity.id 
_entity.type 
_entity.src_method 
_entity.pdbx_description 
_entity.formula_weight 
_entity.pdbx_number_of_molecules 
_entity.pdbx_ec 
_entity.pdbx_mutation 
_entity.pdbx_fragment 
_entity.details 
1 polymer     man Brk1                            8619.741 1   ? ? ? ? 
2 non-polymer syn '(4S)-2-METHYL-2,4-PENTANEDIOL' 118.174  1   ? ? ? ? 
3 non-polymer syn '(4R)-2-METHYLPENTANE-2,4-DIOL' 118.174  1   ? ? ? ? 
4 non-polymer syn 'CALCIUM ION'                   40.078   2   ? ? ? ? 
5 water       nat water                           18.015   107 ? ? ? ? 
# 
_entity_name_com.entity_id   1 
_entity_name_com.name        'Protein BRICK1' 
# 
_entity_poly.entity_id                      1 
_entity_poly.type                           'polypeptide(L)' 
_entity_poly.nstd_linkage                   no 
_entity_poly.nstd_monomer                   no 
_entity_poly.pdbx_seq_one_letter_code       GPLGSMSTKTNIQKDWEQREFIEDMSINIQKIVEFLNKFELSTRNKLSDLNEKLTILDRQVDYLEATFKTVQE 
_entity_poly.pdbx_seq_one_letter_code_can   GPLGSMSTKTNIQKDWEQREFIEDMSINIQKIVEFLNKFELSTRNKLSDLNEKLTILDRQVDYLEATFKTVQE 
_entity_poly.pdbx_strand_id                 A 
_entity_poly.pdbx_target_identifier         ? 
# 
loop_
_pdbx_entity_nonpoly.entity_id 
_pdbx_entity_nonpoly.name 
_pdbx_entity_nonpoly.comp_id 
2 '(4S)-2-METHYL-2,4-PENTANEDIOL' MPD 
3 '(4R)-2-METHYLPENTANE-2,4-DIOL' MRD 
4 'CALCIUM ION'                   CA  
5 water                           HOH 
# 
loop_
_entity_poly_seq.entity_id 
_entity_poly_seq.num 
_entity_poly_seq.mon_id 
_entity_poly_seq.hetero 
1 1  GLY n 
1 2  PRO n 
1 3  LEU n 
1 4  GLY n 
1 5  SER n 
1 6  MET n 
1 7  SER n 
1 8  THR n 
1 9  LYS n 
1 10 THR n 
1 11 ASN n 
1 12 ILE n 
1 13 GLN n 
1 14 LYS n 
1 15 ASP n 
1 16 TRP n 
1 17 GLU n 
1 18 GLN n 
1 19 ARG n 
1 20 GLU n 
1 21 PHE n 
1 22 ILE n 
1 23 GLU n 
1 24 ASP n 
1 25 MET n 
1 26 SER n 
1 27 ILE n 
1 28 ASN n 
1 29 ILE n 
1 30 GLN n 
1 31 LYS n 
1 32 ILE n 
1 33 VAL n 
1 34 GLU n 
1 35 PHE n 
1 36 LEU n 
1 37 ASN n 
1 38 LYS n 
1 39 PHE n 
1 40 GLU n 
1 41 LEU n 
1 42 SER n 
1 43 THR n 
1 44 ARG n 
1 45 ASN n 
1 46 LYS n 
1 47 LEU n 
1 48 SER n 
1 49 ASP n 
1 50 LEU n 
1 51 ASN n 
1 52 GLU n 
1 53 LYS n 
1 54 LEU n 
1 55 THR n 
1 56 ILE n 
1 57 LEU n 
1 58 ASP n 
1 59 ARG n 
1 60 GLN n 
1 61 VAL n 
1 62 ASP n 
1 63 TYR n 
1 64 LEU n 
1 65 GLU n 
1 66 ALA n 
1 67 THR n 
1 68 PHE n 
1 69 LYS n 
1 70 THR n 
1 71 VAL n 
1 72 GLN n 
1 73 GLU n 
# 
_entity_src_gen.entity_id                          1 
_entity_src_gen.pdbx_src_id                        1 
_entity_src_gen.pdbx_alt_source_flag               sample 
_entity_src_gen.pdbx_seq_type                      ? 
_entity_src_gen.pdbx_beg_seq_num                   ? 
_entity_src_gen.pdbx_end_seq_num                   ? 
_entity_src_gen.gene_src_common_name               'slime mold' 
_entity_src_gen.gene_src_genus                     ? 
_entity_src_gen.pdbx_gene_src_gene                 'brk1, DDB_G0279175, hspc300' 
_entity_src_gen.gene_src_species                   ? 
_entity_src_gen.gene_src_strain                    ? 
_entity_src_gen.gene_src_tissue                    ? 
_entity_src_gen.gene_src_tissue_fraction           ? 
_entity_src_gen.gene_src_details                   ? 
_entity_src_gen.pdbx_gene_src_fragment             ? 
_entity_src_gen.pdbx_gene_src_scientific_name      'Dictyostelium discoideum' 
_entity_src_gen.pdbx_gene_src_ncbi_taxonomy_id     44689 
_entity_src_gen.pdbx_gene_src_variant              ? 
_entity_src_gen.pdbx_gene_src_cell_line            ? 
_entity_src_gen.pdbx_gene_src_atcc                 ? 
_entity_src_gen.pdbx_gene_src_organ                ? 
_entity_src_gen.pdbx_gene_src_organelle            ? 
_entity_src_gen.pdbx_gene_src_cell                 ? 
_entity_src_gen.pdbx_gene_src_cellular_location    ? 
_entity_src_gen.host_org_common_name               ? 
_entity_src_gen.pdbx_host_org_scientific_name      'Escherichia coli' 
_entity_src_gen.pdbx_host_org_ncbi_taxonomy_id     469008 
_entity_src_gen.host_org_genus                     ? 
_entity_src_gen.pdbx_host_org_gene                 ? 
_entity_src_gen.pdbx_host_org_organ                ? 
_entity_src_gen.host_org_species                   ? 
_entity_src_gen.pdbx_host_org_tissue               ? 
_entity_src_gen.pdbx_host_org_tissue_fraction      ? 
_entity_src_gen.pdbx_host_org_strain               'BL21(DE3) rosetta' 
_entity_src_gen.pdbx_host_org_variant              ? 
_entity_src_gen.pdbx_host_org_cell_line            ? 
_entity_src_gen.pdbx_host_org_atcc                 ? 
_entity_src_gen.pdbx_host_org_culture_collection   ? 
_entity_src_gen.pdbx_host_org_cell                 ? 
_entity_src_gen.pdbx_host_org_organelle            ? 
_entity_src_gen.pdbx_host_org_cellular_location    ? 
_entity_src_gen.pdbx_host_org_vector_type          Plasmid 
_entity_src_gen.pdbx_host_org_vector               ? 
_entity_src_gen.host_org_details                   ? 
_entity_src_gen.expression_system_id               ? 
_entity_src_gen.plasmid_name                       pGEX6p1 
_entity_src_gen.plasmid_details                    ? 
_entity_src_gen.pdbx_description                   ? 
# 
loop_
_chem_comp.id 
_chem_comp.type 
_chem_comp.mon_nstd_flag 
_chem_comp.name 
_chem_comp.pdbx_synonyms 
_chem_comp.formula 
_chem_comp.formula_weight 
ALA 'L-peptide linking' y ALANINE                         ? 'C3 H7 N O2'     89.093  
ARG 'L-peptide linking' y ARGININE                        ? 'C6 H15 N4 O2 1' 175.209 
ASN 'L-peptide linking' y ASPARAGINE                      ? 'C4 H8 N2 O3'    132.118 
ASP 'L-peptide linking' y 'ASPARTIC ACID'                 ? 'C4 H7 N O4'     133.103 
CA  non-polymer         . 'CALCIUM ION'                   ? 'Ca 2'           40.078  
GLN 'L-peptide linking' y GLUTAMINE                       ? 'C5 H10 N2 O3'   146.144 
GLU 'L-peptide linking' y 'GLUTAMIC ACID'                 ? 'C5 H9 N O4'     147.129 
GLY 'peptide linking'   y GLYCINE                         ? 'C2 H5 N O2'     75.067  
HOH non-polymer         . WATER                           ? 'H2 O'           18.015  
ILE 'L-peptide linking' y ISOLEUCINE                      ? 'C6 H13 N O2'    131.173 
LEU 'L-peptide linking' y LEUCINE                         ? 'C6 H13 N O2'    131.173 
LYS 'L-peptide linking' y LYSINE                          ? 'C6 H15 N2 O2 1' 147.195 
MET 'L-peptide linking' y METHIONINE                      ? 'C5 H11 N O2 S'  149.211 
MPD non-polymer         . '(4S)-2-METHYL-2,4-PENTANEDIOL' ? 'C6 H14 O2'      118.174 
MRD non-polymer         . '(4R)-2-METHYLPENTANE-2,4-DIOL' ? 'C6 H14 O2'      118.174 
PHE 'L-peptide linking' y PHENYLALANINE                   ? 'C9 H11 N O2'    165.189 
PRO 'L-peptide linking' y PROLINE                         ? 'C5 H9 N O2'     115.130 
SER 'L-peptide linking' y SERINE                          ? 'C3 H7 N O3'     105.093 
THR 'L-peptide linking' y THREONINE                       ? 'C4 H9 N O3'     119.119 
TRP 'L-peptide linking' y TRYPTOPHAN                      ? 'C11 H12 N2 O2'  204.225 
TYR 'L-peptide linking' y TYROSINE                        ? 'C9 H11 N O3'    181.189 
VAL 'L-peptide linking' y VALINE                          ? 'C5 H11 N O2'    117.146 
# 
loop_
_pdbx_poly_seq_scheme.asym_id 
_pdbx_poly_seq_scheme.entity_id 
_pdbx_poly_seq_scheme.seq_id 
_pdbx_poly_seq_scheme.mon_id 
_pdbx_poly_seq_scheme.ndb_seq_num 
_pdbx_poly_seq_scheme.pdb_seq_num 
_pdbx_poly_seq_scheme.auth_seq_num 
_pdbx_poly_seq_scheme.pdb_mon_id 
_pdbx_poly_seq_scheme.auth_mon_id 
_pdbx_poly_seq_scheme.pdb_strand_id 
_pdbx_poly_seq_scheme.pdb_ins_code 
_pdbx_poly_seq_scheme.hetero 
A 1 1  GLY 1  -4 ?  ?   ?   A . n 
A 1 2  PRO 2  -3 ?  ?   ?   A . n 
A 1 3  LEU 3  -2 ?  ?   ?   A . n 
A 1 4  GLY 4  -1 ?  ?   ?   A . n 
A 1 5  SER 5  0  ?  ?   ?   A . n 
A 1 6  MET 6  1  ?  ?   ?   A . n 
A 1 7  SER 7  2  ?  ?   ?   A . n 
A 1 8  THR 8  3  3  THR THR A . n 
A 1 9  LYS 9  4  4  LYS LYS A . n 
A 1 10 THR 10 5  5  THR THR A . n 
A 1 11 ASN 11 6  6  ASN ASN A . n 
A 1 12 ILE 12 7  7  ILE ILE A . n 
A 1 13 GLN 13 8  8  GLN GLN A . n 
A 1 14 LYS 14 9  9  LYS LYS A . n 
A 1 15 ASP 15 10 10 ASP ASP A . n 
A 1 16 TRP 16 11 11 TRP TRP A . n 
A 1 17 GLU 17 12 12 GLU GLU A . n 
A 1 18 GLN 18 13 13 GLN GLN A . n 
A 1 19 ARG 19 14 14 ARG ARG A . n 
A 1 20 GLU 20 15 15 GLU GLU A . n 
A 1 21 PHE 21 16 16 PHE PHE A . n 
A 1 22 ILE 22 17 17 ILE ILE A . n 
A 1 23 GLU 23 18 18 GLU GLU A . n 
A 1 24 ASP 24 19 19 ASP ASP A . n 
A 1 25 MET 25 20 20 MET MET A . n 
A 1 26 SER 26 21 21 SER SER A . n 
A 1 27 ILE 27 22 22 ILE ILE A . n 
A 1 28 ASN 28 23 23 ASN ASN A . n 
A 1 29 ILE 29 24 24 ILE ILE A . n 
A 1 30 GLN 30 25 25 GLN GLN A . n 
A 1 31 LYS 31 26 26 LYS LYS A . n 
A 1 32 ILE 32 27 27 ILE ILE A . n 
A 1 33 VAL 33 28 28 VAL VAL A . n 
A 1 34 GLU 34 29 29 GLU GLU A . n 
A 1 35 PHE 35 30 30 PHE PHE A . n 
A 1 36 LEU 36 31 31 LEU LEU A . n 
A 1 37 ASN 37 32 32 ASN ASN A . n 
A 1 38 LYS 38 33 33 LYS LYS A . n 
A 1 39 PHE 39 34 34 PHE PHE A . n 
A 1 40 GLU 40 35 35 GLU GLU A . n 
A 1 41 LEU 41 36 36 LEU LEU A . n 
A 1 42 SER 42 37 37 SER SER A . n 
A 1 43 THR 43 38 38 THR THR A . n 
A 1 44 ARG 44 39 39 ARG ARG A . n 
A 1 45 ASN 45 40 40 ASN ASN A . n 
A 1 46 LYS 46 41 41 LYS LYS A . n 
A 1 47 LEU 47 42 42 LEU LEU A . n 
A 1 48 SER 48 43 43 SER SER A . n 
A 1 49 ASP 49 44 44 ASP ASP A . n 
A 1 50 LEU 50 45 45 LEU LEU A . n 
A 1 51 ASN 51 46 46 ASN ASN A . n 
A 1 52 GLU 52 47 47 GLU GLU A . n 
A 1 53 LYS 53 48 48 LYS LYS A . n 
A 1 54 LEU 54 49 49 LEU LEU A . n 
A 1 55 THR 55 50 50 THR THR A . n 
A 1 56 ILE 56 51 51 ILE ILE A . n 
A 1 57 LEU 57 52 52 LEU LEU A . n 
A 1 58 ASP 58 53 53 ASP ASP A . n 
A 1 59 ARG 59 54 54 ARG ARG A . n 
A 1 60 GLN 60 55 55 GLN GLN A . n 
A 1 61 VAL 61 56 56 VAL VAL A . n 
A 1 62 ASP 62 57 57 ASP ASP A . n 
A 1 63 TYR 63 58 58 TYR TYR A . n 
A 1 64 LEU 64 59 59 LEU LEU A . n 
A 1 65 GLU 65 60 60 GLU GLU A . n 
A 1 66 ALA 66 61 61 ALA ALA A . n 
A 1 67 THR 67 62 62 THR THR A . n 
A 1 68 PHE 68 63 63 PHE PHE A . n 
A 1 69 LYS 69 64 64 LYS LYS A . n 
A 1 70 THR 70 65 65 THR THR A . n 
A 1 71 VAL 71 66 ?  ?   ?   A . n 
A 1 72 GLN 72 67 ?  ?   ?   A . n 
A 1 73 GLU 73 68 ?  ?   ?   A . n 
# 
loop_
_pdbx_nonpoly_scheme.asym_id 
_pdbx_nonpoly_scheme.entity_id 
_pdbx_nonpoly_scheme.mon_id 
_pdbx_nonpoly_scheme.ndb_seq_num 
_pdbx_nonpoly_scheme.pdb_seq_num 
_pdbx_nonpoly_scheme.auth_seq_num 
_pdbx_nonpoly_scheme.pdb_mon_id 
_pdbx_nonpoly_scheme.auth_mon_id 
_pdbx_nonpoly_scheme.pdb_strand_id 
_pdbx_nonpoly_scheme.pdb_ins_code 
B 2 MPD 1   69  69  MPD MPD A . 
C 3 MRD 1   70  70  MRD MRD A . 
D 4 CA  1   71  71  CA  CA  A . 
E 4 CA  1   72  72  CA  CA  A . 
F 5 HOH 1   73  73  HOH HOH A . 
F 5 HOH 2   74  74  HOH HOH A . 
F 5 HOH 3   75  75  HOH HOH A . 
F 5 HOH 4   76  76  HOH HOH A . 
F 5 HOH 5   77  77  HOH HOH A . 
F 5 HOH 6   78  78  HOH HOH A . 
F 5 HOH 7   79  79  HOH HOH A . 
F 5 HOH 8   80  80  HOH HOH A . 
F 5 HOH 9   81  81  HOH HOH A . 
F 5 HOH 10  82  82  HOH HOH A . 
F 5 HOH 11  83  83  HOH HOH A . 
F 5 HOH 12  84  84  HOH HOH A . 
F 5 HOH 13  85  85  HOH HOH A . 
F 5 HOH 14  86  86  HOH HOH A . 
F 5 HOH 15  87  87  HOH HOH A . 
F 5 HOH 16  88  88  HOH HOH A . 
F 5 HOH 17  89  89  HOH HOH A . 
F 5 HOH 18  90  90  HOH HOH A . 
F 5 HOH 19  91  91  HOH HOH A . 
F 5 HOH 20  92  92  HOH HOH A . 
F 5 HOH 21  93  93  HOH HOH A . 
F 5 HOH 22  94  94  HOH HOH A . 
F 5 HOH 23  95  95  HOH HOH A . 
F 5 HOH 24  96  96  HOH HOH A . 
F 5 HOH 25  97  97  HOH HOH A . 
F 5 HOH 26  98  98  HOH HOH A . 
F 5 HOH 27  99  99  HOH HOH A . 
F 5 HOH 28  100 100 HOH HOH A . 
F 5 HOH 29  101 101 HOH HOH A . 
F 5 HOH 30  102 102 HOH HOH A . 
F 5 HOH 31  103 103 HOH HOH A . 
F 5 HOH 32  104 104 HOH HOH A . 
F 5 HOH 33  105 105 HOH HOH A . 
F 5 HOH 34  106 106 HOH HOH A . 
F 5 HOH 35  107 107 HOH HOH A . 
F 5 HOH 36  108 108 HOH HOH A . 
F 5 HOH 37  109 109 HOH HOH A . 
F 5 HOH 38  110 110 HOH HOH A . 
F 5 HOH 39  111 111 HOH HOH A . 
F 5 HOH 40  112 112 HOH HOH A . 
F 5 HOH 41  113 113 HOH HOH A . 
F 5 HOH 42  114 114 HOH HOH A . 
F 5 HOH 43  115 115 HOH HOH A . 
F 5 HOH 44  116 116 HOH HOH A . 
F 5 HOH 45  117 117 HOH HOH A . 
F 5 HOH 46  118 118 HOH HOH A . 
F 5 HOH 47  119 119 HOH HOH A . 
F 5 HOH 48  120 120 HOH HOH A . 
F 5 HOH 49  121 121 HOH HOH A . 
F 5 HOH 50  122 122 HOH HOH A . 
F 5 HOH 51  123 123 HOH HOH A . 
F 5 HOH 52  124 124 HOH HOH A . 
F 5 HOH 53  125 125 HOH HOH A . 
F 5 HOH 54  126 126 HOH HOH A . 
F 5 HOH 55  127 127 HOH HOH A . 
F 5 HOH 56  128 128 HOH HOH A . 
F 5 HOH 57  129 129 HOH HOH A . 
F 5 HOH 58  130 130 HOH HOH A . 
F 5 HOH 59  131 131 HOH HOH A . 
F 5 HOH 60  132 132 HOH HOH A . 
F 5 HOH 61  133 133 HOH HOH A . 
F 5 HOH 62  134 134 HOH HOH A . 
F 5 HOH 63  135 135 HOH HOH A . 
F 5 HOH 64  136 136 HOH HOH A . 
F 5 HOH 65  137 137 HOH HOH A . 
F 5 HOH 66  138 138 HOH HOH A . 
F 5 HOH 67  139 139 HOH HOH A . 
F 5 HOH 68  140 140 HOH HOH A . 
F 5 HOH 69  141 141 HOH HOH A . 
F 5 HOH 70  142 142 HOH HOH A . 
F 5 HOH 71  143 143 HOH HOH A . 
F 5 HOH 72  144 144 HOH HOH A . 
F 5 HOH 73  145 145 HOH HOH A . 
F 5 HOH 74  146 146 HOH HOH A . 
F 5 HOH 75  147 147 HOH HOH A . 
F 5 HOH 76  148 148 HOH HOH A . 
F 5 HOH 77  149 149 HOH HOH A . 
F 5 HOH 78  150 150 HOH HOH A . 
F 5 HOH 79  151 151 HOH HOH A . 
F 5 HOH 80  152 152 HOH HOH A . 
F 5 HOH 81  153 153 HOH HOH A . 
F 5 HOH 82  154 154 HOH HOH A . 
F 5 HOH 83  155 155 HOH HOH A . 
F 5 HOH 84  156 156 HOH HOH A . 
F 5 HOH 85  157 157 HOH HOH A . 
F 5 HOH 86  158 158 HOH HOH A . 
F 5 HOH 87  159 159 HOH HOH A . 
F 5 HOH 88  160 160 HOH HOH A . 
F 5 HOH 89  161 161 HOH HOH A . 
F 5 HOH 90  162 162 HOH HOH A . 
F 5 HOH 91  163 163 HOH HOH A . 
F 5 HOH 92  164 164 HOH HOH A . 
F 5 HOH 93  165 165 HOH HOH A . 
F 5 HOH 94  166 166 HOH HOH A . 
F 5 HOH 95  167 167 HOH HOH A . 
F 5 HOH 96  168 168 HOH HOH A . 
F 5 HOH 97  169 169 HOH HOH A . 
F 5 HOH 98  170 170 HOH HOH A . 
F 5 HOH 99  171 171 HOH HOH A . 
F 5 HOH 100 172 172 HOH HOH A . 
F 5 HOH 101 173 173 HOH HOH A . 
F 5 HOH 102 174 174 HOH HOH A . 
F 5 HOH 103 175 175 HOH HOH A . 
F 5 HOH 104 176 176 HOH HOH A . 
F 5 HOH 105 177 177 HOH HOH A . 
F 5 HOH 106 178 178 HOH HOH A . 
F 5 HOH 107 179 179 HOH HOH A . 
# 
loop_
_software.name 
_software.classification 
_software.version 
_software.citation_id 
_software.pdbx_ordinal 
MAR345dtb 'data collection' .                          ? 1 
SHELX     'model building'  '(anomalous dataset)'      ? 2 
ARP/wARP  'model building'  .                          ? 3 
PHENIX    refinement        '(phenix.refine: 1.6_289)' ? 4 
XDS       'data reduction'  .                          ? 5 
XSCALE    'data scaling'    .                          ? 6 
SHELX     phasing           '(anomalous dataset)'      ? 7 
# 
_cell.entry_id           3PP5 
_cell.length_a           39.140 
_cell.length_b           39.140 
_cell.length_c           118.190 
_cell.angle_alpha        90.00 
_cell.angle_beta         90.00 
_cell.angle_gamma        120.00 
_cell.Z_PDB              6 
_cell.pdbx_unique_axis   ? 
_cell.length_a_esd       ? 
_cell.length_b_esd       ? 
_cell.length_c_esd       ? 
_cell.angle_alpha_esd    ? 
_cell.angle_beta_esd     ? 
_cell.angle_gamma_esd    ? 
# 
_symmetry.entry_id                         3PP5 
_symmetry.space_group_name_H-M             'P 63' 
_symmetry.pdbx_full_space_group_name_H-M   ? 
_symmetry.cell_setting                     ? 
_symmetry.Int_Tables_number                173 
_symmetry.space_group_name_Hall            ? 
# 
_exptl.entry_id          3PP5 
_exptl.method            'X-RAY DIFFRACTION' 
_exptl.crystals_number   2 
# 
_exptl_crystal.id                    1 
_exptl_crystal.density_meas          ? 
_exptl_crystal.density_Matthews      3.03 
_exptl_crystal.density_percent_sol   59.43 
_exptl_crystal.description           ? 
_exptl_crystal.F_000                 ? 
_exptl_crystal.preparation           ? 
# 
_exptl_crystal_grow.crystal_id      1 
_exptl_crystal_grow.method          'VAPOR DIFFUSION, HANGING DROP' 
_exptl_crystal_grow.temp            293 
_exptl_crystal_grow.temp_details    ? 
_exptl_crystal_grow.pH              7.3 
_exptl_crystal_grow.pdbx_details    '40% (v/v) MPD, 0.2 M CaCl2, pH 7.3, VAPOR DIFFUSION, HANGING DROP, temperature 293K' 
_exptl_crystal_grow.pdbx_pH_range   ? 
# 
loop_
_diffrn.id 
_diffrn.ambient_temp 
_diffrn.ambient_temp_details 
_diffrn.crystal_id 
1 100 ? 1 
2 100 ? 1 
# 
loop_
_diffrn_detector.diffrn_id 
_diffrn_detector.detector 
_diffrn_detector.type 
_diffrn_detector.pdbx_collection_date 
_diffrn_detector.details 
1 CCD 'MARMOSAIC 225 mm CCD' 2009-08-15 ? 
2 CCD 'MARMOSAIC 225 mm CCD' 2009-07-10 ? 
# 
loop_
_diffrn_radiation.diffrn_id 
_diffrn_radiation.wavelength_id 
_diffrn_radiation.pdbx_monochromatic_or_laue_m_l 
_diffrn_radiation.monochromator 
_diffrn_radiation.pdbx_diffrn_protocol 
_diffrn_radiation.pdbx_scattering_type 
1 1 M 'Bartels Monochromator (Si 111)' 'SINGLE WAVELENGTH' x-ray 
2 1 M 'Silicon 111 crystal'            'SINGLE WAVELENGTH' x-ray 
# 
loop_
_diffrn_radiation_wavelength.id 
_diffrn_radiation_wavelength.wavelength 
_diffrn_radiation_wavelength.wt 
1 1.0722 1.0 
2 0.8726 1.0 
# 
loop_
_diffrn_source.diffrn_id 
_diffrn_source.source 
_diffrn_source.type 
_diffrn_source.pdbx_synchrotron_site 
_diffrn_source.pdbx_synchrotron_beamline 
_diffrn_source.pdbx_wavelength 
_diffrn_source.pdbx_wavelength_list 
1 SYNCHROTRON 'SLS BEAMLINE X06DA'   SLS  X06DA  ? 1.0722 
2 SYNCHROTRON 'ESRF BEAMLINE ID23-2' ESRF ID23-2 ? 0.8726 
# 
_reflns.entry_id                     3PP5 
_reflns.observed_criterion_sigma_I   -3 
_reflns.observed_criterion_sigma_F   ? 
_reflns.d_resolution_low             20 
_reflns.d_resolution_high            1.5 
_reflns.number_obs                   16181 
_reflns.number_all                   16414 
_reflns.percent_possible_obs         98.6 
_reflns.pdbx_Rmerge_I_obs            ? 
_reflns.pdbx_Rsym_value              0.05 
_reflns.pdbx_netI_over_sigmaI        30.4 
_reflns.B_iso_Wilson_estimate        22.7 
_reflns.pdbx_redundancy              12.5 
_reflns.R_free_details               ? 
_reflns.limit_h_max                  ? 
_reflns.limit_h_min                  ? 
_reflns.limit_k_max                  ? 
_reflns.limit_k_min                  ? 
_reflns.limit_l_max                  ? 
_reflns.limit_l_min                  ? 
_reflns.observed_criterion_F_max     ? 
_reflns.observed_criterion_F_min     ? 
_reflns.pdbx_chi_squared             ? 
_reflns.pdbx_scaling_rejects         ? 
_reflns.pdbx_ordinal                 1 
_reflns.pdbx_diffrn_id               1,2 
# 
_reflns_shell.d_res_high             1.5 
_reflns_shell.d_res_low              1.54 
_reflns_shell.percent_possible_all   97.4 
_reflns_shell.Rmerge_I_obs           ? 
_reflns_shell.pdbx_Rsym_value        0.27 
_reflns_shell.meanI_over_sigI_obs    8.95 
_reflns_shell.pdbx_redundancy        12.09 
_reflns_shell.percent_possible_obs   ? 
_reflns_shell.number_unique_all      ? 
_reflns_shell.number_measured_all    ? 
_reflns_shell.number_measured_obs    ? 
_reflns_shell.number_unique_obs      ? 
_reflns_shell.pdbx_chi_squared       ? 
_reflns_shell.pdbx_ordinal           1 
_reflns_shell.pdbx_diffrn_id         1,2 
# 
_refine.entry_id                                 3PP5 
_refine.ls_number_reflns_obs                     16144 
_refine.ls_number_reflns_all                     16414 
_refine.pdbx_ls_sigma_I                          ? 
_refine.pdbx_ls_sigma_F                          2.04 
_refine.pdbx_data_cutoff_high_absF               ? 
_refine.pdbx_data_cutoff_low_absF                ? 
_refine.pdbx_data_cutoff_high_rms_absF           ? 
_refine.ls_d_res_low                             19.389 
_refine.ls_d_res_high                            1.500 
_refine.ls_percent_reflns_obs                    98.65 
_refine.ls_R_factor_obs                          0.1601 
_refine.ls_R_factor_all                          ? 
_refine.ls_R_factor_R_work                       0.1589 
_refine.ls_R_factor_R_free                       0.1817 
_refine.ls_R_factor_R_free_error                 ? 
_refine.ls_R_factor_R_free_error_details         ? 
_refine.ls_percent_reflns_R_free                 4.99 
_refine.ls_number_reflns_R_free                  806 
_refine.ls_number_parameters                     ? 
_refine.ls_number_restraints                     ? 
_refine.occupancy_min                            ? 
_refine.occupancy_max                            ? 
_refine.correlation_coeff_Fo_to_Fc               ? 
_refine.correlation_coeff_Fo_to_Fc_free          ? 
_refine.B_iso_mean                               ? 
_refine.aniso_B[1][1]                            2.4388 
_refine.aniso_B[2][2]                            2.4388 
_refine.aniso_B[3][3]                            -4.8777 
_refine.aniso_B[1][2]                            -0.0000 
_refine.aniso_B[1][3]                            -0.0000 
_refine.aniso_B[2][3]                            -0.0000 
_refine.solvent_model_details                    'FLAT BULK SOLVENT MODEL' 
_refine.solvent_model_param_ksol                 0.384 
_refine.solvent_model_param_bsol                 64.614 
_refine.pdbx_solvent_vdw_probe_radii             1.11 
_refine.pdbx_solvent_ion_probe_radii             ? 
_refine.pdbx_solvent_shrinkage_radii             0.90 
_refine.pdbx_ls_cross_valid_method               ? 
_refine.details                                  ? 
_refine.pdbx_starting_model                      ? 
_refine.pdbx_method_to_determine_struct          'SAD, MOLECULAR REPLACEMENT' 
_refine.pdbx_isotropic_thermal_model             ? 
_refine.pdbx_stereochemistry_target_values       'Engh & Huber' 
_refine.pdbx_stereochem_target_val_spec_case     ? 
_refine.pdbx_R_Free_selection_details            random 
_refine.pdbx_overall_ESU_R_Free                  ? 
_refine.overall_SU_ML                            0.14 
_refine.overall_SU_B                             ? 
_refine.overall_SU_R_Cruickshank_DPI             ? 
_refine.ls_redundancy_reflns_obs                 ? 
_refine.B_iso_min                                ? 
_refine.B_iso_max                                ? 
_refine.overall_SU_R_free                        ? 
_refine.ls_wR_factor_R_free                      ? 
_refine.ls_wR_factor_R_work                      ? 
_refine.overall_FOM_free_R_set                   ? 
_refine.overall_FOM_work_R_set                   ? 
_refine.pdbx_overall_phase_error                 ? 
_refine.pdbx_refine_id                           'X-RAY DIFFRACTION' 
_refine.pdbx_diffrn_id                           1,2 
_refine.pdbx_overall_ESU_R                       ? 
_refine.pdbx_TLS_residual_ADP_flag               ? 
_refine.pdbx_overall_SU_R_free_Cruickshank_DPI   ? 
_refine.pdbx_overall_SU_R_Blow_DPI               ? 
_refine.pdbx_overall_SU_R_free_Blow_DPI          ? 
# 
_refine_hist.pdbx_refine_id                   'X-RAY DIFFRACTION' 
_refine_hist.cycle_id                         LAST 
_refine_hist.pdbx_number_atoms_protein        536 
_refine_hist.pdbx_number_atoms_nucleic_acid   0 
_refine_hist.pdbx_number_atoms_ligand         18 
_refine_hist.number_atoms_solvent             107 
_refine_hist.number_atoms_total               661 
_refine_hist.d_res_high                       1.500 
_refine_hist.d_res_low                        19.389 
# 
loop_
_refine_ls_restr.type 
_refine_ls_restr.dev_ideal 
_refine_ls_restr.dev_ideal_target 
_refine_ls_restr.weight 
_refine_ls_restr.number 
_refine_ls_restr.pdbx_refine_id 
_refine_ls_restr.pdbx_restraint_function 
f_bond_d           0.013  ? ? 621 'X-RAY DIFFRACTION' ? 
f_angle_d          1.245  ? ? 843 'X-RAY DIFFRACTION' ? 
f_dihedral_angle_d 15.787 ? ? 248 'X-RAY DIFFRACTION' ? 
f_chiral_restr     0.074  ? ? 94  'X-RAY DIFFRACTION' ? 
f_plane_restr      0.005  ? ? 108 'X-RAY DIFFRACTION' ? 
# 
loop_
_refine_ls_shell.pdbx_total_number_of_bins_used 
_refine_ls_shell.d_res_high 
_refine_ls_shell.d_res_low 
_refine_ls_shell.number_reflns_R_work 
_refine_ls_shell.R_factor_R_work 
_refine_ls_shell.percent_reflns_obs 
_refine_ls_shell.R_factor_R_free 
_refine_ls_shell.R_factor_R_free_error 
_refine_ls_shell.percent_reflns_R_free 
_refine_ls_shell.number_reflns_R_free 
_refine_ls_shell.number_reflns_all 
_refine_ls_shell.R_factor_all 
_refine_ls_shell.number_reflns_obs 
_refine_ls_shell.redundancy_reflns_obs 
_refine_ls_shell.pdbx_refine_id 
. 1.5001 1.5940  2504 0.1567 98.00 0.1673 . . 131 . . . . 'X-RAY DIFFRACTION' 
. 1.5940 1.7170  2559 0.1510 99.00 0.1746 . . 135 . . . . 'X-RAY DIFFRACTION' 
. 1.7170 1.8897  2575 0.1618 99.00 0.1838 . . 135 . . . . 'X-RAY DIFFRACTION' 
. 1.8897 2.1628  2568 0.1424 99.00 0.1941 . . 135 . . . . 'X-RAY DIFFRACTION' 
. 2.1628 2.7237  2582 0.1461 99.00 0.1694 . . 136 . . . . 'X-RAY DIFFRACTION' 
. 2.7237 19.3906 2550 0.1663 97.00 0.1805 . . 134 . . . . 'X-RAY DIFFRACTION' 
# 
_struct.entry_id                  3PP5 
_struct.title                     'High-resolution structure of the trimeric Scar/WAVE complex precursor Brk1' 
_struct.pdbx_model_details        ? 
_struct.pdbx_CASP_flag            ? 
_struct.pdbx_model_type_details   ? 
# 
_struct_keywords.entry_id        3PP5 
_struct_keywords.pdbx_keywords   'STRUCTURAL PROTEIN' 
_struct_keywords.text            'triple coiled-coil, precursor of the Scar-WAVE complex, Abi, Scar, STRUCTURAL PROTEIN' 
# 
loop_
_struct_asym.id 
_struct_asym.pdbx_blank_PDB_chainid_flag 
_struct_asym.pdbx_modified 
_struct_asym.entity_id 
_struct_asym.details 
A N N 1 ? 
B N N 2 ? 
C N N 3 ? 
D N N 4 ? 
E N N 4 ? 
F N N 5 ? 
# 
_struct_ref.id                         1 
_struct_ref.db_name                    UNP 
_struct_ref.db_code                    BRK1_DICDI 
_struct_ref.pdbx_db_accession          Q54X65 
_struct_ref.entity_id                  1 
_struct_ref.pdbx_seq_one_letter_code   MSTKTNIQKDWEQREFIEDMSINIQKIVEFLNKFELSTRNKLSDLNEKLTILDRQVDYLEATFKTVQE 
_struct_ref.pdbx_align_begin           1 
_struct_ref.pdbx_db_isoform            ? 
# 
_struct_ref_seq.align_id                      1 
_struct_ref_seq.ref_id                        1 
_struct_ref_seq.pdbx_PDB_id_code              3PP5 
_struct_ref_seq.pdbx_strand_id                A 
_struct_ref_seq.seq_align_beg                 6 
_struct_ref_seq.pdbx_seq_align_beg_ins_code   ? 
_struct_ref_seq.seq_align_end                 73 
_struct_ref_seq.pdbx_seq_align_end_ins_code   ? 
_struct_ref_seq.pdbx_db_accession             Q54X65 
_struct_ref_seq.db_align_beg                  1 
_struct_ref_seq.pdbx_db_align_beg_ins_code    ? 
_struct_ref_seq.db_align_end                  68 
_struct_ref_seq.pdbx_db_align_end_ins_code    ? 
_struct_ref_seq.pdbx_auth_seq_align_beg       1 
_struct_ref_seq.pdbx_auth_seq_align_end       68 
# 
loop_
_struct_ref_seq_dif.align_id 
_struct_ref_seq_dif.pdbx_pdb_id_code 
_struct_ref_seq_dif.mon_id 
_struct_ref_seq_dif.pdbx_pdb_strand_id 
_struct_ref_seq_dif.seq_num 
_struct_ref_seq_dif.pdbx_pdb_ins_code 
_struct_ref_seq_dif.pdbx_seq_db_name 
_struct_ref_seq_dif.pdbx_seq_db_accession_code 
_struct_ref_seq_dif.db_mon_id 
_struct_ref_seq_dif.pdbx_seq_db_seq_num 
_struct_ref_seq_dif.details 
_struct_ref_seq_dif.pdbx_auth_seq_num 
_struct_ref_seq_dif.pdbx_ordinal 
1 3PP5 GLY A 1 ? UNP Q54X65 ? ? 'expression tag' -4 1 
1 3PP5 PRO A 2 ? UNP Q54X65 ? ? 'expression tag' -3 2 
1 3PP5 LEU A 3 ? UNP Q54X65 ? ? 'expression tag' -2 3 
1 3PP5 GLY A 4 ? UNP Q54X65 ? ? 'expression tag' -1 4 
1 3PP5 SER A 5 ? UNP Q54X65 ? ? 'expression tag' 0  5 
# 
_pdbx_struct_assembly.id                   1 
_pdbx_struct_assembly.details              author_and_software_defined_assembly 
_pdbx_struct_assembly.method_details       PISA 
_pdbx_struct_assembly.oligomeric_details   trimeric 
_pdbx_struct_assembly.oligomeric_count     3 
# 
loop_
_pdbx_struct_assembly_prop.biol_id 
_pdbx_struct_assembly_prop.type 
_pdbx_struct_assembly_prop.value 
_pdbx_struct_assembly_prop.details 
1 'ABSA (A^2)' 8200  ? 
1 MORE         -179  ? 
1 'SSA (A^2)'  13130 ? 
# 
_pdbx_struct_assembly_gen.assembly_id       1 
_pdbx_struct_assembly_gen.oper_expression   1,2,3 
_pdbx_struct_assembly_gen.asym_id_list      A,B,C,D,E,F 
# 
loop_
_pdbx_struct_oper_list.id 
_pdbx_struct_oper_list.type 
_pdbx_struct_oper_list.name 
_pdbx_struct_oper_list.symmetry_operation 
_pdbx_struct_oper_list.matrix[1][1] 
_pdbx_struct_oper_list.matrix[1][2] 
_pdbx_struct_oper_list.matrix[1][3] 
_pdbx_struct_oper_list.vector[1] 
_pdbx_struct_oper_list.matrix[2][1] 
_pdbx_struct_oper_list.matrix[2][2] 
_pdbx_struct_oper_list.matrix[2][3] 
_pdbx_struct_oper_list.vector[2] 
_pdbx_struct_oper_list.matrix[3][1] 
_pdbx_struct_oper_list.matrix[3][2] 
_pdbx_struct_oper_list.matrix[3][3] 
_pdbx_struct_oper_list.vector[3] 
1 'identity operation'         1_555 x,y,z       1.0000000000  0.0000000000  0.0000000000 0.0000000000  0.0000000000  1.0000000000  0.0000000000  0.0000000000  0.0000000000 0.0000000000  1.0000000000 0.0000000000 
2 'crystal symmetry operation' 2_545 -y,x-y-1,z  -0.2595473565 0.8886870172  0.3779822154 -3.9545187823 -0.6655077317 -0.4482133022 0.5968285305  -6.8922502219 0.6998104235 -0.0966448194 0.7077606587 3.1916681803 
3 'crystal symmetry operation' 3_655 -x+y+1,-x,z -0.2595473565 -0.6655077317 0.6998104235 -7.8467933687 0.8886870172  -0.4482133022 -0.0966448194 0.7335894640  0.3779822154 0.5968285305  0.7077606587 3.3492921683 
# 
_struct_biol.id        1 
_struct_biol.details   ? 
# 
_struct_conf.conf_type_id            HELX_P 
_struct_conf.id                      HELX_P1 
_struct_conf.pdbx_PDB_helix_id       1 
_struct_conf.beg_label_comp_id       THR 
_struct_conf.beg_label_asym_id       A 
_struct_conf.beg_label_seq_id        10 
_struct_conf.pdbx_beg_PDB_ins_code   ? 
_struct_conf.end_label_comp_id       THR 
_struct_conf.end_label_asym_id       A 
_struct_conf.end_label_seq_id        70 
_struct_conf.pdbx_end_PDB_ins_code   ? 
_struct_conf.beg_auth_comp_id        THR 
_struct_conf.beg_auth_asym_id        A 
_struct_conf.beg_auth_seq_id         5 
_struct_conf.end_auth_comp_id        THR 
_struct_conf.end_auth_asym_id        A 
_struct_conf.end_auth_seq_id         65 
_struct_conf.pdbx_PDB_helix_class    1 
_struct_conf.details                 ? 
_struct_conf.pdbx_PDB_helix_length   61 
# 
_struct_conf_type.id          HELX_P 
_struct_conf_type.criteria    ? 
_struct_conf_type.reference   ? 
# 
loop_
_struct_site.id 
_struct_site.pdbx_evidence_code 
_struct_site.pdbx_auth_asym_id 
_struct_site.pdbx_auth_comp_id 
_struct_site.pdbx_auth_seq_id 
_struct_site.pdbx_auth_ins_code 
_struct_site.pdbx_num_residues 
_struct_site.details 
AC1 Software A MPD 69 ? 5 'BINDING SITE FOR RESIDUE MPD A 69' 
AC2 Software A MRD 70 ? 3 'BINDING SITE FOR RESIDUE MRD A 70' 
AC3 Software A CA  71 ? 6 'BINDING SITE FOR RESIDUE CA A 71'  
AC4 Software A CA  72 ? 6 'BINDING SITE FOR RESIDUE CA A 72'  
# 
loop_
_struct_site_gen.id 
_struct_site_gen.site_id 
_struct_site_gen.pdbx_num_res 
_struct_site_gen.label_comp_id 
_struct_site_gen.label_asym_id 
_struct_site_gen.label_seq_id 
_struct_site_gen.pdbx_auth_ins_code 
_struct_site_gen.auth_comp_id 
_struct_site_gen.auth_asym_id 
_struct_site_gen.auth_seq_id 
_struct_site_gen.label_atom_id 
_struct_site_gen.label_alt_id 
_struct_site_gen.symmetry 
_struct_site_gen.details 
1  AC1 5 TRP A 16 ? TRP A 11  . ? 4_654 ? 
2  AC1 5 LYS A 53 ? LYS A 48  . ? 1_555 ? 
3  AC1 5 ASP A 58 ? ASP A 53  . ? 3_655 ? 
4  AC1 5 HOH F .  ? HOH A 79  . ? 1_555 ? 
5  AC1 5 HOH F .  ? HOH A 126 . ? 4_654 ? 
6  AC2 3 PHE A 35 ? PHE A 30  . ? 1_555 ? 
7  AC2 3 ASN A 37 ? ASN A 32  . ? 3_655 ? 
8  AC2 3 HOH F .  ? HOH A 106 . ? 1_555 ? 
9  AC3 6 GLU A 20 ? GLU A 15  . ? 1_555 ? 
10 AC3 6 GLU A 23 ? GLU A 18  . ? 1_555 ? 
11 AC3 6 ASP A 62 ? ASP A 57  . ? 6_555 ? 
12 AC3 6 HOH F .  ? HOH A 87  . ? 6_555 ? 
13 AC3 6 HOH F .  ? HOH A 98  . ? 6_555 ? 
14 AC3 6 HOH F .  ? HOH A 114 . ? 1_555 ? 
15 AC4 6 GLU A 20 ? GLU A 15  . ? 1_555 ? 
16 AC4 6 GLU A 23 ? GLU A 18  . ? 1_555 ? 
17 AC4 6 ASP A 62 ? ASP A 57  . ? 6_555 ? 
18 AC4 6 GLU A 65 ? GLU A 60  . ? 6_555 ? 
19 AC4 6 HOH F .  ? HOH A 84  . ? 6_555 ? 
20 AC4 6 HOH F .  ? HOH A 86  . ? 6_555 ? 
# 
_pdbx_validate_close_contact.id               1 
_pdbx_validate_close_contact.PDB_model_num    1 
_pdbx_validate_close_contact.auth_atom_id_1   OD1 
_pdbx_validate_close_contact.auth_asym_id_1   A 
_pdbx_validate_close_contact.auth_comp_id_1   ASN 
_pdbx_validate_close_contact.auth_seq_id_1    46 
_pdbx_validate_close_contact.PDB_ins_code_1   ? 
_pdbx_validate_close_contact.label_alt_id_1   B 
_pdbx_validate_close_contact.auth_atom_id_2   O 
_pdbx_validate_close_contact.auth_asym_id_2   A 
_pdbx_validate_close_contact.auth_comp_id_2   HOH 
_pdbx_validate_close_contact.auth_seq_id_2    110 
_pdbx_validate_close_contact.PDB_ins_code_2   ? 
_pdbx_validate_close_contact.label_alt_id_2   ? 
_pdbx_validate_close_contact.dist             2.06 
# 
_pdbx_refine_tls.pdbx_refine_id   'X-RAY DIFFRACTION' 
_pdbx_refine_tls.id               1 
_pdbx_refine_tls.details          ? 
_pdbx_refine_tls.method           refined 
_pdbx_refine_tls.origin_x         -0.4506 
_pdbx_refine_tls.origin_y         0.2882 
_pdbx_refine_tls.origin_z         -1.7789 
_pdbx_refine_tls.T[1][1]          0.0766 
_pdbx_refine_tls.T[2][2]          0.0732 
_pdbx_refine_tls.T[3][3]          0.0765 
_pdbx_refine_tls.T[1][2]          -0.0037 
_pdbx_refine_tls.T[1][3]          0.0022 
_pdbx_refine_tls.T[2][3]          0.0082 
_pdbx_refine_tls.L[1][1]          -0.2279 
_pdbx_refine_tls.L[2][2]          0.0364 
_pdbx_refine_tls.L[3][3]          0.6617 
_pdbx_refine_tls.L[1][2]          -0.0004 
_pdbx_refine_tls.L[1][3]          -0.2120 
_pdbx_refine_tls.L[2][3]          -0.1133 
_pdbx_refine_tls.S[1][1]          0.0043 
_pdbx_refine_tls.S[1][2]          0.0456 
_pdbx_refine_tls.S[1][3]          0.0246 
_pdbx_refine_tls.S[2][1]          0.0123 
_pdbx_refine_tls.S[2][2]          0.0466 
_pdbx_refine_tls.S[2][3]          -0.0056 
_pdbx_refine_tls.S[3][1]          -0.0346 
_pdbx_refine_tls.S[3][2]          0.0385 
_pdbx_refine_tls.S[3][3]          -0.0015 
# 
_pdbx_refine_tls_group.pdbx_refine_id      'X-RAY DIFFRACTION' 
_pdbx_refine_tls_group.id                  1 
_pdbx_refine_tls_group.refine_tls_id       1 
_pdbx_refine_tls_group.beg_auth_asym_id    ? 
_pdbx_refine_tls_group.beg_auth_seq_id     ? 
_pdbx_refine_tls_group.beg_label_asym_id   ? 
_pdbx_refine_tls_group.beg_label_seq_id    ? 
_pdbx_refine_tls_group.end_auth_asym_id    ? 
_pdbx_refine_tls_group.end_auth_seq_id     ? 
_pdbx_refine_tls_group.end_label_asym_id   ? 
_pdbx_refine_tls_group.end_label_seq_id    ? 
_pdbx_refine_tls_group.selection           ? 
_pdbx_refine_tls_group.selection_details   All 
# 
loop_
_pdbx_unobs_or_zero_occ_residues.id 
_pdbx_unobs_or_zero_occ_residues.PDB_model_num 
_pdbx_unobs_or_zero_occ_residues.polymer_flag 
_pdbx_unobs_or_zero_occ_residues.occupancy_flag 
_pdbx_unobs_or_zero_occ_residues.auth_asym_id 
_pdbx_unobs_or_zero_occ_residues.auth_comp_id 
_pdbx_unobs_or_zero_occ_residues.auth_seq_id 
_pdbx_unobs_or_zero_occ_residues.PDB_ins_code 
_pdbx_unobs_or_zero_occ_residues.label_asym_id 
_pdbx_unobs_or_zero_occ_residues.label_comp_id 
_pdbx_unobs_or_zero_occ_residues.label_seq_id 
1  1 Y 1 A GLY -4 ? A GLY 1  
2  1 Y 1 A PRO -3 ? A PRO 2  
3  1 Y 1 A LEU -2 ? A LEU 3  
4  1 Y 1 A GLY -1 ? A GLY 4  
5  1 Y 1 A SER 0  ? A SER 5  
6  1 Y 1 A MET 1  ? A MET 6  
7  1 Y 1 A SER 2  ? A SER 7  
8  1 Y 1 A VAL 66 ? A VAL 71 
9  1 Y 1 A GLN 67 ? A GLN 72 
10 1 Y 1 A GLU 68 ? A GLU 73 
# 
loop_
_chem_comp_atom.comp_id 
_chem_comp_atom.atom_id 
_chem_comp_atom.type_symbol 
_chem_comp_atom.pdbx_aromatic_flag 
_chem_comp_atom.pdbx_stereo_config 
_chem_comp_atom.pdbx_ordinal 
ALA N    N  N N 1   
ALA CA   C  N S 2   
ALA C    C  N N 3   
ALA O    O  N N 4   
ALA CB   C  N N 5   
ALA OXT  O  N N 6   
ALA H    H  N N 7   
ALA H2   H  N N 8   
ALA HA   H  N N 9   
ALA HB1  H  N N 10  
ALA HB2  H  N N 11  
ALA HB3  H  N N 12  
ALA HXT  H  N N 13  
ARG N    N  N N 14  
ARG CA   C  N S 15  
ARG C    C  N N 16  
ARG O    O  N N 17  
ARG CB   C  N N 18  
ARG CG   C  N N 19  
ARG CD   C  N N 20  
ARG NE   N  N N 21  
ARG CZ   C  N N 22  
ARG NH1  N  N N 23  
ARG NH2  N  N N 24  
ARG OXT  O  N N 25  
ARG H    H  N N 26  
ARG H2   H  N N 27  
ARG HA   H  N N 28  
ARG HB2  H  N N 29  
ARG HB3  H  N N 30  
ARG HG2  H  N N 31  
ARG HG3  H  N N 32  
ARG HD2  H  N N 33  
ARG HD3  H  N N 34  
ARG HE   H  N N 35  
ARG HH11 H  N N 36  
ARG HH12 H  N N 37  
ARG HH21 H  N N 38  
ARG HH22 H  N N 39  
ARG HXT  H  N N 40  
ASN N    N  N N 41  
ASN CA   C  N S 42  
ASN C    C  N N 43  
ASN O    O  N N 44  
ASN CB   C  N N 45  
ASN CG   C  N N 46  
ASN OD1  O  N N 47  
ASN ND2  N  N N 48  
ASN OXT  O  N N 49  
ASN H    H  N N 50  
ASN H2   H  N N 51  
ASN HA   H  N N 52  
ASN HB2  H  N N 53  
ASN HB3  H  N N 54  
ASN HD21 H  N N 55  
ASN HD22 H  N N 56  
ASN HXT  H  N N 57  
ASP N    N  N N 58  
ASP CA   C  N S 59  
ASP C    C  N N 60  
ASP O    O  N N 61  
ASP CB   C  N N 62  
ASP CG   C  N N 63  
ASP OD1  O  N N 64  
ASP OD2  O  N N 65  
ASP OXT  O  N N 66  
ASP H    H  N N 67  
ASP H2   H  N N 68  
ASP HA   H  N N 69  
ASP HB2  H  N N 70  
ASP HB3  H  N N 71  
ASP HD2  H  N N 72  
ASP HXT  H  N N 73  
CA  CA   CA N N 74  
GLN N    N  N N 75  
GLN CA   C  N S 76  
GLN C    C  N N 77  
GLN O    O  N N 78  
GLN CB   C  N N 79  
GLN CG   C  N N 80  
GLN CD   C  N N 81  
GLN OE1  O  N N 82  
GLN NE2  N  N N 83  
GLN OXT  O  N N 84  
GLN H    H  N N 85  
GLN H2   H  N N 86  
GLN HA   H  N N 87  
GLN HB2  H  N N 88  
GLN HB3  H  N N 89  
GLN HG2  H  N N 90  
GLN HG3  H  N N 91  
GLN HE21 H  N N 92  
GLN HE22 H  N N 93  
GLN HXT  H  N N 94  
GLU N    N  N N 95  
GLU CA   C  N S 96  
GLU C    C  N N 97  
GLU O    O  N N 98  
GLU CB   C  N N 99  
GLU CG   C  N N 100 
GLU CD   C  N N 101 
GLU OE1  O  N N 102 
GLU OE2  O  N N 103 
GLU OXT  O  N N 104 
GLU H    H  N N 105 
GLU H2   H  N N 106 
GLU HA   H  N N 107 
GLU HB2  H  N N 108 
GLU HB3  H  N N 109 
GLU HG2  H  N N 110 
GLU HG3  H  N N 111 
GLU HE2  H  N N 112 
GLU HXT  H  N N 113 
GLY N    N  N N 114 
GLY CA   C  N N 115 
GLY C    C  N N 116 
GLY O    O  N N 117 
GLY OXT  O  N N 118 
GLY H    H  N N 119 
GLY H2   H  N N 120 
GLY HA2  H  N N 121 
GLY HA3  H  N N 122 
GLY HXT  H  N N 123 
HOH O    O  N N 124 
HOH H1   H  N N 125 
HOH H2   H  N N 126 
ILE N    N  N N 127 
ILE CA   C  N S 128 
ILE C    C  N N 129 
ILE O    O  N N 130 
ILE CB   C  N S 131 
ILE CG1  C  N N 132 
ILE CG2  C  N N 133 
ILE CD1  C  N N 134 
ILE OXT  O  N N 135 
ILE H    H  N N 136 
ILE H2   H  N N 137 
ILE HA   H  N N 138 
ILE HB   H  N N 139 
ILE HG12 H  N N 140 
ILE HG13 H  N N 141 
ILE HG21 H  N N 142 
ILE HG22 H  N N 143 
ILE HG23 H  N N 144 
ILE HD11 H  N N 145 
ILE HD12 H  N N 146 
ILE HD13 H  N N 147 
ILE HXT  H  N N 148 
LEU N    N  N N 149 
LEU CA   C  N S 150 
LEU C    C  N N 151 
LEU O    O  N N 152 
LEU CB   C  N N 153 
LEU CG   C  N N 154 
LEU CD1  C  N N 155 
LEU CD2  C  N N 156 
LEU OXT  O  N N 157 
LEU H    H  N N 158 
LEU H2   H  N N 159 
LEU HA   H  N N 160 
LEU HB2  H  N N 161 
LEU HB3  H  N N 162 
LEU HG   H  N N 163 
LEU HD11 H  N N 164 
LEU HD12 H  N N 165 
LEU HD13 H  N N 166 
LEU HD21 H  N N 167 
LEU HD22 H  N N 168 
LEU HD23 H  N N 169 
LEU HXT  H  N N 170 
LYS N    N  N N 171 
LYS CA   C  N S 172 
LYS C    C  N N 173 
LYS O    O  N N 174 
LYS CB   C  N N 175 
LYS CG   C  N N 176 
LYS CD   C  N N 177 
LYS CE   C  N N 178 
LYS NZ   N  N N 179 
LYS OXT  O  N N 180 
LYS H    H  N N 181 
LYS H2   H  N N 182 
LYS HA   H  N N 183 
LYS HB2  H  N N 184 
LYS HB3  H  N N 185 
LYS HG2  H  N N 186 
LYS HG3  H  N N 187 
LYS HD2  H  N N 188 
LYS HD3  H  N N 189 
LYS HE2  H  N N 190 
LYS HE3  H  N N 191 
LYS HZ1  H  N N 192 
LYS HZ2  H  N N 193 
LYS HZ3  H  N N 194 
LYS HXT  H  N N 195 
MET N    N  N N 196 
MET CA   C  N S 197 
MET C    C  N N 198 
MET O    O  N N 199 
MET CB   C  N N 200 
MET CG   C  N N 201 
MET SD   S  N N 202 
MET CE   C  N N 203 
MET OXT  O  N N 204 
MET H    H  N N 205 
MET H2   H  N N 206 
MET HA   H  N N 207 
MET HB2  H  N N 208 
MET HB3  H  N N 209 
MET HG2  H  N N 210 
MET HG3  H  N N 211 
MET HE1  H  N N 212 
MET HE2  H  N N 213 
MET HE3  H  N N 214 
MET HXT  H  N N 215 
MPD C1   C  N N 216 
MPD C2   C  N N 217 
MPD O2   O  N N 218 
MPD CM   C  N N 219 
MPD C3   C  N N 220 
MPD C4   C  N S 221 
MPD O4   O  N N 222 
MPD C5   C  N N 223 
MPD H11  H  N N 224 
MPD H12  H  N N 225 
MPD H13  H  N N 226 
MPD HO2  H  N N 227 
MPD HM1  H  N N 228 
MPD HM2  H  N N 229 
MPD HM3  H  N N 230 
MPD H31  H  N N 231 
MPD H32  H  N N 232 
MPD H4   H  N N 233 
MPD HO4  H  N N 234 
MPD H51  H  N N 235 
MPD H52  H  N N 236 
MPD H53  H  N N 237 
MRD C1   C  N N 238 
MRD C2   C  N N 239 
MRD O2   O  N N 240 
MRD CM   C  N N 241 
MRD C3   C  N N 242 
MRD C4   C  N R 243 
MRD O4   O  N N 244 
MRD C5   C  N N 245 
MRD H1C1 H  N N 246 
MRD H1C2 H  N N 247 
MRD H1C3 H  N N 248 
MRD H2   H  N N 249 
MRD HMC1 H  N N 250 
MRD HMC2 H  N N 251 
MRD HMC3 H  N N 252 
MRD H3C1 H  N N 253 
MRD H3C2 H  N N 254 
MRD H4   H  N N 255 
MRD HA   H  N N 256 
MRD H5C1 H  N N 257 
MRD H5C2 H  N N 258 
MRD H5C3 H  N N 259 
PHE N    N  N N 260 
PHE CA   C  N S 261 
PHE C    C  N N 262 
PHE O    O  N N 263 
PHE CB   C  N N 264 
PHE CG   C  Y N 265 
PHE CD1  C  Y N 266 
PHE CD2  C  Y N 267 
PHE CE1  C  Y N 268 
PHE CE2  C  Y N 269 
PHE CZ   C  Y N 270 
PHE OXT  O  N N 271 
PHE H    H  N N 272 
PHE H2   H  N N 273 
PHE HA   H  N N 274 
PHE HB2  H  N N 275 
PHE HB3  H  N N 276 
PHE HD1  H  N N 277 
PHE HD2  H  N N 278 
PHE HE1  H  N N 279 
PHE HE2  H  N N 280 
PHE HZ   H  N N 281 
PHE HXT  H  N N 282 
PRO N    N  N N 283 
PRO CA   C  N S 284 
PRO C    C  N N 285 
PRO O    O  N N 286 
PRO CB   C  N N 287 
PRO CG   C  N N 288 
PRO CD   C  N N 289 
PRO OXT  O  N N 290 
PRO H    H  N N 291 
PRO HA   H  N N 292 
PRO HB2  H  N N 293 
PRO HB3  H  N N 294 
PRO HG2  H  N N 295 
PRO HG3  H  N N 296 
PRO HD2  H  N N 297 
PRO HD3  H  N N 298 
PRO HXT  H  N N 299 
SER N    N  N N 300 
SER CA   C  N S 301 
SER C    C  N N 302 
SER O    O  N N 303 
SER CB   C  N N 304 
SER OG   O  N N 305 
SER OXT  O  N N 306 
SER H    H  N N 307 
SER H2   H  N N 308 
SER HA   H  N N 309 
SER HB2  H  N N 310 
SER HB3  H  N N 311 
SER HG   H  N N 312 
SER HXT  H  N N 313 
THR N    N  N N 314 
THR CA   C  N S 315 
THR C    C  N N 316 
THR O    O  N N 317 
THR CB   C  N R 318 
THR OG1  O  N N 319 
THR CG2  C  N N 320 
THR OXT  O  N N 321 
THR H    H  N N 322 
THR H2   H  N N 323 
THR HA   H  N N 324 
THR HB   H  N N 325 
THR HG1  H  N N 326 
THR HG21 H  N N 327 
THR HG22 H  N N 328 
THR HG23 H  N N 329 
THR HXT  H  N N 330 
TRP N    N  N N 331 
TRP CA   C  N S 332 
TRP C    C  N N 333 
TRP O    O  N N 334 
TRP CB   C  N N 335 
TRP CG   C  Y N 336 
TRP CD1  C  Y N 337 
TRP CD2  C  Y N 338 
TRP NE1  N  Y N 339 
TRP CE2  C  Y N 340 
TRP CE3  C  Y N 341 
TRP CZ2  C  Y N 342 
TRP CZ3  C  Y N 343 
TRP CH2  C  Y N 344 
TRP OXT  O  N N 345 
TRP H    H  N N 346 
TRP H2   H  N N 347 
TRP HA   H  N N 348 
TRP HB2  H  N N 349 
TRP HB3  H  N N 350 
TRP HD1  H  N N 351 
TRP HE1  H  N N 352 
TRP HE3  H  N N 353 
TRP HZ2  H  N N 354 
TRP HZ3  H  N N 355 
TRP HH2  H  N N 356 
TRP HXT  H  N N 357 
TYR N    N  N N 358 
TYR CA   C  N S 359 
TYR C    C  N N 360 
TYR O    O  N N 361 
TYR CB   C  N N 362 
TYR CG   C  Y N 363 
TYR CD1  C  Y N 364 
TYR CD2  C  Y N 365 
TYR CE1  C  Y N 366 
TYR CE2  C  Y N 367 
TYR CZ   C  Y N 368 
TYR OH   O  N N 369 
TYR OXT  O  N N 370 
TYR H    H  N N 371 
TYR H2   H  N N 372 
TYR HA   H  N N 373 
TYR HB2  H  N N 374 
TYR HB3  H  N N 375 
TYR HD1  H  N N 376 
TYR HD2  H  N N 377 
TYR HE1  H  N N 378 
TYR HE2  H  N N 379 
TYR HH   H  N N 380 
TYR HXT  H  N N 381 
VAL N    N  N N 382 
VAL CA   C  N S 383 
VAL C    C  N N 384 
VAL O    O  N N 385 
VAL CB   C  N N 386 
VAL CG1  C  N N 387 
VAL CG2  C  N N 388 
VAL OXT  O  N N 389 
VAL H    H  N N 390 
VAL H2   H  N N 391 
VAL HA   H  N N 392 
VAL HB   H  N N 393 
VAL HG11 H  N N 394 
VAL HG12 H  N N 395 
VAL HG13 H  N N 396 
VAL HG21 H  N N 397 
VAL HG22 H  N N 398 
VAL HG23 H  N N 399 
VAL HXT  H  N N 400 
# 
loop_
_chem_comp_bond.comp_id 
_chem_comp_bond.atom_id_1 
_chem_comp_bond.atom_id_2 
_chem_comp_bond.value_order 
_chem_comp_bond.pdbx_aromatic_flag 
_chem_comp_bond.pdbx_stereo_config 
_chem_comp_bond.pdbx_ordinal 
ALA N   CA   sing N N 1   
ALA N   H    sing N N 2   
ALA N   H2   sing N N 3   
ALA CA  C    sing N N 4   
ALA CA  CB   sing N N 5   
ALA CA  HA   sing N N 6   
ALA C   O    doub N N 7   
ALA C   OXT  sing N N 8   
ALA CB  HB1  sing N N 9   
ALA CB  HB2  sing N N 10  
ALA CB  HB3  sing N N 11  
ALA OXT HXT  sing N N 12  
ARG N   CA   sing N N 13  
ARG N   H    sing N N 14  
ARG N   H2   sing N N 15  
ARG CA  C    sing N N 16  
ARG CA  CB   sing N N 17  
ARG CA  HA   sing N N 18  
ARG C   O    doub N N 19  
ARG C   OXT  sing N N 20  
ARG CB  CG   sing N N 21  
ARG CB  HB2  sing N N 22  
ARG CB  HB3  sing N N 23  
ARG CG  CD   sing N N 24  
ARG CG  HG2  sing N N 25  
ARG CG  HG3  sing N N 26  
ARG CD  NE   sing N N 27  
ARG CD  HD2  sing N N 28  
ARG CD  HD3  sing N N 29  
ARG NE  CZ   sing N N 30  
ARG NE  HE   sing N N 31  
ARG CZ  NH1  sing N N 32  
ARG CZ  NH2  doub N N 33  
ARG NH1 HH11 sing N N 34  
ARG NH1 HH12 sing N N 35  
ARG NH2 HH21 sing N N 36  
ARG NH2 HH22 sing N N 37  
ARG OXT HXT  sing N N 38  
ASN N   CA   sing N N 39  
ASN N   H    sing N N 40  
ASN N   H2   sing N N 41  
ASN CA  C    sing N N 42  
ASN CA  CB   sing N N 43  
ASN CA  HA   sing N N 44  
ASN C   O    doub N N 45  
ASN C   OXT  sing N N 46  
ASN CB  CG   sing N N 47  
ASN CB  HB2  sing N N 48  
ASN CB  HB3  sing N N 49  
ASN CG  OD1  doub N N 50  
ASN CG  ND2  sing N N 51  
ASN ND2 HD21 sing N N 52  
ASN ND2 HD22 sing N N 53  
ASN OXT HXT  sing N N 54  
ASP N   CA   sing N N 55  
ASP N   H    sing N N 56  
ASP N   H2   sing N N 57  
ASP CA  C    sing N N 58  
ASP CA  CB   sing N N 59  
ASP CA  HA   sing N N 60  
ASP C   O    doub N N 61  
ASP C   OXT  sing N N 62  
ASP CB  CG   sing N N 63  
ASP CB  HB2  sing N N 64  
ASP CB  HB3  sing N N 65  
ASP CG  OD1  doub N N 66  
ASP CG  OD2  sing N N 67  
ASP OD2 HD2  sing N N 68  
ASP OXT HXT  sing N N 69  
GLN N   CA   sing N N 70  
GLN N   H    sing N N 71  
GLN N   H2   sing N N 72  
GLN CA  C    sing N N 73  
GLN CA  CB   sing N N 74  
GLN CA  HA   sing N N 75  
GLN C   O    doub N N 76  
GLN C   OXT  sing N N 77  
GLN CB  CG   sing N N 78  
GLN CB  HB2  sing N N 79  
GLN CB  HB3  sing N N 80  
GLN CG  CD   sing N N 81  
GLN CG  HG2  sing N N 82  
GLN CG  HG3  sing N N 83  
GLN CD  OE1  doub N N 84  
GLN CD  NE2  sing N N 85  
GLN NE2 HE21 sing N N 86  
GLN NE2 HE22 sing N N 87  
GLN OXT HXT  sing N N 88  
GLU N   CA   sing N N 89  
GLU N   H    sing N N 90  
GLU N   H2   sing N N 91  
GLU CA  C    sing N N 92  
GLU CA  CB   sing N N 93  
GLU CA  HA   sing N N 94  
GLU C   O    doub N N 95  
GLU C   OXT  sing N N 96  
GLU CB  CG   sing N N 97  
GLU CB  HB2  sing N N 98  
GLU CB  HB3  sing N N 99  
GLU CG  CD   sing N N 100 
GLU CG  HG2  sing N N 101 
GLU CG  HG3  sing N N 102 
GLU CD  OE1  doub N N 103 
GLU CD  OE2  sing N N 104 
GLU OE2 HE2  sing N N 105 
GLU OXT HXT  sing N N 106 
GLY N   CA   sing N N 107 
GLY N   H    sing N N 108 
GLY N   H2   sing N N 109 
GLY CA  C    sing N N 110 
GLY CA  HA2  sing N N 111 
GLY CA  HA3  sing N N 112 
GLY C   O    doub N N 113 
GLY C   OXT  sing N N 114 
GLY OXT HXT  sing N N 115 
HOH O   H1   sing N N 116 
HOH O   H2   sing N N 117 
ILE N   CA   sing N N 118 
ILE N   H    sing N N 119 
ILE N   H2   sing N N 120 
ILE CA  C    sing N N 121 
ILE CA  CB   sing N N 122 
ILE CA  HA   sing N N 123 
ILE C   O    doub N N 124 
ILE C   OXT  sing N N 125 
ILE CB  CG1  sing N N 126 
ILE CB  CG2  sing N N 127 
ILE CB  HB   sing N N 128 
ILE CG1 CD1  sing N N 129 
ILE CG1 HG12 sing N N 130 
ILE CG1 HG13 sing N N 131 
ILE CG2 HG21 sing N N 132 
ILE CG2 HG22 sing N N 133 
ILE CG2 HG23 sing N N 134 
ILE CD1 HD11 sing N N 135 
ILE CD1 HD12 sing N N 136 
ILE CD1 HD13 sing N N 137 
ILE OXT HXT  sing N N 138 
LEU N   CA   sing N N 139 
LEU N   H    sing N N 140 
LEU N   H2   sing N N 141 
LEU CA  C    sing N N 142 
LEU CA  CB   sing N N 143 
LEU CA  HA   sing N N 144 
LEU C   O    doub N N 145 
LEU C   OXT  sing N N 146 
LEU CB  CG   sing N N 147 
LEU CB  HB2  sing N N 148 
LEU CB  HB3  sing N N 149 
LEU CG  CD1  sing N N 150 
LEU CG  CD2  sing N N 151 
LEU CG  HG   sing N N 152 
LEU CD1 HD11 sing N N 153 
LEU CD1 HD12 sing N N 154 
LEU CD1 HD13 sing N N 155 
LEU CD2 HD21 sing N N 156 
LEU CD2 HD22 sing N N 157 
LEU CD2 HD23 sing N N 158 
LEU OXT HXT  sing N N 159 
LYS N   CA   sing N N 160 
LYS N   H    sing N N 161 
LYS N   H2   sing N N 162 
LYS CA  C    sing N N 163 
LYS CA  CB   sing N N 164 
LYS CA  HA   sing N N 165 
LYS C   O    doub N N 166 
LYS C   OXT  sing N N 167 
LYS CB  CG   sing N N 168 
LYS CB  HB2  sing N N 169 
LYS CB  HB3  sing N N 170 
LYS CG  CD   sing N N 171 
LYS CG  HG2  sing N N 172 
LYS CG  HG3  sing N N 173 
LYS CD  CE   sing N N 174 
LYS CD  HD2  sing N N 175 
LYS CD  HD3  sing N N 176 
LYS CE  NZ   sing N N 177 
LYS CE  HE2  sing N N 178 
LYS CE  HE3  sing N N 179 
LYS NZ  HZ1  sing N N 180 
LYS NZ  HZ2  sing N N 181 
LYS NZ  HZ3  sing N N 182 
LYS OXT HXT  sing N N 183 
MET N   CA   sing N N 184 
MET N   H    sing N N 185 
MET N   H2   sing N N 186 
MET CA  C    sing N N 187 
MET CA  CB   sing N N 188 
MET CA  HA   sing N N 189 
MET C   O    doub N N 190 
MET C   OXT  sing N N 191 
MET CB  CG   sing N N 192 
MET CB  HB2  sing N N 193 
MET CB  HB3  sing N N 194 
MET CG  SD   sing N N 195 
MET CG  HG2  sing N N 196 
MET CG  HG3  sing N N 197 
MET SD  CE   sing N N 198 
MET CE  HE1  sing N N 199 
MET CE  HE2  sing N N 200 
MET CE  HE3  sing N N 201 
MET OXT HXT  sing N N 202 
MPD C1  C2   sing N N 203 
MPD C1  H11  sing N N 204 
MPD C1  H12  sing N N 205 
MPD C1  H13  sing N N 206 
MPD C2  O2   sing N N 207 
MPD C2  CM   sing N N 208 
MPD C2  C3   sing N N 209 
MPD O2  HO2  sing N N 210 
MPD CM  HM1  sing N N 211 
MPD CM  HM2  sing N N 212 
MPD CM  HM3  sing N N 213 
MPD C3  C4   sing N N 214 
MPD C3  H31  sing N N 215 
MPD C3  H32  sing N N 216 
MPD C4  O4   sing N N 217 
MPD C4  C5   sing N N 218 
MPD C4  H4   sing N N 219 
MPD O4  HO4  sing N N 220 
MPD C5  H51  sing N N 221 
MPD C5  H52  sing N N 222 
MPD C5  H53  sing N N 223 
MRD C1  C2   sing N N 224 
MRD C1  H1C1 sing N N 225 
MRD C1  H1C2 sing N N 226 
MRD C1  H1C3 sing N N 227 
MRD C2  O2   sing N N 228 
MRD C2  CM   sing N N 229 
MRD C2  C3   sing N N 230 
MRD O2  H2   sing N N 231 
MRD CM  HMC1 sing N N 232 
MRD CM  HMC2 sing N N 233 
MRD CM  HMC3 sing N N 234 
MRD C3  C4   sing N N 235 
MRD C3  H3C1 sing N N 236 
MRD C3  H3C2 sing N N 237 
MRD C4  O4   sing N N 238 
MRD C4  C5   sing N N 239 
MRD C4  H4   sing N N 240 
MRD O4  HA   sing N N 241 
MRD C5  H5C1 sing N N 242 
MRD C5  H5C2 sing N N 243 
MRD C5  H5C3 sing N N 244 
PHE N   CA   sing N N 245 
PHE N   H    sing N N 246 
PHE N   H2   sing N N 247 
PHE CA  C    sing N N 248 
PHE CA  CB   sing N N 249 
PHE CA  HA   sing N N 250 
PHE C   O    doub N N 251 
PHE C   OXT  sing N N 252 
PHE CB  CG   sing N N 253 
PHE CB  HB2  sing N N 254 
PHE CB  HB3  sing N N 255 
PHE CG  CD1  doub Y N 256 
PHE CG  CD2  sing Y N 257 
PHE CD1 CE1  sing Y N 258 
PHE CD1 HD1  sing N N 259 
PHE CD2 CE2  doub Y N 260 
PHE CD2 HD2  sing N N 261 
PHE CE1 CZ   doub Y N 262 
PHE CE1 HE1  sing N N 263 
PHE CE2 CZ   sing Y N 264 
PHE CE2 HE2  sing N N 265 
PHE CZ  HZ   sing N N 266 
PHE OXT HXT  sing N N 267 
PRO N   CA   sing N N 268 
PRO N   CD   sing N N 269 
PRO N   H    sing N N 270 
PRO CA  C    sing N N 271 
PRO CA  CB   sing N N 272 
PRO CA  HA   sing N N 273 
PRO C   O    doub N N 274 
PRO C   OXT  sing N N 275 
PRO CB  CG   sing N N 276 
PRO CB  HB2  sing N N 277 
PRO CB  HB3  sing N N 278 
PRO CG  CD   sing N N 279 
PRO CG  HG2  sing N N 280 
PRO CG  HG3  sing N N 281 
PRO CD  HD2  sing N N 282 
PRO CD  HD3  sing N N 283 
PRO OXT HXT  sing N N 284 
SER N   CA   sing N N 285 
SER N   H    sing N N 286 
SER N   H2   sing N N 287 
SER CA  C    sing N N 288 
SER CA  CB   sing N N 289 
SER CA  HA   sing N N 290 
SER C   O    doub N N 291 
SER C   OXT  sing N N 292 
SER CB  OG   sing N N 293 
SER CB  HB2  sing N N 294 
SER CB  HB3  sing N N 295 
SER OG  HG   sing N N 296 
SER OXT HXT  sing N N 297 
THR N   CA   sing N N 298 
THR N   H    sing N N 299 
THR N   H2   sing N N 300 
THR CA  C    sing N N 301 
THR CA  CB   sing N N 302 
THR CA  HA   sing N N 303 
THR C   O    doub N N 304 
THR C   OXT  sing N N 305 
THR CB  OG1  sing N N 306 
THR CB  CG2  sing N N 307 
THR CB  HB   sing N N 308 
THR OG1 HG1  sing N N 309 
THR CG2 HG21 sing N N 310 
THR CG2 HG22 sing N N 311 
THR CG2 HG23 sing N N 312 
THR OXT HXT  sing N N 313 
TRP N   CA   sing N N 314 
TRP N   H    sing N N 315 
TRP N   H2   sing N N 316 
TRP CA  C    sing N N 317 
TRP CA  CB   sing N N 318 
TRP CA  HA   sing N N 319 
TRP C   O    doub N N 320 
TRP C   OXT  sing N N 321 
TRP CB  CG   sing N N 322 
TRP CB  HB2  sing N N 323 
TRP CB  HB3  sing N N 324 
TRP CG  CD1  doub Y N 325 
TRP CG  CD2  sing Y N 326 
TRP CD1 NE1  sing Y N 327 
TRP CD1 HD1  sing N N 328 
TRP CD2 CE2  doub Y N 329 
TRP CD2 CE3  sing Y N 330 
TRP NE1 CE2  sing Y N 331 
TRP NE1 HE1  sing N N 332 
TRP CE2 CZ2  sing Y N 333 
TRP CE3 CZ3  doub Y N 334 
TRP CE3 HE3  sing N N 335 
TRP CZ2 CH2  doub Y N 336 
TRP CZ2 HZ2  sing N N 337 
TRP CZ3 CH2  sing Y N 338 
TRP CZ3 HZ3  sing N N 339 
TRP CH2 HH2  sing N N 340 
TRP OXT HXT  sing N N 341 
TYR N   CA   sing N N 342 
TYR N   H    sing N N 343 
TYR N   H2   sing N N 344 
TYR CA  C    sing N N 345 
TYR CA  CB   sing N N 346 
TYR CA  HA   sing N N 347 
TYR C   O    doub N N 348 
TYR C   OXT  sing N N 349 
TYR CB  CG   sing N N 350 
TYR CB  HB2  sing N N 351 
TYR CB  HB3  sing N N 352 
TYR CG  CD1  doub Y N 353 
TYR CG  CD2  sing Y N 354 
TYR CD1 CE1  sing Y N 355 
TYR CD1 HD1  sing N N 356 
TYR CD2 CE2  doub Y N 357 
TYR CD2 HD2  sing N N 358 
TYR CE1 CZ   doub Y N 359 
TYR CE1 HE1  sing N N 360 
TYR CE2 CZ   sing Y N 361 
TYR CE2 HE2  sing N N 362 
TYR CZ  OH   sing N N 363 
TYR OH  HH   sing N N 364 
TYR OXT HXT  sing N N 365 
VAL N   CA   sing N N 366 
VAL N   H    sing N N 367 
VAL N   H2   sing N N 368 
VAL CA  C    sing N N 369 
VAL CA  CB   sing N N 370 
VAL CA  HA   sing N N 371 
VAL C   O    doub N N 372 
VAL C   OXT  sing N N 373 
VAL CB  CG1  sing N N 374 
VAL CB  CG2  sing N N 375 
VAL CB  HB   sing N N 376 
VAL CG1 HG11 sing N N 377 
VAL CG1 HG12 sing N N 378 
VAL CG1 HG13 sing N N 379 
VAL CG2 HG21 sing N N 380 
VAL CG2 HG22 sing N N 381 
VAL CG2 HG23 sing N N 382 
VAL OXT HXT  sing N N 383 
# 
_atom_sites.entry_id                    3PP5 
_atom_sites.fract_transf_matrix[1][1]   -0.00951494 
_atom_sites.fract_transf_matrix[1][2]   0.02788322 
_atom_sites.fract_transf_matrix[1][3]   -0.00152828 
_atom_sites.fract_transf_matrix[2][1]   0.01715650 
_atom_sites.fract_transf_matrix[2][2]   0.02080619 
_atom_sites.fract_transf_matrix[2][3]   -0.01196349 
_atom_sites.fract_transf_matrix[3][1]   -0.00338759 
_atom_sites.fract_transf_matrix[3][2]   -0.00157212 
_atom_sites.fract_transf_matrix[3][3]   -0.00759218 
_atom_sites.fract_transf_vector[1]      0.356470 
_atom_sites.fract_transf_vector[2]      -0.197049 
_atom_sites.fract_transf_vector[3]      0.129968 
# 
loop_
_atom_type.symbol 
C  
CA 
N  
O  
S  
# 
loop_
_atom_site.group_PDB 
_atom_site.id 
_atom_site.type_symbol 
_atom_site.label_atom_id 
_atom_site.label_alt_id 
_atom_site.label_comp_id 
_atom_site.label_asym_id 
_atom_site.label_entity_id 
_atom_site.label_seq_id 
_atom_site.pdbx_PDB_ins_code 
_atom_site.Cartn_x 
_atom_site.Cartn_y 
_atom_site.Cartn_z 
_atom_site.occupancy 
_atom_site.B_iso_or_equiv 
_atom_site.pdbx_formal_charge 
_atom_site.auth_seq_id 
_atom_site.auth_comp_id 
_atom_site.auth_asym_id 
_atom_site.auth_atom_id 
_atom_site.pdbx_PDB_model_num 
ATOM   1   N  N   . THR A 1 8  ? -28.252 7.400  -32.364 1.00 66.94 ? 3   THR A N   1 
ATOM   2   C  CA  . THR A 1 8  ? -27.737 8.444  -33.243 1.00 65.60 ? 3   THR A CA  1 
ATOM   3   C  C   . THR A 1 8  ? -26.226 8.372  -33.396 1.00 65.28 ? 3   THR A C   1 
ATOM   4   O  O   . THR A 1 8  ? -25.568 9.397  -33.562 1.00 73.63 ? 3   THR A O   1 
ATOM   5   C  CB  . THR A 1 8  ? -28.080 9.836  -32.723 1.00 67.48 ? 3   THR A CB  1 
ATOM   6   O  OG1 . THR A 1 8  ? -27.445 10.040 -31.454 1.00 78.86 ? 3   THR A OG1 1 
ATOM   7   C  CG2 . THR A 1 8  ? -29.581 9.977  -32.576 1.00 69.31 ? 3   THR A CG2 1 
ATOM   8   N  N   . LYS A 1 9  ? -25.679 7.165  -33.305 1.00 51.46 ? 4   LYS A N   1 
ATOM   9   C  CA  . LYS A 1 9  ? -24.285 6.926  -33.652 1.00 47.99 ? 4   LYS A CA  1 
ATOM   10  C  C   . LYS A 1 9  ? -24.283 5.931  -34.796 1.00 43.61 ? 4   LYS A C   1 
ATOM   11  O  O   . LYS A 1 9  ? -25.169 5.087  -34.882 1.00 46.69 ? 4   LYS A O   1 
ATOM   12  C  CB  . LYS A 1 9  ? -23.510 6.311  -32.481 1.00 41.37 ? 4   LYS A CB  1 
ATOM   13  C  CG  . LYS A 1 9  ? -23.540 7.082  -31.182 1.00 48.42 ? 4   LYS A CG  1 
ATOM   14  C  CD  . LYS A 1 9  ? -22.959 6.222  -30.071 1.00 47.51 ? 4   LYS A CD  1 
ATOM   15  C  CE  . LYS A 1 9  ? -23.023 6.918  -28.731 1.00 50.75 ? 4   LYS A CE  1 
ATOM   16  N  NZ  . LYS A 1 9  ? -22.267 8.200  -28.742 1.00 52.39 ? 4   LYS A NZ  1 
ATOM   17  N  N   . THR A 1 10 ? -23.289 6.021  -35.671 1.00 33.91 ? 5   THR A N   1 
ATOM   18  C  CA  . THR A 1 10 ? -23.097 5.000  -36.684 1.00 31.77 ? 5   THR A CA  1 
ATOM   19  C  C   . THR A 1 10 ? -22.601 3.722  -36.032 1.00 30.16 ? 5   THR A C   1 
ATOM   20  O  O   . THR A 1 10 ? -22.095 3.750  -34.898 1.00 28.28 ? 5   THR A O   1 
ATOM   21  C  CB  . THR A 1 10 ? -22.035 5.427  -37.687 1.00 34.81 ? 5   THR A CB  1 
ATOM   22  O  OG1 . THR A 1 10 ? -20.788 5.583  -36.991 1.00 25.10 ? 5   THR A OG1 1 
ATOM   23  C  CG2 . THR A 1 10 ? -22.406 6.757  -38.334 1.00 35.13 ? 5   THR A CG2 1 
ATOM   24  N  N   . ASN A 1 11 ? -22.683 2.621  -36.765 1.00 31.03 ? 6   ASN A N   1 
ATOM   25  C  CA  . ASN A 1 11 ? -22.117 1.360  -36.317 1.00 32.22 ? 6   ASN A CA  1 
ATOM   26  C  C   . ASN A 1 11 ? -20.610 1.475  -36.059 1.00 24.66 ? 6   ASN A C   1 
ATOM   27  O  O   . ASN A 1 11 ? -20.085 0.846  -35.146 1.00 24.61 ? 6   ASN A O   1 
ATOM   28  C  CB  . ASN A 1 11 ? -22.361 0.261  -37.348 1.00 42.14 ? 6   ASN A CB  1 
ATOM   29  C  CG  . ASN A 1 11 ? -23.795 -0.222 -37.349 1.00 53.40 ? 6   ASN A CG  1 
ATOM   30  O  OD1 . ASN A 1 11 ? -24.583 0.135  -36.467 1.00 55.71 ? 6   ASN A OD1 1 
ATOM   31  N  ND2 . ASN A 1 11 ? -24.144 -1.041 -38.337 1.00 57.42 ? 6   ASN A ND2 1 
ATOM   32  N  N   . ILE A 1 12 ? -19.926 2.259  -36.884 1.00 22.78 ? 7   ILE A N   1 
ATOM   33  C  CA  . ILE A 1 12 ? -18.478 2.407  -36.734 1.00 19.53 ? 7   ILE A CA  1 
ATOM   34  C  C   . ILE A 1 12 ? -18.181 3.105  -35.418 1.00 19.02 ? 7   ILE A C   1 
ATOM   35  O  O   . ILE A 1 12 ? -17.274 2.695  -34.662 1.00 17.72 ? 7   ILE A O   1 
ATOM   36  C  CB  . ILE A 1 12 ? -17.849 3.191  -37.914 1.00 22.03 ? 7   ILE A CB  1 
ATOM   37  C  CG1 . ILE A 1 12 ? -17.737 2.272  -39.134 1.00 22.38 ? 7   ILE A CG1 1 
ATOM   38  C  CG2 . ILE A 1 12 ? -16.459 3.737  -37.541 1.00 20.07 ? 7   ILE A CG2 1 
ATOM   39  C  CD1 . ILE A 1 12 ? -17.451 3.014  -40.438 1.00 25.28 ? 7   ILE A CD1 1 
ATOM   40  N  N   . GLN A 1 13 ? -18.929 4.151  -35.101 1.00 19.19 ? 8   GLN A N   1 
ATOM   41  C  CA  . GLN A 1 13 ? -18.725 4.868  -33.853 1.00 20.12 ? 8   GLN A CA  1 
ATOM   42  C  C   . GLN A 1 13 ? -19.050 3.972  -32.661 1.00 20.79 ? 8   GLN A C   1 
ATOM   43  O  O   . GLN A 1 13 ? -18.294 3.936  -31.676 1.00 18.87 ? 8   GLN A O   1 
ATOM   44  C  CB  . GLN A 1 13 ? -19.584 6.142  -33.818 1.00 23.43 ? 8   GLN A CB  1 
ATOM   45  C  CG  . GLN A 1 13 ? -19.452 6.929  -32.523 1.00 29.82 ? 8   GLN A CG  1 
ATOM   46  C  CD  . GLN A 1 13 ? -18.142 7.682  -32.419 1.00 33.38 ? 8   GLN A CD  1 
ATOM   47  O  OE1 . GLN A 1 13 ? -17.627 8.198  -33.414 1.00 34.55 ? 8   GLN A OE1 1 
ATOM   48  N  NE2 . GLN A 1 13 ? -17.602 7.766  -31.203 1.00 31.78 ? 8   GLN A NE2 1 
ATOM   49  N  N   . LYS A 1 14 ? -20.145 3.217  -32.733 1.00 21.19 ? 9   LYS A N   1 
ATOM   50  C  CA  . LYS A 1 14 ? -20.559 2.362  -31.615 1.00 23.59 ? 9   LYS A CA  1 
ATOM   51  C  C   . LYS A 1 14 ? -19.512 1.285  -31.369 1.00 21.11 ? 9   LYS A C   1 
ATOM   52  O  O   . LYS A 1 14 ? -19.155 1.022  -30.223 1.00 23.03 ? 9   LYS A O   1 
ATOM   53  C  CB  . LYS A 1 14 ? -21.924 1.711  -31.886 1.00 31.50 ? 9   LYS A CB  1 
ATOM   54  C  CG  . LYS A 1 14 ? -23.092 2.667  -31.825 1.00 39.77 ? 9   LYS A CG  1 
ATOM   55  C  CD  . LYS A 1 14 ? -24.385 1.960  -32.220 1.00 51.49 ? 9   LYS A CD  1 
ATOM   56  C  CE  . LYS A 1 14 ? -25.524 2.946  -32.297 1.00 58.18 ? 9   LYS A CE  1 
ATOM   57  N  NZ  . LYS A 1 14 ? -25.517 3.805  -31.086 1.00 64.93 ? 9   LYS A NZ  1 
ATOM   58  N  N   . ASP A 1 15 ? -18.991 0.684  -32.428 1.00 21.11 ? 10  ASP A N   1 
ATOM   59  C  CA  . ASP A 1 15 ? -17.980 -0.357 -32.263 1.00 20.82 ? 10  ASP A CA  1 
ATOM   60  C  C   . ASP A 1 15 ? -16.694 0.220  -31.645 1.00 19.83 ? 10  ASP A C   1 
ATOM   61  O  O   . ASP A 1 15 ? -16.072 -0.406 -30.756 1.00 20.39 ? 10  ASP A O   1 
ATOM   62  C  CB  . ASP A 1 15 ? -17.664 -1.032 -33.597 1.00 22.50 ? 10  ASP A CB  1 
ATOM   63  C  CG  . ASP A 1 15 ? -16.807 -2.284 -33.411 1.00 36.26 ? 10  ASP A CG  1 
ATOM   64  O  OD1 . ASP A 1 15 ? -17.347 -3.310 -32.947 1.00 48.62 ? 10  ASP A OD1 1 
ATOM   65  O  OD2 . ASP A 1 15 ? -15.592 -2.244 -33.693 1.00 37.96 ? 10  ASP A OD2 1 
ATOM   66  N  N   . TRP A 1 16 ? -16.291 1.407  -32.085 1.00 15.80 ? 11  TRP A N   1 
ATOM   67  C  CA  . TRP A 1 16 ? -15.112 2.066  -31.511 1.00 13.51 ? 11  TRP A CA  1 
ATOM   68  C  C   . TRP A 1 16 ? -15.306 2.305  -30.009 1.00 15.50 ? 11  TRP A C   1 
ATOM   69  O  O   . TRP A 1 16 ? -14.395 2.078  -29.192 1.00 13.73 ? 11  TRP A O   1 
ATOM   70  C  CB  . TRP A 1 16 ? -14.815 3.388  -32.234 1.00 15.07 ? 11  TRP A CB  1 
ATOM   71  C  CG  . TRP A 1 16 ? -13.689 4.171  -31.589 1.00 14.11 ? 11  TRP A CG  1 
ATOM   72  C  CD1 . TRP A 1 16 ? -12.350 3.981  -31.783 1.00 13.53 ? 11  TRP A CD1 1 
ATOM   73  C  CD2 . TRP A 1 16 ? -13.800 5.251  -30.646 1.00 15.69 ? 11  TRP A CD2 1 
ATOM   74  N  NE1 . TRP A 1 16 ? -11.624 4.880  -31.030 1.00 15.17 ? 11  TRP A NE1 1 
ATOM   75  C  CE2 . TRP A 1 16 ? -12.492 5.665  -30.320 1.00 16.95 ? 11  TRP A CE2 1 
ATOM   76  C  CE3 . TRP A 1 16 ? -14.880 5.908  -30.052 1.00 21.53 ? 11  TRP A CE3 1 
ATOM   77  C  CZ2 . TRP A 1 16 ? -12.235 6.706  -29.416 1.00 21.98 ? 11  TRP A CZ2 1 
ATOM   78  C  CZ3 . TRP A 1 16 ? -14.610 6.951  -29.165 1.00 21.25 ? 11  TRP A CZ3 1 
ATOM   79  C  CH2 . TRP A 1 16 ? -13.314 7.327  -28.856 1.00 22.60 ? 11  TRP A CH2 1 
ATOM   80  N  N   . GLU A 1 17 ? -16.494 2.767  -29.622 1.00 15.94 ? 12  GLU A N   1 
ATOM   81  C  CA  . GLU A 1 17 ? -16.761 3.087  -28.226 1.00 15.82 ? 12  GLU A CA  1 
ATOM   82  C  C   . GLU A 1 17 ? -16.781 1.824  -27.383 1.00 15.32 ? 12  GLU A C   1 
ATOM   83  O  O   . GLU A 1 17 ? -16.275 1.847  -26.244 1.00 17.09 ? 12  GLU A O   1 
ATOM   84  C  CB  . GLU A 1 17 ? -18.104 3.824  -28.091 1.00 20.90 ? 12  GLU A CB  1 
ATOM   85  C  CG  . GLU A 1 17 ? -18.049 5.258  -28.575 1.00 23.66 ? 12  GLU A CG  1 
ATOM   86  C  CD  . GLU A 1 17 ? -19.378 6.003  -28.397 1.00 35.39 ? 12  GLU A CD  1 
ATOM   87  O  OE1 . GLU A 1 17 ? -20.333 5.405  -27.853 1.00 37.75 ? 12  GLU A OE1 1 
ATOM   88  O  OE2 . GLU A 1 17 ? -19.456 7.181  -28.817 1.00 37.09 ? 12  GLU A OE2 1 
ATOM   89  N  N   . GLN A 1 18 ? -17.354 0.744  -27.909 1.00 16.68 ? 13  GLN A N   1 
ATOM   90  C  CA  . GLN A 1 18 ? -17.436 -0.518 -27.158 1.00 17.75 ? 13  GLN A CA  1 
ATOM   91  C  C   . GLN A 1 18 ? -16.035 -1.071 -26.935 1.00 15.76 ? 13  GLN A C   1 
ATOM   92  O  O   . GLN A 1 18 ? -15.697 -1.538 -25.828 1.00 17.18 ? 13  GLN A O   1 
ATOM   93  C  CB  . GLN A 1 18 ? -18.325 -1.538 -27.884 1.00 24.41 ? 13  GLN A CB  1 
ATOM   94  C  CG  . GLN A 1 18 ? -19.789 -1.129 -27.860 1.00 34.63 ? 13  GLN A CG  1 
ATOM   95  C  CD  . GLN A 1 18 ? -20.682 -2.114 -28.589 1.00 52.59 ? 13  GLN A CD  1 
ATOM   96  O  OE1 . GLN A 1 18 ? -21.907 -1.980 -28.575 1.00 59.45 ? 13  GLN A OE1 1 
ATOM   97  N  NE2 . GLN A 1 18 ? -20.071 -3.108 -29.237 1.00 56.57 ? 13  GLN A NE2 1 
ATOM   98  N  N   . ARG A 1 19 ? -15.183 -0.992 -27.951 1.00 15.06 ? 14  ARG A N   1 
ATOM   99  C  CA  . ARG A 1 19 ? -13.806 -1.468 -27.812 1.00 14.97 ? 14  ARG A CA  1 
ATOM   100 C  C   . ARG A 1 19 ? -13.019 -0.588 -26.843 1.00 13.96 ? 14  ARG A C   1 
ATOM   101 O  O   . ARG A 1 19 ? -12.254 -1.099 -26.016 1.00 14.33 ? 14  ARG A O   1 
ATOM   102 C  CB  . ARG A 1 19 ? -13.107 -1.578 -29.161 1.00 15.55 ? 14  ARG A CB  1 
ATOM   103 C  CG  . ARG A 1 19 ? -13.716 -2.685 -30.002 1.00 23.47 ? 14  ARG A CG  1 
ATOM   104 C  CD  . ARG A 1 19 ? -13.021 -2.776 -31.328 1.00 25.11 ? 14  ARG A CD  1 
ATOM   105 N  NE  . ARG A 1 19 ? -13.519 -3.919 -32.085 1.00 34.38 ? 14  ARG A NE  1 
ATOM   106 C  CZ  . ARG A 1 19 ? -13.000 -5.144 -31.991 1.00 45.83 ? 14  ARG A CZ  1 
ATOM   107 N  NH1 . ARG A 1 19 ? -11.960 -5.367 -31.193 1.00 40.92 ? 14  ARG A NH1 1 
ATOM   108 N  NH2 . ARG A 1 19 ? -13.508 -6.145 -32.698 1.00 51.69 ? 14  ARG A NH2 1 
ATOM   109 N  N   . GLU A 1 20 ? -13.193 0.728  -26.928 1.00 12.89 ? 15  GLU A N   1 
ATOM   110 C  CA  . GLU A 1 20 ? -12.524 1.610  -25.976 1.00 12.14 ? 15  GLU A CA  1 
ATOM   111 C  C   . GLU A 1 20 ? -12.934 1.281  -24.550 1.00 12.92 ? 15  GLU A C   1 
ATOM   112 O  O   . GLU A 1 20 ? -12.093 1.351  -23.649 1.00 14.42 ? 15  GLU A O   1 
ATOM   113 C  CB  . GLU A 1 20 ? -12.821 3.097  -26.236 1.00 14.07 ? 15  GLU A CB  1 
ATOM   114 C  CG  . GLU A 1 20 ? -12.069 3.723  -27.416 1.00 12.88 ? 15  GLU A CG  1 
ATOM   115 C  CD  . GLU A 1 20 ? -10.576 3.631  -27.247 1.00 13.03 ? 15  GLU A CD  1 
ATOM   116 O  OE1 . GLU A 1 20 ? -10.078 4.001  -26.145 1.00 15.00 ? 15  GLU A OE1 1 
ATOM   117 O  OE2 . GLU A 1 20 ? -9.879  3.253  -28.188 1.00 13.55 ? 15  GLU A OE2 1 
ATOM   118 N  N   . PHE A 1 21 ? -14.219 0.947  -24.349 1.00 13.69 ? 16  PHE A N   1 
ATOM   119 C  CA  . PHE A 1 21 ? -14.681 0.623  -22.997 1.00 14.65 ? 16  PHE A CA  1 
ATOM   120 C  C   . PHE A 1 21 ? -13.917 -0.571 -22.447 1.00 13.58 ? 16  PHE A C   1 
ATOM   121 O  O   . PHE A 1 21 ? -13.470 -0.551 -21.280 1.00 15.49 ? 16  PHE A O   1 
ATOM   122 C  CB  . PHE A 1 21 ? -16.188 0.345  -23.066 1.00 15.96 ? 16  PHE A CB  1 
ATOM   123 C  CG  . PHE A 1 21 ? -16.840 0.093  -21.738 1.00 20.80 ? 16  PHE A CG  1 
ATOM   124 C  CD1 . PHE A 1 21 ? -17.351 1.152  -21.003 1.00 21.34 ? 16  PHE A CD1 1 
ATOM   125 C  CD2 . PHE A 1 21 ? -17.003 -1.201 -21.282 1.00 19.98 ? 16  PHE A CD2 1 
ATOM   126 C  CE1 . PHE A 1 21 ? -17.998 0.918  -19.763 1.00 28.84 ? 16  PHE A CE1 1 
ATOM   127 C  CE2 . PHE A 1 21 ? -17.661 -1.453 -20.040 1.00 22.54 ? 16  PHE A CE2 1 
ATOM   128 C  CZ  . PHE A 1 21 ? -18.142 -0.380 -19.302 1.00 22.43 ? 16  PHE A CZ  1 
ATOM   129 N  N   . ILE A 1 22 ? -13.755 -1.611 -23.249 1.00 13.96 ? 17  ILE A N   1 
ATOM   130 C  CA  . ILE A 1 22 ? -13.051 -2.817 -22.825 1.00 15.49 ? 17  ILE A CA  1 
ATOM   131 C  C   . ILE A 1 22 ? -11.551 -2.557 -22.651 1.00 12.95 ? 17  ILE A C   1 
ATOM   132 O  O   . ILE A 1 22 ? -10.939 -2.972 -21.656 1.00 13.35 ? 17  ILE A O   1 
ATOM   133 C  CB  . ILE A 1 22 ? -13.333 -3.967 -23.794 1.00 17.35 ? 17  ILE A CB  1 
ATOM   134 C  CG1 . ILE A 1 22 ? -14.833 -4.313 -23.763 1.00 20.72 ? 17  ILE A CG1 1 
ATOM   135 C  CG2 . ILE A 1 22 ? -12.432 -5.153 -23.455 1.00 19.40 ? 17  ILE A CG2 1 
ATOM   136 C  CD1 . ILE A 1 22 ? -15.301 -5.165 -24.976 1.00 20.48 ? 17  ILE A CD1 1 
ATOM   137 N  N   . GLU A 1 23 ? -10.944 -1.815 -23.576 1.00 12.92 ? 18  GLU A N   1 
ATOM   138 C  CA  . GLU A 1 23 ? -9.538  -1.434 -23.460 1.00 11.90 ? 18  GLU A CA  1 
ATOM   139 C  C   . GLU A 1 23 ? -9.301  -0.663 -22.171 1.00 12.70 ? 18  GLU A C   1 
ATOM   140 O  O   . GLU A 1 23 ? -8.305  -0.875 -21.487 1.00 12.15 ? 18  GLU A O   1 
ATOM   141 C  CB  . GLU A 1 23 ? -9.162  -0.545 -24.657 1.00 11.19 ? 18  GLU A CB  1 
ATOM   142 C  CG  . GLU A 1 23 ? -9.147  -1.296 -25.999 1.00 11.66 ? 18  GLU A CG  1 
ATOM   143 C  CD  . GLU A 1 23 ? -9.152  -0.345 -27.168 1.00 11.99 ? 18  GLU A CD  1 
ATOM   144 O  OE1 . GLU A 1 23 ? -8.810  0.835  -26.970 1.00 12.15 ? 18  GLU A OE1 1 
ATOM   145 O  OE2 . GLU A 1 23 ? -9.518  -0.748 -28.294 1.00 12.61 ? 18  GLU A OE2 1 
ATOM   146 N  N   . ASP A 1 24 ? -10.187 0.276  -21.853 1.00 12.23 ? 19  ASP A N   1 
ATOM   147 C  CA  . ASP A 1 24 ? -10.045 1.057  -20.626 1.00 12.20 ? 19  ASP A CA  1 
ATOM   148 C  C   . ASP A 1 24 ? -10.154 0.191  -19.376 1.00 13.46 ? 19  ASP A C   1 
ATOM   149 O  O   . ASP A 1 24 ? -9.452  0.453  -18.385 1.00 13.94 ? 19  ASP A O   1 
ATOM   150 C  CB  . ASP A 1 24 ? -11.141 2.124  -20.579 1.00 16.13 ? 19  ASP A CB  1 
ATOM   151 C  CG  . ASP A 1 24 ? -10.858 3.305  -21.470 1.00 20.00 ? 19  ASP A CG  1 
ATOM   152 O  OD1 . ASP A 1 24 ? -9.744  3.434  -22.036 1.00 23.39 ? 19  ASP A OD1 1 
ATOM   153 O  OD2 . ASP A 1 24 ? -11.773 4.156  -21.585 1.00 25.44 ? 19  ASP A OD2 1 
ATOM   154 N  N   A MET A 1 25 ? -10.937 -0.879 -19.403 0.54 14.38 ? 20  MET A N   1 
ATOM   155 N  N   B MET A 1 25 ? -11.087 -0.766 -19.395 0.46 11.97 ? 20  MET A N   1 
ATOM   156 C  CA  A MET A 1 25 ? -10.923 -1.796 -18.247 0.54 12.24 ? 20  MET A CA  1 
ATOM   157 C  CA  B MET A 1 25 ? -11.288 -1.664 -18.246 0.46 11.58 ? 20  MET A CA  1 
ATOM   158 C  C   A MET A 1 25 ? -9.551  -2.486 -18.098 0.54 11.99 ? 20  MET A C   1 
ATOM   159 C  C   B MET A 1 25 ? -9.937  -2.313 -17.960 0.46 10.51 ? 20  MET A C   1 
ATOM   160 O  O   A MET A 1 25 ? -9.039  -2.649 -16.977 0.54 11.65 ? 20  MET A O   1 
ATOM   161 O  O   B MET A 1 25 ? -9.501  -2.393 -16.799 0.46 13.78 ? 20  MET A O   1 
ATOM   162 C  CB  A MET A 1 25 ? -12.075 -2.807 -18.365 0.54 13.65 ? 20  MET A CB  1 
ATOM   163 C  CB  B MET A 1 25 ? -12.343 -2.747 -18.563 0.46 12.97 ? 20  MET A CB  1 
ATOM   164 C  CG  A MET A 1 25 ? -13.419 -2.115 -18.148 0.54 10.73 ? 20  MET A CG  1 
ATOM   165 C  CG  B MET A 1 25 ? -13.731 -2.197 -18.974 0.46 22.82 ? 20  MET A CG  1 
ATOM   166 S  SD  A MET A 1 25 ? -14.766 -3.241 -17.821 0.54 21.82 ? 20  MET A SD  1 
ATOM   167 S  SD  B MET A 1 25 ? -15.021 -3.461 -19.232 0.46 18.07 ? 20  MET A SD  1 
ATOM   168 C  CE  A MET A 1 25 ? -14.688 -4.261 -19.276 0.54 18.35 ? 20  MET A CE  1 
ATOM   169 C  CE  B MET A 1 25 ? -14.424 -4.668 -18.094 0.46 7.31  ? 20  MET A CE  1 
ATOM   170 N  N   A SER A 1 26 ? -8.923  -2.863 -19.207 0.54 9.89  ? 21  SER A N   1 
ATOM   171 N  N   B SER A 1 26 ? -9.252  -2.727 -19.028 0.46 13.61 ? 21  SER A N   1 
ATOM   172 C  CA  A SER A 1 26 ? -7.621  -3.491 -19.105 0.54 11.92 ? 21  SER A CA  1 
ATOM   173 C  CA  B SER A 1 26 ? -7.961  -3.411 -18.925 0.46 12.08 ? 21  SER A CA  1 
ATOM   174 C  C   A SER A 1 26 ? -6.616  -2.530 -18.505 0.54 12.69 ? 21  SER A C   1 
ATOM   175 C  C   B SER A 1 26 ? -6.831  -2.508 -18.376 0.46 11.89 ? 21  SER A C   1 
ATOM   176 O  O   A SER A 1 26 ? -5.739  -2.910 -17.709 0.54 14.44 ? 21  SER A O   1 
ATOM   177 O  O   B SER A 1 26 ? -6.050  -2.937 -17.506 0.46 10.94 ? 21  SER A O   1 
ATOM   178 C  CB  A SER A 1 26 ? -7.161  -3.977 -20.470 0.54 12.94 ? 21  SER A CB  1 
ATOM   179 C  CB  B SER A 1 26 ? -7.577  -4.091 -20.257 0.46 11.51 ? 21  SER A CB  1 
ATOM   180 O  OG  A SER A 1 26 ? -5.840  -4.433 -20.397 0.54 15.14 ? 21  SER A OG  1 
ATOM   181 O  OG  B SER A 1 26 ? -7.017  -3.176 -21.190 0.46 13.26 ? 21  SER A OG  1 
ATOM   182 N  N   . ILE A 1 27 ? -6.750  -1.262 -18.856 1.00 11.80 ? 22  ILE A N   1 
ATOM   183 C  CA  . ILE A 1 27 ? -5.829  -0.254 -18.303 1.00 11.73 ? 22  ILE A CA  1 
ATOM   184 C  C   . ILE A 1 27 ? -6.119  -0.037 -16.827 1.00 12.60 ? 22  ILE A C   1 
ATOM   185 O  O   . ILE A 1 27 ? -5.174  0.059  -16.027 1.00 13.55 ? 22  ILE A O   1 
ATOM   186 C  CB  . ILE A 1 27 ? -5.975  1.045  -19.098 1.00 12.44 ? 22  ILE A CB  1 
ATOM   187 C  CG1 . ILE A 1 27 ? -5.413  0.843  -20.522 1.00 14.09 ? 22  ILE A CG1 1 
ATOM   188 C  CG2 . ILE A 1 27 ? -5.235  2.215  -18.343 1.00 15.57 ? 22  ILE A CG2 1 
ATOM   189 C  CD1 . ILE A 1 27 ? -5.818  2.006  -21.516 1.00 17.06 ? 22  ILE A CD1 1 
ATOM   190 N  N   . ASN A 1 28 ? -7.395  0.033  -16.460 1.00 11.82 ? 23  ASN A N   1 
ATOM   191 C  CA  . ASN A 1 28 ? -7.752  0.245  -15.051 1.00 12.98 ? 23  ASN A CA  1 
ATOM   192 C  C   . ASN A 1 28 ? -7.331  -0.911 -14.175 1.00 13.30 ? 23  ASN A C   1 
ATOM   193 O  O   . ASN A 1 28 ? -6.886  -0.683 -13.029 1.00 13.23 ? 23  ASN A O   1 
ATOM   194 C  CB  . ASN A 1 28 ? -9.244  0.542  -14.910 1.00 14.52 ? 23  ASN A CB  1 
ATOM   195 C  CG  . ASN A 1 28 ? -9.599  1.918  -15.447 1.00 19.39 ? 23  ASN A CG  1 
ATOM   196 O  OD1 . ASN A 1 28 ? -8.738  2.797  -15.513 1.00 22.33 ? 23  ASN A OD1 1 
ATOM   197 N  ND2 . ASN A 1 28 ? -10.849 2.100  -15.853 1.00 22.64 ? 23  ASN A ND2 1 
ATOM   198 N  N   . ILE A 1 29 ? -7.409  -2.147 -14.662 1.00 11.51 ? 24  ILE A N   1 
ATOM   199 C  CA  . ILE A 1 29 ? -6.931  -3.277 -13.873 1.00 11.82 ? 24  ILE A CA  1 
ATOM   200 C  C   . ILE A 1 29 ? -5.422  -3.150 -13.651 1.00 13.68 ? 24  ILE A C   1 
ATOM   201 O  O   . ILE A 1 29 ? -4.947  -3.362 -12.543 1.00 13.30 ? 24  ILE A O   1 
ATOM   202 C  CB  . ILE A 1 29 ? -7.285  -4.586 -14.628 1.00 10.92 ? 24  ILE A CB  1 
ATOM   203 C  CG1 . ILE A 1 29 ? -8.784  -4.841 -14.567 1.00 12.35 ? 24  ILE A CG1 1 
ATOM   204 C  CG2 . ILE A 1 29 ? -6.468  -5.796 -14.076 1.00 14.40 ? 24  ILE A CG2 1 
ATOM   205 C  CD1 . ILE A 1 29 ? -9.268  -5.985 -15.538 1.00 13.59 ? 24  ILE A CD1 1 
ATOM   206 N  N   . GLN A 1 30 ? -4.660  -2.751 -14.664 1.00 13.64 ? 25  GLN A N   1 
ATOM   207 C  CA  . GLN A 1 30 ? -3.218  -2.547 -14.495 1.00 13.41 ? 25  GLN A CA  1 
ATOM   208 C  C   . GLN A 1 30 ? -2.936  -1.423 -13.541 1.00 14.33 ? 25  GLN A C   1 
ATOM   209 O  O   . GLN A 1 30 ? -2.003  -1.550 -12.722 1.00 15.88 ? 25  GLN A O   1 
ATOM   210 C  CB  . GLN A 1 30 ? -2.581  -2.284 -15.867 1.00 16.05 ? 25  GLN A CB  1 
ATOM   211 C  CG  . GLN A 1 30 ? -1.069  -2.137 -15.800 1.00 21.05 ? 25  GLN A CG  1 
ATOM   212 C  CD  . GLN A 1 30 ? -0.367  -3.402 -15.331 1.00 35.60 ? 25  GLN A CD  1 
ATOM   213 O  OE1 . GLN A 1 30 ? -0.871  -4.523 -15.500 1.00 35.07 ? 25  GLN A OE1 1 
ATOM   214 N  NE2 . GLN A 1 30 ? 0.815   -3.228 -14.744 1.00 41.09 ? 25  GLN A NE2 1 
ATOM   215 N  N   . LYS A 1 31 ? -3.737  -0.363 -13.569 1.00 13.21 ? 26  LYS A N   1 
ATOM   216 C  CA  . LYS A 1 31 ? -3.493  0.750  -12.632 1.00 14.56 ? 26  LYS A CA  1 
ATOM   217 C  C   . LYS A 1 31 ? -3.747  0.270  -11.209 1.00 16.12 ? 26  LYS A C   1 
ATOM   218 O  O   . LYS A 1 31 ? -3.045  0.703  -10.258 1.00 17.38 ? 26  LYS A O   1 
ATOM   219 C  CB  . LYS A 1 31 ? -4.381  1.935  -12.943 1.00 16.84 ? 26  LYS A CB  1 
ATOM   220 C  CG  . LYS A 1 31 ? -4.025  2.630  -14.248 1.00 19.18 ? 26  LYS A CG  1 
ATOM   221 C  CD  . LYS A 1 31 ? -5.035  3.715  -14.583 1.00 27.10 ? 26  LYS A CD  1 
ATOM   222 C  CE  . LYS A 1 31 ? -4.984  4.824  -13.555 1.00 40.42 ? 26  LYS A CE  1 
ATOM   223 N  NZ  . LYS A 1 31 ? -3.626  5.435  -13.577 1.00 49.86 ? 26  LYS A NZ  1 
ATOM   224 N  N   . ILE A 1 32 ? -4.750  -0.582 -11.020 1.00 13.44 ? 27  ILE A N   1 
ATOM   225 C  CA  . ILE A 1 32 ? -5.047  -1.122 -9.685  1.00 13.38 ? 27  ILE A CA  1 
ATOM   226 C  C   . ILE A 1 32 ? -3.893  -1.997 -9.207  1.00 14.48 ? 27  ILE A C   1 
ATOM   227 O  O   . ILE A 1 32 ? -3.442  -1.872 -8.040  1.00 14.49 ? 27  ILE A O   1 
ATOM   228 C  CB  . ILE A 1 32 ? -6.391  -1.906 -9.682  1.00 12.34 ? 27  ILE A CB  1 
ATOM   229 C  CG1 . ILE A 1 32 ? -7.567  -0.932 -9.847  1.00 15.36 ? 27  ILE A CG1 1 
ATOM   230 C  CG2 . ILE A 1 32 ? -6.533  -2.733 -8.374  1.00 16.52 ? 27  ILE A CG2 1 
ATOM   231 C  CD1 . ILE A 1 32 ? -8.914  -1.626 -10.239 1.00 15.61 ? 27  ILE A CD1 1 
ATOM   232 N  N   . VAL A 1 33 ? -3.365  -2.861 -10.057 1.00 14.18 ? 28  VAL A N   1 
ATOM   233 C  CA  . VAL A 1 33 ? -2.237  -3.721 -9.685  1.00 14.60 ? 28  VAL A CA  1 
ATOM   234 C  C   . VAL A 1 33 ? -1.023  -2.870 -9.305  1.00 17.92 ? 28  VAL A C   1 
ATOM   235 O  O   . VAL A 1 33 ? -0.374  -3.119 -8.258  1.00 16.96 ? 28  VAL A O   1 
ATOM   236 C  CB  . VAL A 1 33 ? -1.890  -4.669 -10.857 1.00 15.47 ? 28  VAL A CB  1 
ATOM   237 C  CG1 . VAL A 1 33 ? -0.527  -5.363 -10.581 1.00 18.23 ? 28  VAL A CG1 1 
ATOM   238 C  CG2 . VAL A 1 33 ? -2.988  -5.707 -11.040 1.00 18.49 ? 28  VAL A CG2 1 
ATOM   239 N  N   . GLU A 1 34 ? -0.735  -1.825 -10.072 1.00 16.24 ? 29  GLU A N   1 
ATOM   240 C  CA  . GLU A 1 34 ? 0.418   -0.954 -9.760  1.00 16.85 ? 29  GLU A CA  1 
ATOM   241 C  C   . GLU A 1 34 ? 0.199   -0.256 -8.417  1.00 20.22 ? 29  GLU A C   1 
ATOM   242 O  O   . GLU A 1 34 ? 1.138   -0.158 -7.604  1.00 20.21 ? 29  GLU A O   1 
ATOM   243 C  CB  . GLU A 1 34 ? 0.664   0.022  -10.915 1.00 19.98 ? 29  GLU A CB  1 
ATOM   244 C  CG  . GLU A 1 34 ? 1.071   -0.731 -12.186 1.00 26.40 ? 29  GLU A CG  1 
ATOM   245 C  CD  . GLU A 1 34 ? 1.471   0.175  -13.342 1.00 40.19 ? 29  GLU A CD  1 
ATOM   246 O  OE1 . GLU A 1 34 ? 1.600   1.402  -13.132 1.00 49.81 ? 29  GLU A OE1 1 
ATOM   247 O  OE2 . GLU A 1 34 ? 1.657   -0.359 -14.465 1.00 35.41 ? 29  GLU A OE2 1 
ATOM   248 N  N   . PHE A 1 35 ? -1.017  0.199  -8.149  1.00 16.93 ? 30  PHE A N   1 
ATOM   249 C  CA  . PHE A 1 35 ? -1.296  0.837  -6.865  1.00 17.61 ? 30  PHE A CA  1 
ATOM   250 C  C   . PHE A 1 35 ? -1.108  -0.152 -5.718  1.00 18.87 ? 30  PHE A C   1 
ATOM   251 O  O   . PHE A 1 35 ? -0.511  0.188  -4.668  1.00 18.86 ? 30  PHE A O   1 
ATOM   252 C  CB  . PHE A 1 35 ? -2.711  1.412  -6.810  1.00 18.52 ? 30  PHE A CB  1 
ATOM   253 C  CG  . PHE A 1 35 ? -3.083  1.891  -5.434  1.00 18.95 ? 30  PHE A CG  1 
ATOM   254 C  CD1 . PHE A 1 35 ? -2.627  3.114  -4.984  1.00 23.58 ? 30  PHE A CD1 1 
ATOM   255 C  CD2 . PHE A 1 35 ? -3.843  1.103  -4.589  1.00 19.97 ? 30  PHE A CD2 1 
ATOM   256 C  CE1 . PHE A 1 35 ? -2.947  3.552  -3.686  1.00 24.03 ? 30  PHE A CE1 1 
ATOM   257 C  CE2 . PHE A 1 35 ? -4.161  1.528  -3.309  1.00 22.14 ? 30  PHE A CE2 1 
ATOM   258 C  CZ  . PHE A 1 35 ? -3.721  2.771  -2.873  1.00 23.25 ? 30  PHE A CZ  1 
ATOM   259 N  N   . LEU A 1 36 ? -1.599  -1.373 -5.877  1.00 16.26 ? 31  LEU A N   1 
ATOM   260 C  CA  . LEU A 1 36 ? -1.475  -2.375 -4.819  1.00 16.46 ? 31  LEU A CA  1 
ATOM   261 C  C   . LEU A 1 36 ? -0.020  -2.689 -4.538  1.00 17.14 ? 31  LEU A C   1 
ATOM   262 O  O   . LEU A 1 36 ? 0.351   -2.870 -3.365  1.00 18.64 ? 31  LEU A O   1 
ATOM   263 C  CB  . LEU A 1 36 ? -2.257  -3.649 -5.135  1.00 15.36 ? 31  LEU A CB  1 
ATOM   264 C  CG  . LEU A 1 36 ? -3.766  -3.359 -5.078  1.00 17.46 ? 31  LEU A CG  1 
ATOM   265 C  CD1 . LEU A 1 36 ? -4.490  -4.567 -5.580  1.00 20.26 ? 31  LEU A CD1 1 
ATOM   266 C  CD2 . LEU A 1 36 ? -4.214  -2.961 -3.644  1.00 22.98 ? 31  LEU A CD2 1 
ATOM   267 N  N   . ASN A 1 37 ? 0.811   -2.740 -5.574  1.00 17.52 ? 32  ASN A N   1 
ATOM   268 C  CA  . ASN A 1 37 ? 2.241   -2.978 -5.358  1.00 20.02 ? 32  ASN A CA  1 
ATOM   269 C  C   . ASN A 1 37 ? 2.832   -1.877 -4.509  1.00 20.33 ? 32  ASN A C   1 
ATOM   270 O  O   . ASN A 1 37 ? 3.568   -2.180 -3.537  1.00 21.03 ? 32  ASN A O   1 
ATOM   271 C  CB  . ASN A 1 37 ? 2.983   -3.088 -6.692  1.00 22.46 ? 32  ASN A CB  1 
ATOM   272 C  CG  . ASN A 1 37 ? 2.665   -4.361 -7.408  1.00 28.35 ? 32  ASN A CG  1 
ATOM   273 O  OD1 . ASN A 1 37 ? 2.257   -5.353 -6.794  1.00 29.71 ? 32  ASN A OD1 1 
ATOM   274 N  ND2 . ASN A 1 37 ? 2.852   -4.357 -8.728  1.00 29.42 ? 32  ASN A ND2 1 
ATOM   275 N  N   . LYS A 1 38 ? 2.494   -0.630 -4.821  1.00 16.88 ? 33  LYS A N   1 
ATOM   276 C  CA  A LYS A 1 38 ? 3.010   0.535  -4.084  0.42 20.28 ? 33  LYS A CA  1 
ATOM   277 C  CA  B LYS A 1 38 ? 3.035   0.514  -4.078  0.58 19.80 ? 33  LYS A CA  1 
ATOM   278 C  C   . LYS A 1 38 ? 2.486   0.564  -2.656  1.00 19.70 ? 33  LYS A C   1 
ATOM   279 O  O   . LYS A 1 38 ? 3.247   0.835  -1.684  1.00 20.53 ? 33  LYS A O   1 
ATOM   280 C  CB  A LYS A 1 38 ? 2.626   1.844  -4.786  0.42 22.97 ? 33  LYS A CB  1 
ATOM   281 C  CB  B LYS A 1 38 ? 2.769   1.823  -4.825  0.58 24.27 ? 33  LYS A CB  1 
ATOM   282 C  CG  A LYS A 1 38 ? 3.759   2.478  -5.586  0.42 31.29 ? 33  LYS A CG  1 
ATOM   283 C  CG  B LYS A 1 38 ? 3.746   2.027  -5.982  0.58 31.37 ? 33  LYS A CG  1 
ATOM   284 C  CD  A LYS A 1 38 ? 4.310   1.521  -6.631  0.42 32.28 ? 33  LYS A CD  1 
ATOM   285 C  CD  B LYS A 1 38 ? 3.172   2.871  -7.104  0.58 35.86 ? 33  LYS A CD  1 
ATOM   286 C  CE  A LYS A 1 38 ? 3.375   1.399  -7.829  0.42 30.46 ? 33  LYS A CE  1 
ATOM   287 C  CE  B LYS A 1 38 ? 2.687   4.217  -6.610  0.58 37.28 ? 33  LYS A CE  1 
ATOM   288 N  NZ  A LYS A 1 38 ? 3.714   0.223  -8.671  0.42 25.36 ? 33  LYS A NZ  1 
ATOM   289 N  NZ  B LYS A 1 38 ? 2.183   5.040  -7.752  0.58 41.31 ? 33  LYS A NZ  1 
ATOM   290 N  N   . PHE A 1 39 ? 1.192   0.297  -2.507  1.00 17.90 ? 34  PHE A N   1 
ATOM   291 C  CA  . PHE A 1 39 ? 0.520   0.426  -1.212  1.00 16.30 ? 34  PHE A CA  1 
ATOM   292 C  C   . PHE A 1 39 ? 0.910   -0.710 -0.278  1.00 17.64 ? 34  PHE A C   1 
ATOM   293 O  O   . PHE A 1 39 ? 1.111   -0.483 0.943   1.00 16.88 ? 34  PHE A O   1 
ATOM   294 C  CB  . PHE A 1 39 ? -1.003  0.504  -1.431  1.00 20.44 ? 34  PHE A CB  1 
ATOM   295 C  CG  . PHE A 1 39 ? -1.804  0.606  -0.171  1.00 20.34 ? 34  PHE A CG  1 
ATOM   296 C  CD1 . PHE A 1 39 ? -1.678  1.716  0.656   1.00 26.38 ? 34  PHE A CD1 1 
ATOM   297 C  CD2 . PHE A 1 39 ? -2.694  -0.369 0.163   1.00 29.48 ? 34  PHE A CD2 1 
ATOM   298 C  CE1 . PHE A 1 39 ? -2.443  1.811  1.786   1.00 25.66 ? 34  PHE A CE1 1 
ATOM   299 C  CE2 . PHE A 1 39 ? -3.443  -0.268 1.308   1.00 37.14 ? 34  PHE A CE2 1 
ATOM   300 C  CZ  . PHE A 1 39 ? -3.301  0.823  2.108   1.00 23.74 ? 34  PHE A CZ  1 
ATOM   301 N  N   . GLU A 1 40 ? 1.083   -1.916 -0.795  1.00 16.09 ? 35  GLU A N   1 
ATOM   302 C  CA  . GLU A 1 40 ? 1.546   -3.031 0.048   1.00 15.65 ? 35  GLU A CA  1 
ATOM   303 C  C   . GLU A 1 40 ? 2.937   -2.719 0.576   1.00 18.82 ? 35  GLU A C   1 
ATOM   304 O  O   . GLU A 1 40 ? 3.209   -2.933 1.762   1.00 18.92 ? 35  GLU A O   1 
ATOM   305 C  CB  . GLU A 1 40 ? 1.548   -4.372 -0.729  1.00 20.40 ? 35  GLU A CB  1 
ATOM   306 C  CG  . GLU A 1 40 ? 1.891   -5.594 0.134   1.00 24.29 ? 35  GLU A CG  1 
ATOM   307 C  CD  . GLU A 1 40 ? 3.383   -5.772 0.367   1.00 27.43 ? 35  GLU A CD  1 
ATOM   308 O  OE1 . GLU A 1 40 ? 4.195   -5.270 -0.430  1.00 25.53 ? 35  GLU A OE1 1 
ATOM   309 O  OE2 . GLU A 1 40 ? 3.753   -6.427 1.371   1.00 31.90 ? 35  GLU A OE2 1 
ATOM   310 N  N   . LEU A 1 41 ? 3.804   -2.156 -0.267  1.00 15.94 ? 36  LEU A N   1 
ATOM   311 C  CA  . LEU A 1 41 ? 5.187   -1.854 0.140   1.00 16.72 ? 36  LEU A CA  1 
ATOM   312 C  C   . LEU A 1 41 ? 5.191   -0.751 1.183   1.00 20.79 ? 36  LEU A C   1 
ATOM   313 O  O   . LEU A 1 41 ? 5.880   -0.852 2.230   1.00 18.89 ? 36  LEU A O   1 
ATOM   314 C  CB  . LEU A 1 41 ? 6.011   -1.395 -1.079  1.00 20.81 ? 36  LEU A CB  1 
ATOM   315 C  CG  . LEU A 1 41 ? 7.464   -1.032 -0.756  1.00 26.35 ? 36  LEU A CG  1 
ATOM   316 C  CD1 . LEU A 1 41 ? 8.147   -2.232 -0.123  1.00 29.02 ? 36  LEU A CD1 1 
ATOM   317 C  CD2 . LEU A 1 41 ? 8.175   -0.591 -2.043  1.00 28.33 ? 36  LEU A CD2 1 
ATOM   318 N  N   A SER A 1 42 ? 4.443   0.306  0.903   0.59 17.18 ? 37  SER A N   1 
ATOM   319 N  N   B SER A 1 42 ? 4.435   0.313  0.947   0.41 17.70 ? 37  SER A N   1 
ATOM   320 C  CA  A SER A 1 42 ? 4.330   1.432  1.820   0.59 18.11 ? 37  SER A CA  1 
ATOM   321 C  CA  B SER A 1 42 ? 4.429   1.430  1.897   0.41 17.83 ? 37  SER A CA  1 
ATOM   322 C  C   A SER A 1 42 ? 3.870   0.968  3.199   0.59 18.62 ? 37  SER A C   1 
ATOM   323 C  C   B SER A 1 42 ? 3.793   1.071  3.245   0.41 19.38 ? 37  SER A C   1 
ATOM   324 O  O   A SER A 1 42 ? 4.494   1.301  4.228   0.59 16.33 ? 37  SER A O   1 
ATOM   325 O  O   B SER A 1 42 ? 4.214   1.577  4.300   0.41 16.95 ? 37  SER A O   1 
ATOM   326 C  CB  A SER A 1 42 ? 3.358   2.469  1.260   0.59 25.57 ? 37  SER A CB  1 
ATOM   327 C  CB  B SER A 1 42 ? 3.751   2.660  1.302   0.41 22.18 ? 37  SER A CB  1 
ATOM   328 O  OG  A SER A 1 42 ? 3.151   3.524  2.179   0.59 23.47 ? 37  SER A OG  1 
ATOM   329 O  OG  B SER A 1 42 ? 2.373   2.413  1.096   0.41 22.54 ? 37  SER A OG  1 
ATOM   330 N  N   . THR A 1 43 ? 2.783   0.208  3.224   1.00 17.29 ? 38  THR A N   1 
ATOM   331 C  CA  . THR A 1 43 ? 2.165   -0.246 4.456   1.00 14.85 ? 38  THR A CA  1 
ATOM   332 C  C   . THR A 1 43 ? 3.143   -1.128 5.220   1.00 17.57 ? 38  THR A C   1 
ATOM   333 O  O   . THR A 1 43 ? 3.330   -0.993 6.454   1.00 16.16 ? 38  THR A O   1 
ATOM   334 C  CB  . THR A 1 43 ? 0.869   -1.016 4.152   1.00 17.60 ? 38  THR A CB  1 
ATOM   335 O  OG1 . THR A 1 43 ? -0.028  -0.103 3.528   1.00 17.34 ? 38  THR A OG1 1 
ATOM   336 C  CG2 . THR A 1 43 ? 0.212   -1.561 5.455   1.00 18.44 ? 38  THR A CG2 1 
ATOM   337 N  N   . ARG A 1 44 ? 3.815   -2.026 4.517   1.00 16.05 ? 39  ARG A N   1 
ATOM   338 C  CA  . ARG A 1 44 ? 4.776   -2.928 5.137   1.00 17.22 ? 39  ARG A CA  1 
ATOM   339 C  C   . ARG A 1 44 ? 5.900   -2.119 5.772   1.00 18.05 ? 39  ARG A C   1 
ATOM   340 O  O   . ARG A 1 44 ? 6.318   -2.394 6.927   1.00 20.39 ? 39  ARG A O   1 
ATOM   341 C  CB  . ARG A 1 44 ? 5.309   -3.913 4.074   1.00 20.80 ? 39  ARG A CB  1 
ATOM   342 C  CG  . ARG A 1 44 ? 6.487   -4.761 4.513   1.00 26.49 ? 39  ARG A CG  1 
ATOM   343 C  CD  . ARG A 1 44 ? 6.533   -6.110 3.773   1.00 37.06 ? 39  ARG A CD  1 
ATOM   344 N  NE  . ARG A 1 44 ? 6.300   -5.985 2.329   1.00 39.67 ? 39  ARG A NE  1 
ATOM   345 C  CZ  . ARG A 1 44 ? 7.231   -5.628 1.447   1.00 49.46 ? 39  ARG A CZ  1 
ATOM   346 N  NH1 . ARG A 1 44 ? 8.466   -5.361 1.853   1.00 49.60 ? 39  ARG A NH1 1 
ATOM   347 N  NH2 . ARG A 1 44 ? 6.929   -5.540 0.156   1.00 48.41 ? 39  ARG A NH2 1 
ATOM   348 N  N   . ASN A 1 45 ? 6.373   -1.091 5.083   1.00 15.80 ? 40  ASN A N   1 
ATOM   349 C  CA  . ASN A 1 45 ? 7.475   -0.277 5.631   1.00 16.75 ? 40  ASN A CA  1 
ATOM   350 C  C   . ASN A 1 45 ? 7.031   0.523  6.848   1.00 17.55 ? 40  ASN A C   1 
ATOM   351 O  O   . ASN A 1 45 ? 7.797   0.656  7.830   1.00 18.08 ? 40  ASN A O   1 
ATOM   352 C  CB  . ASN A 1 45 ? 8.048   0.667  4.574   1.00 23.19 ? 40  ASN A CB  1 
ATOM   353 C  CG  . ASN A 1 45 ? 8.852   -0.077 3.502   1.00 28.03 ? 40  ASN A CG  1 
ATOM   354 O  OD1 . ASN A 1 45 ? 9.254   -1.227 3.704   1.00 34.26 ? 40  ASN A OD1 1 
ATOM   355 N  ND2 . ASN A 1 45 ? 9.087   0.580  2.370   1.00 30.04 ? 40  ASN A ND2 1 
ATOM   356 N  N   A LYS A 1 46 ? 5.812   1.062  6.814   0.48 15.27 ? 41  LYS A N   1 
ATOM   357 N  N   B LYS A 1 46 ? 5.830   1.079  6.792   0.52 15.29 ? 41  LYS A N   1 
ATOM   358 C  CA  A LYS A 1 46 ? 5.275   1.852  7.933   0.48 14.07 ? 41  LYS A CA  1 
ATOM   359 C  CA  B LYS A 1 46 ? 5.333   1.852  7.916   0.52 13.37 ? 41  LYS A CA  1 
ATOM   360 C  C   A LYS A 1 46 ? 5.024   0.995  9.170   0.48 15.69 ? 41  LYS A C   1 
ATOM   361 C  C   B LYS A 1 46 ? 5.178   0.945  9.137   0.52 16.13 ? 41  LYS A C   1 
ATOM   362 O  O   A LYS A 1 46 ? 5.209   1.447  10.320  0.48 12.01 ? 41  LYS A O   1 
ATOM   363 O  O   B LYS A 1 46 ? 5.629   1.305  10.239  0.52 15.23 ? 41  LYS A O   1 
ATOM   364 C  CB  A LYS A 1 46 ? 3.981   2.574  7.532   0.48 16.65 ? 41  LYS A CB  1 
ATOM   365 C  CB  B LYS A 1 46 ? 4.047   2.603  7.535   0.52 16.55 ? 41  LYS A CB  1 
ATOM   366 C  CG  A LYS A 1 46 ? 4.186   3.793  6.636   0.48 18.70 ? 41  LYS A CG  1 
ATOM   367 C  CG  B LYS A 1 46 ? 4.322   3.730  6.528   0.52 17.62 ? 41  LYS A CG  1 
ATOM   368 C  CD  A LYS A 1 46 ? 2.849   4.473  6.346   0.48 20.50 ? 41  LYS A CD  1 
ATOM   369 C  CD  B LYS A 1 46 ? 3.047   4.275  5.883   0.52 21.26 ? 41  LYS A CD  1 
ATOM   370 C  CE  A LYS A 1 46 ? 3.036   5.736  5.497   0.48 26.89 ? 41  LYS A CE  1 
ATOM   371 C  CE  B LYS A 1 46 ? 3.382   5.462  4.975   0.52 27.21 ? 41  LYS A CE  1 
ATOM   372 N  NZ  A LYS A 1 46 ? 3.805   5.496  4.234   0.48 30.50 ? 41  LYS A NZ  1 
ATOM   373 N  NZ  B LYS A 1 46 ? 2.203   6.036  4.263   0.52 29.35 ? 41  LYS A NZ  1 
ATOM   374 N  N   . LEU A 1 47 ? 4.607   -0.246 8.955   1.00 16.08 ? 42  LEU A N   1 
ATOM   375 C  CA  . LEU A 1 47 ? 4.465   -1.202 10.054  1.00 14.63 ? 42  LEU A CA  1 
ATOM   376 C  C   . LEU A 1 47 ? 5.841   -1.573 10.617  1.00 16.07 ? 42  LEU A C   1 
ATOM   377 O  O   . LEU A 1 47 ? 6.000   -1.646 11.856  1.00 17.32 ? 42  LEU A O   1 
ATOM   378 C  CB  . LEU A 1 47 ? 3.690   -2.438 9.584   1.00 15.95 ? 42  LEU A CB  1 
ATOM   379 C  CG  . LEU A 1 47 ? 2.227   -2.140 9.333   1.00 17.29 ? 42  LEU A CG  1 
ATOM   380 C  CD1 . LEU A 1 47 ? 1.602   -3.299 8.518   1.00 22.01 ? 42  LEU A CD1 1 
ATOM   381 C  CD2 . LEU A 1 47 ? 1.470   -1.946 10.629  1.00 21.66 ? 42  LEU A CD2 1 
ATOM   382 N  N   A SER A 1 48 ? 6.848   -1.765 9.771   0.40 16.51 ? 43  SER A N   1 
ATOM   383 N  N   B SER A 1 48 ? 6.814   -1.775 9.736   0.60 16.33 ? 43  SER A N   1 
ATOM   384 C  CA  A SER A 1 48 ? 8.189   -2.122 10.260  0.40 17.33 ? 43  SER A CA  1 
ATOM   385 C  CA  B SER A 1 48 ? 8.181   -2.078 10.138  0.60 18.60 ? 43  SER A CA  1 
ATOM   386 C  C   A SER A 1 48 ? 8.868   -0.959 10.995  0.40 18.64 ? 43  SER A C   1 
ATOM   387 C  C   B SER A 1 48 ? 8.654   -0.987 11.076  0.60 17.44 ? 43  SER A C   1 
ATOM   388 O  O   A SER A 1 48 ? 9.704   -1.159 11.898  0.40 17.45 ? 43  SER A O   1 
ATOM   389 O  O   B SER A 1 48 ? 9.132   -1.285 12.197  0.60 14.89 ? 43  SER A O   1 
ATOM   390 C  CB  A SER A 1 48 ? 9.074   -2.602 9.107   0.40 20.21 ? 43  SER A CB  1 
ATOM   391 C  CB  B SER A 1 48 ? 9.101   -2.144 8.907   0.60 18.59 ? 43  SER A CB  1 
ATOM   392 O  OG  A SER A 1 48 ? 8.584   -3.803 8.543   0.40 26.93 ? 43  SER A OG  1 
ATOM   393 O  OG  B SER A 1 48 ? 10.420  -2.514 9.283   0.60 26.01 ? 43  SER A OG  1 
ATOM   394 N  N   . ASP A 1 49 ? 8.523   0.263  10.622  1.00 15.76 ? 44  ASP A N   1 
ATOM   395 C  CA  . ASP A 1 49 ? 9.060   1.422  11.347  1.00 15.51 ? 44  ASP A CA  1 
ATOM   396 C  C   . ASP A 1 49 ? 8.391   1.538  12.714  1.00 16.67 ? 44  ASP A C   1 
ATOM   397 O  O   . ASP A 1 49 ? 9.081   1.833  13.710  1.00 15.28 ? 44  ASP A O   1 
ATOM   398 C  CB  . ASP A 1 49 ? 8.866   2.724  10.563  1.00 16.97 ? 44  ASP A CB  1 
ATOM   399 C  CG  . ASP A 1 49 ? 9.803   2.842  9.376   1.00 24.48 ? 44  ASP A CG  1 
ATOM   400 O  OD1 . ASP A 1 49 ? 10.693  1.991  9.221   1.00 23.48 ? 44  ASP A OD1 1 
ATOM   401 O  OD2 . ASP A 1 49 ? 9.611   3.787  8.580   1.00 32.87 ? 44  ASP A OD2 1 
ATOM   402 N  N   . LEU A 1 50 ? 7.078   1.339  12.800  1.00 15.62 ? 45  LEU A N   1 
ATOM   403 C  CA  . LEU A 1 50 ? 6.401   1.392  14.098  1.00 14.36 ? 45  LEU A CA  1 
ATOM   404 C  C   . LEU A 1 50 ? 6.902   0.306  15.021  1.00 14.40 ? 45  LEU A C   1 
ATOM   405 O  O   . LEU A 1 50 ? 7.171   0.561  16.218  1.00 14.39 ? 45  LEU A O   1 
ATOM   406 C  CB  . LEU A 1 50 ? 4.873   1.302  13.978  1.00 16.56 ? 45  LEU A CB  1 
ATOM   407 C  CG  . LEU A 1 50 ? 4.160   2.547  13.495  1.00 21.07 ? 45  LEU A CG  1 
ATOM   408 C  CD1 . LEU A 1 50 ? 2.710   2.213  13.112  1.00 20.67 ? 45  LEU A CD1 1 
ATOM   409 C  CD2 . LEU A 1 50 ? 4.169   3.574  14.602  1.00 24.44 ? 45  LEU A CD2 1 
ATOM   410 N  N   A ASN A 1 51 ? 7.041   -0.907 14.507  0.59 14.81 ? 46  ASN A N   1 
ATOM   411 N  N   B ASN A 1 51 ? 7.054   -0.908 14.512  0.41 14.74 ? 46  ASN A N   1 
ATOM   412 C  CA  A ASN A 1 51 ? 7.601   -1.985 15.325  0.59 15.04 ? 46  ASN A CA  1 
ATOM   413 C  CA  B ASN A 1 51 ? 7.559   -1.987 15.361  0.41 14.08 ? 46  ASN A CA  1 
ATOM   414 C  C   A ASN A 1 51 ? 8.980   -1.648 15.839  0.59 14.64 ? 46  ASN A C   1 
ATOM   415 C  C   B ASN A 1 51 ? 9.017   -1.751 15.804  0.41 14.70 ? 46  ASN A C   1 
ATOM   416 O  O   A ASN A 1 51 ? 9.277   -1.888 17.017  0.59 13.90 ? 46  ASN A O   1 
ATOM   417 O  O   B ASN A 1 51 ? 9.405   -2.154 16.905  0.41 16.15 ? 46  ASN A O   1 
ATOM   418 C  CB  A ASN A 1 51 ? 7.635   -3.290 14.529  0.59 15.38 ? 46  ASN A CB  1 
ATOM   419 C  CB  B ASN A 1 51 ? 7.385   -3.346 14.662  0.41 15.20 ? 46  ASN A CB  1 
ATOM   420 C  CG  A ASN A 1 51 ? 6.315   -3.994 14.567  0.59 15.87 ? 46  ASN A CG  1 
ATOM   421 C  CG  B ASN A 1 51 ? 7.647   -4.510 15.589  0.41 17.58 ? 46  ASN A CG  1 
ATOM   422 O  OD1 A ASN A 1 51 ? 5.650   -4.178 13.522  0.59 21.48 ? 46  ASN A OD1 1 
ATOM   423 O  OD1 B ASN A 1 51 ? 6.812   -4.846 16.423  0.41 19.51 ? 46  ASN A OD1 1 
ATOM   424 N  ND2 A ASN A 1 51 ? 5.873   -4.342 15.757  0.59 16.80 ? 46  ASN A ND2 1 
ATOM   425 N  ND2 B ASN A 1 51 ? 8.807   -5.129 15.447  0.41 23.02 ? 46  ASN A ND2 1 
ATOM   426 N  N   . GLU A 1 52 ? 9.824   -1.088 14.980  1.00 13.52 ? 47  GLU A N   1 
ATOM   427 C  CA  . GLU A 1 52 ? 11.208  -0.760 15.380  1.00 13.55 ? 47  GLU A CA  1 
ATOM   428 C  C   . GLU A 1 52 ? 11.191  0.295  16.502  1.00 13.84 ? 47  GLU A C   1 
ATOM   429 O  O   . GLU A 1 52 ? 11.920  0.195  17.510  1.00 14.58 ? 47  GLU A O   1 
ATOM   430 C  CB  . GLU A 1 52 ? 12.022  -0.234 14.202  1.00 16.64 ? 47  GLU A CB  1 
ATOM   431 C  CG  . GLU A 1 52 ? 13.425  0.080  14.582  1.00 20.21 ? 47  GLU A CG  1 
ATOM   432 C  CD  . GLU A 1 52 ? 14.269  0.570  13.420  1.00 27.95 ? 47  GLU A CD  1 
ATOM   433 O  OE1 . GLU A 1 52 ? 13.796  0.513  12.261  1.00 31.98 ? 47  GLU A OE1 1 
ATOM   434 O  OE2 . GLU A 1 52 ? 15.413  0.991  13.682  1.00 29.33 ? 47  GLU A OE2 1 
ATOM   435 N  N   . LYS A 1 53 ? 10.348  1.310  16.344  1.00 12.73 ? 48  LYS A N   1 
ATOM   436 C  CA  . LYS A 1 53 ? 10.252  2.367  17.365  1.00 11.70 ? 48  LYS A CA  1 
ATOM   437 C  C   . LYS A 1 53 ? 9.733   1.783  18.680  1.00 11.95 ? 48  LYS A C   1 
ATOM   438 O  O   . LYS A 1 53 ? 10.265  2.135  19.748  1.00 13.04 ? 48  LYS A O   1 
ATOM   439 C  CB  . LYS A 1 53 ? 9.354   3.516  16.901  1.00 14.95 ? 48  LYS A CB  1 
ATOM   440 C  CG  . LYS A 1 53 ? 9.947   4.263  15.719  1.00 16.51 ? 48  LYS A CG  1 
ATOM   441 C  CD  . LYS A 1 53 ? 8.947   5.283  15.178  1.00 20.31 ? 48  LYS A CD  1 
ATOM   442 C  CE  . LYS A 1 53 ? 9.622   6.064  14.048  1.00 20.96 ? 48  LYS A CE  1 
ATOM   443 N  NZ  . LYS A 1 53 ? 8.661   7.035  13.429  1.00 25.59 ? 48  LYS A NZ  1 
ATOM   444 N  N   . LEU A 1 54 ? 8.745   0.895  18.639  1.00 12.41 ? 49  LEU A N   1 
ATOM   445 C  CA  . LEU A 1 54 ? 8.251   0.248  19.865  1.00 12.03 ? 49  LEU A CA  1 
ATOM   446 C  C   . LEU A 1 54 ? 9.343   -0.595 20.506  1.00 13.53 ? 49  LEU A C   1 
ATOM   447 O  O   . LEU A 1 54 ? 9.451   -0.637 21.755  1.00 13.06 ? 49  LEU A O   1 
ATOM   448 C  CB  . LEU A 1 54 ? 7.039   -0.621 19.522  1.00 14.99 ? 49  LEU A CB  1 
ATOM   449 C  CG  . LEU A 1 54 ? 6.428   -1.406 20.646  1.00 22.51 ? 49  LEU A CG  1 
ATOM   450 C  CD1 . LEU A 1 54 ? 5.805   -0.437 21.619  1.00 27.55 ? 49  LEU A CD1 1 
ATOM   451 C  CD2 . LEU A 1 54 ? 5.385   -2.338 20.006  1.00 27.04 ? 49  LEU A CD2 1 
ATOM   452 N  N   . THR A 1 55 ? 10.142  -1.298 19.707  1.00 12.09 ? 50  THR A N   1 
ATOM   453 C  CA  . THR A 1 55 ? 11.221  -2.128 20.260  1.00 13.04 ? 50  THR A CA  1 
ATOM   454 C  C   . THR A 1 55 ? 12.271  -1.260 20.974  1.00 12.30 ? 50  THR A C   1 
ATOM   455 O  O   . THR A 1 55 ? 12.744  -1.600 22.075  1.00 12.55 ? 50  THR A O   1 
ATOM   456 C  CB  . THR A 1 55 ? 11.866  -2.930 19.140  1.00 15.98 ? 50  THR A CB  1 
ATOM   457 O  OG1 . THR A 1 55 ? 10.881  -3.813 18.572  1.00 18.15 ? 50  THR A OG1 1 
ATOM   458 C  CG2 . THR A 1 55 ? 13.037  -3.752 19.667  1.00 19.82 ? 50  THR A CG2 1 
ATOM   459 N  N   . ILE A 1 56 ? 12.595  -0.097 20.413  1.00 12.10 ? 51  ILE A N   1 
ATOM   460 C  CA  . ILE A 1 56 ? 13.544  0.797  21.050  1.00 11.74 ? 51  ILE A CA  1 
ATOM   461 C  C   . ILE A 1 56 ? 12.950  1.336  22.371  1.00 11.27 ? 51  ILE A C   1 
ATOM   462 O  O   . ILE A 1 56 ? 13.632  1.379  23.423  1.00 11.51 ? 51  ILE A O   1 
ATOM   463 C  CB  . ILE A 1 56 ? 13.861  1.978  20.114  1.00 12.65 ? 51  ILE A CB  1 
ATOM   464 C  CG1 . ILE A 1 56 ? 14.682  1.470  18.937  1.00 15.83 ? 51  ILE A CG1 1 
ATOM   465 C  CG2 . ILE A 1 56 ? 14.641  3.055  20.868  1.00 13.59 ? 51  ILE A CG2 1 
ATOM   466 C  CD1 . ILE A 1 56 ? 14.774  2.495  17.780  1.00 18.70 ? 51  ILE A CD1 1 
ATOM   467 N  N   . LEU A 1 57 ? 11.681  1.774  22.343  1.00 10.81 ? 52  LEU A N   1 
ATOM   468 C  CA  . LEU A 1 57 ? 11.083  2.290  23.573  1.00 10.91 ? 52  LEU A CA  1 
ATOM   469 C  C   . LEU A 1 57 ? 10.967  1.183  24.657  1.00 9.93  ? 52  LEU A C   1 
ATOM   470 O  O   . LEU A 1 57 ? 11.196  1.456  25.860  1.00 10.55 ? 52  LEU A O   1 
ATOM   471 C  CB  . LEU A 1 57 ? 9.720   2.934  23.267  1.00 11.58 ? 52  LEU A CB  1 
ATOM   472 C  CG  . LEU A 1 57 ? 9.088   3.699  24.440  1.00 11.24 ? 52  LEU A CG  1 
ATOM   473 C  CD1 . LEU A 1 57 ? 9.953   4.882  24.821  1.00 14.18 ? 52  LEU A CD1 1 
ATOM   474 C  CD2 . LEU A 1 57 ? 7.688   4.208  24.010  1.00 14.62 ? 52  LEU A CD2 1 
ATOM   475 N  N   . ASP A 1 58 ? 10.676  -0.051 24.260  1.00 10.95 ? 53  ASP A N   1 
ATOM   476 C  CA  . ASP A 1 58 ? 10.593  -1.181 25.205  1.00 11.12 ? 53  ASP A CA  1 
ATOM   477 C  C   . ASP A 1 58 ? 11.945  -1.368 25.898  1.00 11.71 ? 53  ASP A C   1 
ATOM   478 O  O   . ASP A 1 58 ? 11.995  -1.569 27.113  1.00 11.71 ? 53  ASP A O   1 
ATOM   479 C  CB  . ASP A 1 58 ? 10.199  -2.437 24.416  1.00 12.40 ? 53  ASP A CB  1 
ATOM   480 C  CG  . ASP A 1 58 ? 10.126  -3.690 25.275  1.00 12.83 ? 53  ASP A CG  1 
ATOM   481 O  OD1 . ASP A 1 58 ? 9.120   -3.800 26.033  1.00 13.59 ? 53  ASP A OD1 1 
ATOM   482 O  OD2 . ASP A 1 58 ? 11.073  -4.500 25.171  1.00 14.07 ? 53  ASP A OD2 1 
ATOM   483 N  N   . ARG A 1 59 ? 13.033  -1.271 25.131  1.00 11.18 ? 54  ARG A N   1 
ATOM   484 C  CA  . ARG A 1 59 ? 14.362  -1.438 25.732  1.00 12.00 ? 54  ARG A CA  1 
ATOM   485 C  C   . ARG A 1 59 ? 14.644  -0.325 26.747  1.00 11.31 ? 54  ARG A C   1 
ATOM   486 O  O   . ARG A 1 59 ? 15.188  -0.528 27.837  1.00 12.98 ? 54  ARG A O   1 
ATOM   487 C  CB  . ARG A 1 59 ? 15.451  -1.461 24.675  1.00 14.27 ? 54  ARG A CB  1 
ATOM   488 C  CG  . ARG A 1 59 ? 15.436  -2.685 23.790  1.00 25.17 ? 54  ARG A CG  1 
ATOM   489 C  CD  . ARG A 1 59 ? 16.801  -2.848 23.091  1.00 37.75 ? 54  ARG A CD  1 
ATOM   490 N  NE  . ARG A 1 59 ? 16.926  -1.946 21.955  1.00 42.71 ? 54  ARG A NE  1 
ATOM   491 C  CZ  . ARG A 1 59 ? 16.657  -2.303 20.705  1.00 47.18 ? 54  ARG A CZ  1 
ATOM   492 N  NH1 . ARG A 1 59 ? 16.277  -3.547 20.442  1.00 53.15 ? 54  ARG A NH1 1 
ATOM   493 N  NH2 . ARG A 1 59 ? 16.783  -1.428 19.721  1.00 49.14 ? 54  ARG A NH2 1 
ATOM   494 N  N   . GLN A 1 60 ? 14.257  0.902  26.386  1.00 10.77 ? 55  GLN A N   1 
ATOM   495 C  CA  . GLN A 1 60 ? 14.446  2.042  27.271  1.00 10.62 ? 55  GLN A CA  1 
ATOM   496 C  C   . GLN A 1 60 ? 13.664  1.866  28.571  1.00 10.77 ? 55  GLN A C   1 
ATOM   497 O  O   . GLN A 1 60 ? 14.184  2.132  29.657  1.00 13.16 ? 55  GLN A O   1 
ATOM   498 C  CB  . GLN A 1 60 ? 14.041  3.314  26.496  1.00 15.74 ? 55  GLN A CB  1 
ATOM   499 C  CG  . GLN A 1 60 ? 14.202  4.584  27.217  1.00 16.87 ? 55  GLN A CG  1 
ATOM   500 C  CD  . GLN A 1 60 ? 13.901  5.811  26.331  1.00 14.54 ? 55  GLN A CD  1 
ATOM   501 O  OE1 . GLN A 1 60 ? 13.597  5.705  25.128  1.00 17.05 ? 55  GLN A OE1 1 
ATOM   502 N  NE2 . GLN A 1 60 ? 13.942  6.957  26.958  1.00 18.91 ? 55  GLN A NE2 1 
ATOM   503 N  N   . VAL A 1 61 ? 12.435  1.363  28.494  1.00 10.92 ? 56  VAL A N   1 
ATOM   504 C  CA  . VAL A 1 61 ? 11.629  1.158  29.679  1.00 11.76 ? 56  VAL A CA  1 
ATOM   505 C  C   . VAL A 1 61 ? 12.207  0.037  30.543  1.00 10.27 ? 56  VAL A C   1 
ATOM   506 O  O   . VAL A 1 61 ? 12.295  0.180  31.788  1.00 12.33 ? 56  VAL A O   1 
ATOM   507 C  CB  . VAL A 1 61 ? 10.148  0.830  29.272  1.00 10.91 ? 56  VAL A CB  1 
ATOM   508 C  CG1 . VAL A 1 61 ? 9.313   0.396  30.433  1.00 12.86 ? 56  VAL A CG1 1 
ATOM   509 C  CG2 . VAL A 1 61 ? 9.509   2.070  28.633  1.00 11.68 ? 56  VAL A CG2 1 
ATOM   510 N  N   . ASP A 1 62 ? 12.636  -1.059 29.925  1.00 11.44 ? 57  ASP A N   1 
ATOM   511 C  CA  . ASP A 1 62 ? 13.226  -2.151 30.712  1.00 10.99 ? 57  ASP A CA  1 
ATOM   512 C  C   . ASP A 1 62 ? 14.491  -1.701 31.418  1.00 13.26 ? 57  ASP A C   1 
ATOM   513 O  O   . ASP A 1 62 ? 14.732  -2.138 32.552  1.00 13.17 ? 57  ASP A O   1 
ATOM   514 C  CB  . ASP A 1 62 ? 13.537  -3.336 29.802  1.00 11.42 ? 57  ASP A CB  1 
ATOM   515 C  CG  . ASP A 1 62 ? 12.356  -4.315 29.665  1.00 10.66 ? 57  ASP A CG  1 
ATOM   516 O  OD1 . ASP A 1 62 ? 11.449  -4.365 30.529  1.00 11.40 ? 57  ASP A OD1 1 
ATOM   517 O  OD2 . ASP A 1 62 ? 12.403  -5.067 28.686  1.00 13.08 ? 57  ASP A OD2 1 
ATOM   518 N  N   . TYR A 1 63 ? 15.282  -0.842 30.774  1.00 11.93 ? 58  TYR A N   1 
ATOM   519 C  CA  . TYR A 1 63 ? 16.514  -0.375 31.434  1.00 14.22 ? 58  TYR A CA  1 
ATOM   520 C  C   . TYR A 1 63 ? 16.191  0.537  32.589  1.00 15.29 ? 58  TYR A C   1 
ATOM   521 O  O   . TYR A 1 63 ? 16.849  0.484  33.650  1.00 15.32 ? 58  TYR A O   1 
ATOM   522 C  CB  . TYR A 1 63 ? 17.427  0.320  30.422  1.00 18.61 ? 58  TYR A CB  1 
ATOM   523 C  CG  . TYR A 1 63 ? 18.779  0.731  30.977  1.00 31.74 ? 58  TYR A CG  1 
ATOM   524 C  CD1 . TYR A 1 63 ? 19.805  -0.190 31.098  1.00 41.17 ? 58  TYR A CD1 1 
ATOM   525 C  CD2 . TYR A 1 63 ? 19.021  2.039  31.358  1.00 36.03 ? 58  TYR A CD2 1 
ATOM   526 C  CE1 . TYR A 1 63 ? 21.044  0.182  31.597  1.00 50.05 ? 58  TYR A CE1 1 
ATOM   527 C  CE2 . TYR A 1 63 ? 20.260  2.426  31.863  1.00 41.96 ? 58  TYR A CE2 1 
ATOM   528 C  CZ  . TYR A 1 63 ? 21.263  1.491  31.980  1.00 54.64 ? 58  TYR A CZ  1 
ATOM   529 O  OH  . TYR A 1 63 ? 22.494  1.862  32.480  1.00 66.12 ? 58  TYR A OH  1 
ATOM   530 N  N   . LEU A 1 64 ? 15.173  1.380  32.431  1.00 14.88 ? 59  LEU A N   1 
ATOM   531 C  CA  . LEU A 1 64 ? 14.776  2.287  33.496  1.00 17.22 ? 59  LEU A CA  1 
ATOM   532 C  C   . LEU A 1 64 ? 14.291  1.469  34.686  1.00 17.03 ? 59  LEU A C   1 
ATOM   533 O  O   . LEU A 1 64 ? 14.626  1.775  35.832  1.00 19.92 ? 59  LEU A O   1 
ATOM   534 C  CB  . LEU A 1 64 ? 13.715  3.256  32.936  1.00 19.75 ? 59  LEU A CB  1 
ATOM   535 C  CG  . LEU A 1 64 ? 13.200  4.395  33.768  1.00 25.53 ? 59  LEU A CG  1 
ATOM   536 C  CD1 . LEU A 1 64 ? 14.335  5.278  34.186  1.00 25.97 ? 59  LEU A CD1 1 
ATOM   537 C  CD2 . LEU A 1 64 ? 12.219  5.155  32.880  1.00 26.35 ? 59  LEU A CD2 1 
ATOM   538 N  N   A GLU A 1 65 ? 13.533  0.400  34.436  0.54 16.05 ? 60  GLU A N   1 
ATOM   539 N  N   B GLU A 1 65 ? 13.581  0.392  34.418  0.46 16.62 ? 60  GLU A N   1 
ATOM   540 C  CA  A GLU A 1 65 ? 13.060  -0.498 35.481  0.54 17.47 ? 60  GLU A CA  1 
ATOM   541 C  CA  B GLU A 1 65 ? 13.041  -0.445 35.449  0.46 16.38 ? 60  GLU A CA  1 
ATOM   542 C  C   A GLU A 1 65 ? 14.219  -1.058 36.247  0.54 20.23 ? 60  GLU A C   1 
ATOM   543 C  C   B GLU A 1 65 ? 14.125  -1.208 36.215  0.46 19.13 ? 60  GLU A C   1 
ATOM   544 O  O   A GLU A 1 65 ? 14.228  -1.017 37.482  0.54 21.84 ? 60  GLU A O   1 
ATOM   545 O  O   B GLU A 1 65 ? 14.005  -1.429 37.435  0.46 24.18 ? 60  GLU A O   1 
ATOM   546 C  CB  A GLU A 1 65 ? 12.263  -1.691 34.912  0.54 19.34 ? 60  GLU A CB  1 
ATOM   547 C  CB  B GLU A 1 65 ? 12.041  -1.407 34.822  0.46 19.19 ? 60  GLU A CB  1 
ATOM   548 C  CG  A GLU A 1 65 ? 10.851  -1.359 34.496  0.54 21.11 ? 60  GLU A CG  1 
ATOM   549 C  CG  B GLU A 1 65 ? 11.538  -2.413 35.775  0.46 16.07 ? 60  GLU A CG  1 
ATOM   550 C  CD  A GLU A 1 65 ? 10.072  -2.568 34.014  0.54 16.50 ? 60  GLU A CD  1 
ATOM   551 C  CD  B GLU A 1 65 ? 10.544  -3.344 35.143  0.46 18.67 ? 60  GLU A CD  1 
ATOM   552 O  OE1 A GLU A 1 65 ? 10.692  -3.577 33.611  0.54 13.13 ? 60  GLU A OE1 1 
ATOM   553 O  OE1 B GLU A 1 65 ? 10.721  -3.676 33.952  0.46 18.45 ? 60  GLU A OE1 1 
ATOM   554 O  OE2 A GLU A 1 65 ? 8.827   -2.500 33.982  0.54 20.81 ? 60  GLU A OE2 1 
ATOM   555 O  OE2 B GLU A 1 65 ? 9.580   -3.747 35.833  0.46 25.91 ? 60  GLU A OE2 1 
ATOM   556 N  N   . ALA A 1 66 ? 15.187  -1.598 35.512  1.00 16.90 ? 61  ALA A N   1 
ATOM   557 C  CA  . ALA A 1 66 ? 16.334  -2.261 36.129  1.00 20.47 ? 61  ALA A CA  1 
ATOM   558 C  C   . ALA A 1 66 ? 17.110  -1.249 36.982  1.00 28.26 ? 61  ALA A C   1 
ATOM   559 O  O   . ALA A 1 66 ? 17.558  -1.579 38.091  1.00 30.62 ? 61  ALA A O   1 
ATOM   560 C  CB  . ALA A 1 66 ? 17.230  -2.887 35.063  1.00 20.78 ? 61  ALA A CB  1 
ATOM   561 N  N   . THR A 1 67 ? 17.259  -0.018 36.484  1.00 21.35 ? 62  THR A N   1 
ATOM   562 C  CA  . THR A 1 67 ? 18.014  1.017  37.226  1.00 23.69 ? 62  THR A CA  1 
ATOM   563 C  C   . THR A 1 67 ? 17.294  1.443  38.486  1.00 29.94 ? 62  THR A C   1 
ATOM   564 O  O   . THR A 1 67 ? 17.934  1.698  39.528  1.00 33.44 ? 62  THR A O   1 
ATOM   565 C  CB  . THR A 1 67 ? 18.217  2.280  36.357  1.00 32.73 ? 62  THR A CB  1 
ATOM   566 O  OG1 . THR A 1 67 ? 18.903  1.929  35.151  1.00 38.55 ? 62  THR A OG1 1 
ATOM   567 C  CG2 . THR A 1 67 ? 19.041  3.308  37.118  1.00 49.06 ? 62  THR A CG2 1 
ATOM   568 N  N   . PHE A 1 68 ? 15.974  1.534  38.418  1.00 32.59 ? 63  PHE A N   1 
ATOM   569 C  CA  . PHE A 1 68 ? 15.185  1.889  39.595  1.00 40.39 ? 63  PHE A CA  1 
ATOM   570 C  C   . PHE A 1 68 ? 15.132  0.778  40.635  1.00 43.28 ? 63  PHE A C   1 
ATOM   571 O  O   . PHE A 1 68 ? 15.328  1.027  41.831  1.00 46.57 ? 63  PHE A O   1 
ATOM   572 C  CB  . PHE A 1 68 ? 13.759  2.276  39.213  1.00 45.71 ? 63  PHE A CB  1 
ATOM   573 C  CG  . PHE A 1 68 ? 12.849  2.415  40.394  1.00 49.50 ? 63  PHE A CG  1 
ATOM   574 C  CD1 . PHE A 1 68 ? 12.859  3.577  41.158  1.00 50.82 ? 63  PHE A CD1 1 
ATOM   575 C  CD2 . PHE A 1 68 ? 12.001  1.379  40.759  1.00 47.44 ? 63  PHE A CD2 1 
ATOM   576 C  CE1 . PHE A 1 68 ? 12.027  3.707  42.256  1.00 47.17 ? 63  PHE A CE1 1 
ATOM   577 C  CE2 . PHE A 1 68 ? 11.170  1.501  41.858  1.00 49.93 ? 63  PHE A CE2 1 
ATOM   578 C  CZ  . PHE A 1 68 ? 11.180  2.668  42.606  1.00 45.52 ? 63  PHE A CZ  1 
ATOM   579 N  N   . LYS A 1 69 ? 14.845  -0.442 40.185  1.00 36.10 ? 64  LYS A N   1 
ATOM   580 C  CA  . LYS A 1 69 ? 14.670  -1.576 41.091  1.00 39.31 ? 64  LYS A CA  1 
ATOM   581 C  C   . LYS A 1 69 ? 15.971  -1.928 41.822  1.00 49.18 ? 64  LYS A C   1 
ATOM   582 O  O   . LYS A 1 69 ? 15.946  -2.493 42.922  1.00 48.72 ? 64  LYS A O   1 
ATOM   583 C  CB  . LYS A 1 69 ? 14.124  -2.803 40.348  1.00 34.49 ? 64  LYS A CB  1 
ATOM   584 C  CG  . LYS A 1 69 ? 12.651  -2.695 39.924  1.00 35.32 ? 64  LYS A CG  1 
ATOM   585 C  CD  . LYS A 1 69 ? 12.214  -3.898 39.092  1.00 35.01 ? 64  LYS A CD  1 
ATOM   586 C  CE  . LYS A 1 69 ? 10.696  -4.081 39.061  1.00 38.03 ? 64  LYS A CE  1 
ATOM   587 N  NZ  . LYS A 1 69 ? 10.313  -5.309 38.268  1.00 47.88 ? 64  LYS A NZ  1 
ATOM   588 N  N   . THR A 1 70 ? 17.104  -1.593 41.215  1.00 48.10 ? 65  THR A N   1 
ATOM   589 C  CA  . THR A 1 70 ? 18.399  -1.886 41.825  1.00 47.60 ? 65  THR A CA  1 
ATOM   590 C  C   . THR A 1 70 ? 18.874  -0.707 42.665  1.00 54.06 ? 65  THR A C   1 
ATOM   591 O  O   . THR A 1 70 ? 18.058  0.051  43.199  1.00 57.29 ? 65  THR A O   1 
ATOM   592 C  CB  . THR A 1 70 ? 19.464  -2.247 40.766  1.00 49.49 ? 65  THR A CB  1 
ATOM   593 O  OG1 . THR A 1 70 ? 19.658  -1.140 39.875  1.00 60.47 ? 65  THR A OG1 1 
ATOM   594 C  CG2 . THR A 1 70 ? 19.022  -3.474 39.959  1.00 40.07 ? 65  THR A CG2 1 
HETATM 595 C  C1  . MPD B 2 .  ? 11.315  5.375  20.847  1.00 22.39 ? 69  MPD A C1  1 
HETATM 596 C  C2  . MPD B 2 .  ? 11.197  6.523  19.859  1.00 16.57 ? 69  MPD A C2  1 
HETATM 597 O  O2  . MPD B 2 .  ? 11.777  7.668  20.509  1.00 15.53 ? 69  MPD A O2  1 
HETATM 598 C  CM  . MPD B 2 .  ? 12.045  6.180  18.640  1.00 18.62 ? 69  MPD A CM  1 
HETATM 599 C  C3  . MPD B 2 .  ? 9.747   6.883  19.469  1.00 19.49 ? 69  MPD A C3  1 
HETATM 600 C  C4  . MPD B 2 .  ? 9.601   8.261  18.858  1.00 22.90 ? 69  MPD A C4  1 
HETATM 601 O  O4  . MPD B 2 .  ? 9.774   8.175  17.437  1.00 31.85 ? 69  MPD A O4  1 
HETATM 602 C  C5  . MPD B 2 .  ? 8.200   8.795  19.122  1.00 31.23 ? 69  MPD A C5  1 
HETATM 603 C  C1  . MRD C 3 .  ? -5.520  4.002  -9.536  1.00 57.06 ? 70  MRD A C1  1 
HETATM 604 C  C2  . MRD C 3 .  ? -6.241  3.705  -8.225  1.00 55.80 ? 70  MRD A C2  1 
HETATM 605 O  O2  . MRD C 3 .  ? -7.647  3.954  -8.455  1.00 56.96 ? 70  MRD A O2  1 
HETATM 606 C  CM  . MRD C 3 .  ? -6.057  2.244  -7.838  1.00 50.65 ? 70  MRD A CM  1 
HETATM 607 C  C3  . MRD C 3 .  ? -5.719  4.623  -7.121  1.00 55.81 ? 70  MRD A C3  1 
HETATM 608 C  C4  . MRD C 3 .  ? -6.665  4.839  -5.934  1.00 53.90 ? 70  MRD A C4  1 
HETATM 609 O  O4  . MRD C 3 .  ? -6.912  3.610  -5.287  1.00 58.50 ? 70  MRD A O4  1 
HETATM 610 C  C5  . MRD C 3 .  ? -7.989  5.502  -6.309  1.00 43.67 ? 70  MRD A C5  1 
HETATM 611 CA CA  . CA  D 4 .  ? -9.248  1.379  -29.572 0.84 9.25  ? 71  CA  A CA  1 
HETATM 612 CA CA  . CA  E 4 .  ? -7.847  2.882  -26.387 0.82 10.13 ? 72  CA  A CA  1 
HETATM 613 O  O   . HOH F 5 .  ? -10.411 9.335  -26.796 1.00 40.72 ? 73  HOH A O   1 
HETATM 614 O  O   . HOH F 5 .  ? 14.093  1.661  9.758   1.00 38.18 ? 74  HOH A O   1 
HETATM 615 O  O   . HOH F 5 .  ? -14.786 -1.914 -38.744 1.00 54.28 ? 75  HOH A O   1 
HETATM 616 O  O   . HOH F 5 .  ? 6.447   3.797  3.736   1.00 50.08 ? 76  HOH A O   1 
HETATM 617 O  O   . HOH F 5 .  ? 10.492  -5.835 9.419   1.00 52.38 ? 77  HOH A O   1 
HETATM 618 O  O   . HOH F 5 .  ? 1.457   3.936  -1.469  1.00 46.98 ? 78  HOH A O   1 
HETATM 619 O  O   . HOH F 5 .  ? 7.809   8.759  15.528  1.00 28.36 ? 79  HOH A O   1 
HETATM 620 O  O   . HOH F 5 .  ? -1.694  -4.299 -19.443 1.00 53.85 ? 80  HOH A O   1 
HETATM 621 O  O   . HOH F 5 .  ? 10.964  0.465  6.853   1.00 44.91 ? 81  HOH A O   1 
HETATM 622 O  O   . HOH F 5 .  ? 9.801   7.186  10.425  1.00 55.31 ? 82  HOH A O   1 
HETATM 623 O  O   . HOH F 5 .  ? -7.714  -7.319 -27.945 1.00 57.90 ? 83  HOH A O   1 
HETATM 624 O  O   . HOH F 5 .  ? 12.053  -6.525 34.743  1.00 18.77 ? 84  HOH A O   1 
HETATM 625 O  O   . HOH F 5 .  ? 13.704  -2.672 11.356  1.00 54.44 ? 85  HOH A O   1 
HETATM 626 O  O   . HOH F 5 .  ? 13.708  -4.776 32.892  1.00 14.83 ? 86  HOH A O   1 
HETATM 627 O  O   . HOH F 5 .  ? 10.856  -6.766 26.671  1.00 12.40 ? 87  HOH A O   1 
HETATM 628 O  O   . HOH F 5 .  ? 12.012  -0.483 10.184  1.00 45.09 ? 88  HOH A O   1 
HETATM 629 O  O   . HOH F 5 .  ? -22.104 3.101  -28.309 1.00 59.60 ? 89  HOH A O   1 
HETATM 630 O  O   . HOH F 5 .  ? 10.008  -5.222 4.597   1.00 53.78 ? 90  HOH A O   1 
HETATM 631 O  O   . HOH F 5 .  ? -1.137  5.663  -1.162  1.00 54.50 ? 91  HOH A O   1 
HETATM 632 O  O   . HOH F 5 .  ? -21.248 2.613  -39.591 1.00 33.29 ? 92  HOH A O   1 
HETATM 633 O  O   . HOH F 5 .  ? 6.927   1.804  -4.768  1.00 47.93 ? 93  HOH A O   1 
HETATM 634 O  O   . HOH F 5 .  ? 7.215   5.534  5.396   1.00 52.65 ? 94  HOH A O   1 
HETATM 635 O  O   . HOH F 5 .  ? 22.177  5.185  33.410  1.00 56.12 ? 95  HOH A O   1 
HETATM 636 O  O   . HOH F 5 .  ? -20.264 -0.088 -40.722 1.00 52.24 ? 96  HOH A O   1 
HETATM 637 O  O   . HOH F 5 .  ? -2.542  -4.650 -23.174 1.00 53.47 ? 97  HOH A O   1 
HETATM 638 O  O   . HOH F 5 .  ? 8.989   -4.914 28.396  1.00 12.01 ? 98  HOH A O   1 
HETATM 639 O  O   . HOH F 5 .  ? 13.683  -4.759 26.335  1.00 18.15 ? 99  HOH A O   1 
HETATM 640 O  O   . HOH F 5 .  ? 12.747  -4.357 23.030  1.00 21.57 ? 100 HOH A O   1 
HETATM 641 O  O   . HOH F 5 .  ? 8.088   -8.968 7.857   1.00 57.40 ? 101 HOH A O   1 
HETATM 642 O  O   . HOH F 5 .  ? 4.000   -6.037 16.257  1.00 28.17 ? 102 HOH A O   1 
HETATM 643 O  O   . HOH F 5 .  ? -14.491 6.245  -25.618 1.00 52.40 ? 103 HOH A O   1 
HETATM 644 O  O   . HOH F 5 .  ? -2.414  -6.325 -25.159 1.00 56.31 ? 104 HOH A O   1 
HETATM 645 O  O   . HOH F 5 .  ? 5.407   4.304  10.601  1.00 24.92 ? 105 HOH A O   1 
HETATM 646 O  O   . HOH F 5 .  ? -8.372  4.446  -10.822 1.00 57.15 ? 106 HOH A O   1 
HETATM 647 O  O   . HOH F 5 .  ? -21.598 8.488  -35.120 1.00 42.71 ? 107 HOH A O   1 
HETATM 648 O  O   . HOH F 5 .  ? -14.185 4.433  -22.798 1.00 54.85 ? 108 HOH A O   1 
HETATM 649 O  O   . HOH F 5 .  ? 2.013   -4.745 3.492   1.00 45.76 ? 109 HOH A O   1 
HETATM 650 O  O   . HOH F 5 .  ? 7.735   -4.226 18.161  1.00 38.00 ? 110 HOH A O   1 
HETATM 651 O  O   . HOH F 5 .  ? -9.611  4.051  -12.708 1.00 56.05 ? 111 HOH A O   1 
HETATM 652 O  O   . HOH F 5 .  ? -12.283 4.661  -17.164 1.00 42.16 ? 112 HOH A O   1 
HETATM 653 O  O   . HOH F 5 .  ? 0.657   5.973  -2.781  1.00 56.97 ? 113 HOH A O   1 
HETATM 654 O  O   . HOH F 5 .  ? -11.641 1.249  -30.158 1.00 13.03 ? 114 HOH A O   1 
HETATM 655 O  O   . HOH F 5 .  ? 17.944  2.978  42.912  1.00 30.00 ? 115 HOH A O   1 
HETATM 656 O  O   . HOH F 5 .  ? -5.055  -5.645 -17.481 1.00 20.29 ? 116 HOH A O   1 
HETATM 657 O  O   . HOH F 5 .  ? 14.780  -5.641 22.195  1.00 30.00 ? 117 HOH A O   1 
HETATM 658 O  O   . HOH F 5 .  ? -14.204 1.156  -18.905 1.00 25.95 ? 118 HOH A O   1 
HETATM 659 O  O   . HOH F 5 .  ? -12.974 0.196  -16.258 1.00 25.34 ? 119 HOH A O   1 
HETATM 660 O  O   . HOH F 5 .  ? 17.000  -2.570 28.183  1.00 28.19 ? 120 HOH A O   1 
HETATM 661 O  O   . HOH F 5 .  ? 4.622   -4.653 -3.025  1.00 27.21 ? 121 HOH A O   1 
HETATM 662 O  O   . HOH F 5 .  ? -16.100 1.336  -16.791 1.00 32.49 ? 122 HOH A O   1 
HETATM 663 O  O   . HOH F 5 .  ? 16.232  4.055  30.158  1.00 23.54 ? 123 HOH A O   1 
HETATM 664 O  O   . HOH F 5 .  ? 10.654  -3.735 12.619  1.00 28.76 ? 124 HOH A O   1 
HETATM 665 O  O   . HOH F 5 .  ? 19.239  -1.565 27.066  1.00 57.97 ? 125 HOH A O   1 
HETATM 666 O  O   . HOH F 5 .  ? -11.908 0.490  -32.797 1.00 16.42 ? 126 HOH A O   1 
HETATM 667 O  O   . HOH F 5 .  ? -24.076 2.649  -39.529 1.00 38.54 ? 127 HOH A O   1 
HETATM 668 O  O   . HOH F 5 .  ? -15.124 9.992  -31.349 1.00 40.93 ? 128 HOH A O   1 
HETATM 669 O  O   . HOH F 5 .  ? -24.949 2.888  -28.357 1.00 66.23 ? 129 HOH A O   1 
HETATM 670 O  O   . HOH F 5 .  ? -5.649  -1.059 -25.814 1.00 18.78 ? 130 HOH A O   1 
HETATM 671 O  O   . HOH F 5 .  ? -5.724  -1.738 -23.361 1.00 31.82 ? 131 HOH A O   1 
HETATM 672 O  O   . HOH F 5 .  ? -10.923 5.432  -23.980 1.00 27.75 ? 132 HOH A O   1 
HETATM 673 O  O   . HOH F 5 .  ? -9.550  7.061  -26.332 1.00 29.03 ? 133 HOH A O   1 
HETATM 674 O  O   . HOH F 5 .  ? -8.462  4.586  -17.727 1.00 49.29 ? 134 HOH A O   1 
HETATM 675 O  O   . HOH F 5 .  ? -0.146  3.358  -12.354 1.00 51.19 ? 135 HOH A O   1 
HETATM 676 O  O   . HOH F 5 .  ? -1.800  3.201  -10.261 1.00 26.31 ? 136 HOH A O   1 
HETATM 677 O  O   . HOH F 5 .  ? 3.959   1.269  -15.429 1.00 61.59 ? 137 HOH A O   1 
HETATM 678 O  O   . HOH F 5 .  ? 11.362  0.136  0.341   1.00 46.62 ? 138 HOH A O   1 
HETATM 679 O  O   . HOH F 5 .  ? 8.119   3.096  2.024   1.00 43.05 ? 139 HOH A O   1 
HETATM 680 O  O   . HOH F 5 .  ? 0.321   6.789  6.272   1.00 39.74 ? 140 HOH A O   1 
HETATM 681 O  O   . HOH F 5 .  ? 7.456   5.308  8.888   1.00 39.83 ? 141 HOH A O   1 
HETATM 682 O  O   . HOH F 5 .  ? -2.797  -6.201 -15.960 1.00 38.49 ? 142 HOH A O   1 
HETATM 683 O  O   . HOH F 5 .  ? 5.573   2.275  -2.032  1.00 32.92 ? 143 HOH A O   1 
HETATM 684 O  O   . HOH F 5 .  ? 0.218   2.621  4.122   1.00 25.66 ? 144 HOH A O   1 
HETATM 685 O  O   . HOH F 5 .  ? -0.913  4.665  4.959   1.00 35.76 ? 145 HOH A O   1 
HETATM 686 O  O   . HOH F 5 .  ? 2.827   -7.259 3.516   1.00 41.26 ? 146 HOH A O   1 
HETATM 687 O  O   . HOH F 5 .  ? 10.057  -2.766 5.587   1.00 41.53 ? 147 HOH A O   1 
HETATM 688 O  O   . HOH F 5 .  ? 6.423   -4.919 8.034   1.00 27.01 ? 148 HOH A O   1 
HETATM 689 O  O   . HOH F 5 .  ? 7.575   2.497  -0.336  1.00 51.81 ? 149 HOH A O   1 
HETATM 690 O  O   . HOH F 5 .  ? 3.237   5.655  9.617   1.00 38.04 ? 150 HOH A O   1 
HETATM 691 O  O   . HOH F 5 .  ? 1.391   7.709  10.412  1.00 30.27 ? 151 HOH A O   1 
HETATM 692 O  O   . HOH F 5 .  ? 9.162   -5.689 11.719  1.00 40.76 ? 152 HOH A O   1 
HETATM 693 O  O   . HOH F 5 .  ? 8.862   -6.026 7.121   1.00 44.79 ? 153 HOH A O   1 
HETATM 694 O  O   . HOH F 5 .  ? 11.352  -4.249 15.472  1.00 40.06 ? 154 HOH A O   1 
HETATM 695 O  O   . HOH F 5 .  ? -15.328 0.917  -35.708 1.00 29.94 ? 155 HOH A O   1 
HETATM 696 O  O   . HOH F 5 .  ? -16.796 -0.806 -37.652 1.00 42.64 ? 156 HOH A O   1 
HETATM 697 O  O   . HOH F 5 .  ? -13.836 -0.734 -34.242 1.00 33.54 ? 157 HOH A O   1 
HETATM 698 O  O   . HOH F 5 .  ? -12.355 9.578  -31.045 1.00 24.49 ? 158 HOH A O   1 
HETATM 699 O  O   . HOH F 5 .  ? -16.065 4.188  -24.492 1.00 39.57 ? 159 HOH A O   1 
HETATM 700 O  O   . HOH F 5 .  ? -9.789  -3.034 -29.751 1.00 34.13 ? 160 HOH A O   1 
HETATM 701 O  O   . HOH F 5 .  ? -6.246  -2.453 -27.884 1.00 29.94 ? 161 HOH A O   1 
HETATM 702 O  O   . HOH F 5 .  ? -4.549  -3.052 -29.913 1.00 33.53 ? 162 HOH A O   1 
HETATM 703 O  O   . HOH F 5 .  ? -4.030  -2.986 -21.377 1.00 40.45 ? 163 HOH A O   1 
HETATM 704 O  O   . HOH F 5 .  ? -14.159 3.689  -19.771 1.00 41.24 ? 164 HOH A O   1 
HETATM 705 O  O   . HOH F 5 .  ? -10.092 -3.228 -34.108 1.00 53.66 ? 165 HOH A O   1 
HETATM 706 O  O   . HOH F 5 .  ? -0.032  3.846  -8.276  1.00 37.52 ? 166 HOH A O   1 
HETATM 707 O  O   . HOH F 5 .  ? -11.527 10.685 -28.564 1.00 35.21 ? 167 HOH A O   1 
HETATM 708 O  O   . HOH F 5 .  ? -8.370  -2.971 -31.673 1.00 37.16 ? 168 HOH A O   1 
HETATM 709 O  O   . HOH F 5 .  ? -2.886  -1.410 -26.332 1.00 34.60 ? 169 HOH A O   1 
HETATM 710 O  O   . HOH F 5 .  ? 0.611   -8.824 3.467   1.00 51.87 ? 170 HOH A O   1 
HETATM 711 O  O   . HOH F 5 .  ? -2.479  -1.906 -19.736 1.00 39.95 ? 171 HOH A O   1 
HETATM 712 O  O   . HOH F 5 .  ? 13.894  -3.793 15.920  1.00 39.69 ? 172 HOH A O   1 
HETATM 713 O  O   . HOH F 5 .  ? -9.340  -5.418 -26.928 1.00 52.69 ? 173 HOH A O   1 
HETATM 714 O  O   . HOH F 5 .  ? 16.784  -0.060 15.749  1.00 39.68 ? 174 HOH A O   1 
HETATM 715 O  O   . HOH F 5 .  ? 4.213   -1.867 -9.930  1.00 47.97 ? 175 HOH A O   1 
HETATM 716 O  O   . HOH F 5 .  ? -9.933  7.704  -23.492 1.00 42.78 ? 176 HOH A O   1 
HETATM 717 O  O   . HOH F 5 .  ? -4.051  -5.384 -31.647 1.00 50.57 ? 177 HOH A O   1 
HETATM 718 O  O   . HOH F 5 .  ? -10.767 -5.405 -28.749 1.00 57.76 ? 178 HOH A O   1 
HETATM 719 O  O   . HOH F 5 .  ? 18.159  5.253  31.448  1.00 40.99 ? 179 HOH A O   1 
# 
loop_
_atom_site_anisotrop.id 
_atom_site_anisotrop.type_symbol 
_atom_site_anisotrop.pdbx_label_atom_id 
_atom_site_anisotrop.pdbx_label_alt_id 
_atom_site_anisotrop.pdbx_label_comp_id 
_atom_site_anisotrop.pdbx_label_asym_id 
_atom_site_anisotrop.pdbx_label_seq_id 
_atom_site_anisotrop.pdbx_PDB_ins_code 
_atom_site_anisotrop.U[1][1] 
_atom_site_anisotrop.U[2][2] 
_atom_site_anisotrop.U[3][3] 
_atom_site_anisotrop.U[1][2] 
_atom_site_anisotrop.U[1][3] 
_atom_site_anisotrop.U[2][3] 
_atom_site_anisotrop.pdbx_auth_seq_id 
_atom_site_anisotrop.pdbx_auth_comp_id 
_atom_site_anisotrop.pdbx_auth_asym_id 
_atom_site_anisotrop.pdbx_auth_atom_id 
1   N  N   . THR A 8  ? 0.7853 0.9889 0.7693 0.0167  0.0190  0.0831  3   THR A N   
2   C  CA  . THR A 8  ? 0.7727 0.9668 0.7530 0.0221  0.0216  0.0810  3   THR A CA  
3   C  C   . THR A 8  ? 0.7754 0.9491 0.7558 0.0193  0.0213  0.0752  3   THR A C   
4   O  O   . THR A 8  ? 0.8866 1.0484 0.8628 0.0249  0.0240  0.0728  3   THR A O   
5   C  CB  . THR A 8  ? 0.7985 0.9925 0.7729 0.0331  0.0255  0.0832  3   THR A CB  
6   O  OG1 . THR A 8  ? 0.9468 1.1297 0.9197 0.0348  0.0261  0.0814  3   THR A OG1 
7   C  CG2 . THR A 8  ? 0.8149 1.0297 0.7887 0.0370  0.0262  0.0895  3   THR A CG2 
8   N  N   . LYS A 9  ? 0.6003 0.7700 0.5849 0.0106  0.0182  0.0729  4   LYS A N   
9   C  CA  . LYS A 9  ? 0.5620 0.7143 0.5472 0.0070  0.0177  0.0677  4   LYS A CA  
10  C  C   . LYS A 9  ? 0.5051 0.6592 0.4929 -0.0008 0.0154  0.0674  4   LYS A C   
11  O  O   . LYS A 9  ? 0.5390 0.7061 0.5286 -0.0057 0.0135  0.0705  4   LYS A O   
12  C  CB  . LYS A 9  ? 0.4804 0.6241 0.4674 0.0038  0.0162  0.0653  4   LYS A CB  
13  C  CG  . LYS A 9  ? 0.5712 0.7130 0.5557 0.0101  0.0180  0.0660  4   LYS A CG  
14  C  CD  . LYS A 9  ? 0.5606 0.6971 0.5476 0.0056  0.0160  0.0641  4   LYS A CD  
15  C  CE  . LYS A 9  ? 0.6030 0.7376 0.5877 0.0113  0.0177  0.0650  4   LYS A CE  
16  N  NZ  . LYS A 9  ? 0.6295 0.7517 0.6095 0.0175  0.0206  0.0627  4   LYS A NZ  
17  N  N   . THR A 10 ? 0.3865 0.5278 0.3741 -0.0022 0.0156  0.0636  5   THR A N   
18  C  CA  . THR A 10 ? 0.3592 0.4992 0.3487 -0.0101 0.0134  0.0629  5   THR A CA  
19  C  C   . THR A 10 ? 0.3397 0.4753 0.3311 -0.0174 0.0109  0.0617  5   THR A C   
20  O  O   . THR A 10 ? 0.3175 0.4477 0.3092 -0.0159 0.0111  0.0602  5   THR A O   
21  C  CB  . THR A 10 ? 0.4029 0.5284 0.3915 -0.0095 0.0144  0.0591  5   THR A CB  
22  O  OG1 . THR A 10 ? 0.2848 0.3956 0.2732 -0.0086 0.0148  0.0551  5   THR A OG1 
23  C  CG2 . THR A 10 ? 0.4073 0.5346 0.3929 -0.0016 0.0172  0.0596  5   THR A CG2 
24  N  N   . ASN A 11 ? 0.3499 0.4867 0.3421 -0.0252 0.0090  0.0622  6   ASN A N   
25  C  CA  . ASN A 11 ? 0.3671 0.4975 0.3595 -0.0323 0.0070  0.0608  6   ASN A CA  
26  C  C   . ASN A 11 ? 0.2772 0.3900 0.2697 -0.0312 0.0075  0.0562  6   ASN A C   
27  O  O   . ASN A 11 ? 0.2782 0.3859 0.2710 -0.0334 0.0067  0.0547  6   ASN A O   
28  C  CB  . ASN A 11 ? 0.4926 0.6245 0.4841 -0.0407 0.0053  0.0619  6   ASN A CB  
29  C  CG  . ASN A 11 ? 0.6294 0.7792 0.6204 -0.0443 0.0042  0.0663  6   ASN A CG  
30  O  OD1 . ASN A 11 ? 0.6546 0.8156 0.6464 -0.0408 0.0046  0.0686  6   ASN A OD1 
31  N  ND2 . ASN A 11 ? 0.6801 0.8324 0.6693 -0.0516 0.0030  0.0678  6   ASN A ND2 
32  N  N   . ILE A 12 ? 0.2564 0.3604 0.2487 -0.0280 0.0088  0.0538  7   ILE A N   
33  C  CA  . ILE A 12 ? 0.2205 0.3087 0.2128 -0.0271 0.0093  0.0495  7   ILE A CA  
34  C  C   . ILE A 12 ? 0.2146 0.3010 0.2070 -0.0218 0.0104  0.0484  7   ILE A C   
35  O  O   . ILE A 12 ? 0.2007 0.2789 0.1936 -0.0232 0.0098  0.0460  7   ILE A O   
36  C  CB  . ILE A 12 ? 0.2554 0.3348 0.2470 -0.0246 0.0107  0.0472  7   ILE A CB  
37  C  CG1 . ILE A 12 ? 0.2607 0.3371 0.2523 -0.0310 0.0093  0.0474  7   ILE A CG1 
38  C  CG2 . ILE A 12 ? 0.2353 0.3006 0.2268 -0.0217 0.0118  0.0428  7   ILE A CG2 
39  C  CD1 . ILE A 12 ? 0.2997 0.3703 0.2908 -0.0287 0.0106  0.0460  7   ILE A CD1 
40  N  N   . GLN A 13 ? 0.2146 0.3084 0.2059 -0.0155 0.0121  0.0501  8   GLN A N   
41  C  CA  . GLN A 13 ? 0.2274 0.3191 0.2178 -0.0104 0.0134  0.0495  8   GLN A CA  
42  C  C   . GLN A 13 ? 0.2336 0.3306 0.2255 -0.0134 0.0116  0.0509  8   GLN A C   
43  O  O   . GLN A 13 ? 0.2116 0.3016 0.2038 -0.0128 0.0116  0.0488  8   GLN A O   
44  C  CB  . GLN A 13 ? 0.2681 0.3667 0.2555 -0.0028 0.0159  0.0518  8   GLN A CB  
45  C  CG  . GLN A 13 ? 0.3505 0.4467 0.3358 0.0027  0.0175  0.0517  8   GLN A CG  
46  C  CD  . GLN A 13 ? 0.4015 0.4823 0.3844 0.0050  0.0191  0.0473  8   GLN A CD  
47  O  OE1 . GLN A 13 ? 0.4194 0.4931 0.4005 0.0059  0.0203  0.0451  8   GLN A OE1 
48  N  NE2 . GLN A 13 ? 0.3832 0.4587 0.3655 0.0058  0.0192  0.0461  8   GLN A NE2 
49  N  N   . LYS A 14 ? 0.2344 0.3437 0.2271 -0.0169 0.0103  0.0544  9   LYS A N   
50  C  CA  . LYS A 14 ? 0.2625 0.3776 0.2562 -0.0199 0.0088  0.0558  9   LYS A CA  
51  C  C   . LYS A 14 ? 0.2346 0.3389 0.2287 -0.0255 0.0073  0.0528  9   LYS A C   
52  O  O   . LYS A 14 ? 0.2597 0.3609 0.2543 -0.0252 0.0070  0.0517  9   LYS A O   
53  C  CB  . LYS A 14 ? 0.3574 0.4880 0.3514 -0.0237 0.0076  0.0599  9   LYS A CB  
54  C  CG  . LYS A 14 ? 0.4579 0.6017 0.4514 -0.0176 0.0090  0.0637  9   LYS A CG  
55  C  CD  . LYS A 14 ? 0.6009 0.7609 0.5947 -0.0222 0.0077  0.0678  9   LYS A CD  
56  C  CE  . LYS A 14 ? 0.6812 0.8550 0.6743 -0.0157 0.0093  0.0718  9   LYS A CE  
57  N  NZ  . LYS A 14 ? 0.7674 0.9400 0.7597 -0.0083 0.0110  0.0721  9   LYS A NZ  
58  N  N   . ASP A 15 ? 0.2367 0.3349 0.2304 -0.0302 0.0065  0.0515  10  ASP A N   
59  C  CA  . ASP A 15 ? 0.2365 0.3245 0.2299 -0.0351 0.0054  0.0489  10  ASP A CA  
60  C  C   . ASP A 15 ? 0.2277 0.3038 0.2217 -0.0311 0.0063  0.0452  10  ASP A C   
61  O  O   . ASP A 15 ? 0.2365 0.3076 0.2306 -0.0327 0.0057  0.0437  10  ASP A O   
62  C  CB  . ASP A 15 ? 0.2600 0.3428 0.2520 -0.0403 0.0048  0.0485  10  ASP A CB  
63  C  CG  . ASP A 15 ? 0.4381 0.5114 0.4283 -0.0457 0.0038  0.0468  10  ASP A CG  
64  O  OD1 . ASP A 15 ? 0.5940 0.6714 0.5820 -0.0503 0.0027  0.0483  10  ASP A OD1 
65  O  OD2 . ASP A 15 ? 0.4636 0.5249 0.4537 -0.0451 0.0042  0.0439  10  ASP A OD2 
66  N  N   . TRP A 16 ? 0.1780 0.2502 0.1723 -0.0262 0.0079  0.0439  11  TRP A N   
67  C  CA  . TRP A 16 ? 0.1523 0.2143 0.1467 -0.0227 0.0089  0.0405  11  TRP A CA  
68  C  C   . TRP A 16 ? 0.1766 0.2413 0.1711 -0.0198 0.0092  0.0409  11  TRP A C   
69  O  O   . TRP A 16 ? 0.1563 0.2142 0.1514 -0.0200 0.0089  0.0386  11  TRP A O   
70  C  CB  . TRP A 16 ? 0.1740 0.2315 0.1671 -0.0179 0.0110  0.0391  11  TRP A CB  
71  C  CG  . TRP A 16 ? 0.1652 0.2132 0.1576 -0.0146 0.0123  0.0358  11  TRP A CG  
72  C  CD1 . TRP A 16 ? 0.1612 0.1986 0.1542 -0.0165 0.0120  0.0323  11  TRP A CD1 
73  C  CD2 . TRP A 16 ? 0.1860 0.2340 0.1763 -0.0092 0.0140  0.0358  11  TRP A CD2 
74  N  NE1 . TRP A 16 ? 0.1843 0.2160 0.1759 -0.0128 0.0134  0.0301  11  TRP A NE1 
75  C  CE2 . TRP A 16 ? 0.2057 0.2429 0.1952 -0.0085 0.0146  0.0322  11  TRP A CE2 
76  C  CE3 . TRP A 16 ? 0.2579 0.3139 0.2463 -0.0048 0.0151  0.0387  11  TRP A CE3 
77  C  CZ2 . TRP A 16 ? 0.2715 0.3053 0.2581 -0.0042 0.0164  0.0313  11  TRP A CZ2 
78  C  CZ3 . TRP A 16 ? 0.2568 0.3084 0.2420 0.0000  0.0171  0.0379  11  TRP A CZ3 
79  C  CH2 . TRP A 16 ? 0.2779 0.3185 0.2621 0.0000  0.0177  0.0342  11  TRP A CH2 
80  N  N   . GLU A 17 ? 0.1788 0.2539 0.1729 -0.0168 0.0097  0.0441  12  GLU A N   
81  C  CA  . GLU A 17 ? 0.1766 0.2541 0.1704 -0.0135 0.0101  0.0449  12  GLU A CA  
82  C  C   . GLU A 17 ? 0.1693 0.2483 0.1644 -0.0180 0.0081  0.0450  12  GLU A C   
83  O  O   . GLU A 17 ? 0.1930 0.2678 0.1884 -0.0167 0.0081  0.0436  12  GLU A O   
84  C  CB  . GLU A 17 ? 0.2375 0.3265 0.2301 -0.0091 0.0112  0.0487  12  GLU A CB  
85  C  CG  . GLU A 17 ? 0.2744 0.3605 0.2640 -0.0029 0.0139  0.0486  12  GLU A CG  
86  C  CD  . GLU A 17 ? 0.4200 0.5174 0.4074 0.0023  0.0155  0.0528  12  GLU A CD  
87  O  OE1 . GLU A 17 ? 0.4457 0.5539 0.4347 0.0010  0.0142  0.0558  12  GLU A OE1 
88  O  OE2 . GLU A 17 ? 0.4434 0.5387 0.4272 0.0078  0.0179  0.0530  12  GLU A OE2 
89  N  N   . GLN A 18 ? 0.1847 0.2692 0.1799 -0.0235 0.0067  0.0466  13  GLN A N   
90  C  CA  . GLN A 18 ? 0.1979 0.2834 0.1931 -0.0281 0.0051  0.0467  13  GLN A CA  
91  C  C   . GLN A 18 ? 0.1769 0.2499 0.1720 -0.0300 0.0047  0.0430  13  GLN A C   
92  O  O   . GLN A 18 ? 0.1958 0.2661 0.1908 -0.0302 0.0042  0.0419  13  GLN A O   
93  C  CB  . GLN A 18 ? 0.2802 0.3732 0.2740 -0.0342 0.0039  0.0490  13  GLN A CB  
94  C  CG  . GLN A 18 ? 0.4047 0.5123 0.3989 -0.0327 0.0040  0.0530  13  GLN A CG  
95  C  CD  . GLN A 18 ? 0.6298 0.7459 0.6226 -0.0393 0.0027  0.0554  13  GLN A CD  
96  O  OE1 . GLN A 18 ? 0.7121 0.8417 0.7050 -0.0391 0.0026  0.0589  13  GLN A OE1 
97  N  NE2 . GLN A 18 ? 0.6835 0.7920 0.6741 -0.0452 0.0019  0.0539  13  GLN A NE2 
98  N  N   . ARG A 19 ? 0.1706 0.2360 0.1654 -0.0310 0.0051  0.0411  14  ARG A N   
99  C  CA  . ARG A 19 ? 0.1733 0.2275 0.1679 -0.0322 0.0048  0.0379  14  ARG A CA  
100 C  C   . ARG A 19 ? 0.1616 0.2112 0.1575 -0.0274 0.0057  0.0357  14  ARG A C   
101 O  O   . ARG A 19 ? 0.1679 0.2125 0.1640 -0.0280 0.0052  0.0339  14  ARG A O   
102 C  CB  . ARG A 19 ? 0.1831 0.2306 0.1771 -0.0343 0.0050  0.0366  14  ARG A CB  
103 C  CG  . ARG A 19 ? 0.2833 0.3333 0.2750 -0.0401 0.0041  0.0386  14  ARG A CG  
104 C  CD  . ARG A 19 ? 0.3069 0.3494 0.2978 -0.0420 0.0043  0.0376  14  ARG A CD  
105 N  NE  . ARG A 19 ? 0.4251 0.4684 0.4128 -0.0481 0.0035  0.0395  14  ARG A NE  
106 C  CZ  . ARG A 19 ? 0.5735 0.6102 0.5575 -0.0523 0.0031  0.0391  14  ARG A CZ  
107 N  NH1 . ARG A 19 ? 0.5136 0.5433 0.4978 -0.0506 0.0033  0.0368  14  ARG A NH1 
108 N  NH2 . ARG A 19 ? 0.6494 0.6859 0.6288 -0.0582 0.0026  0.0411  14  ARG A NH2 
109 N  N   . GLU A 20 ? 0.1476 0.1984 0.1438 -0.0227 0.0071  0.0359  15  GLU A N   
110 C  CA  . GLU A 20 ? 0.1396 0.1857 0.1359 -0.0186 0.0081  0.0340  15  GLU A CA  
111 C  C   . GLU A 20 ? 0.1482 0.1978 0.1447 -0.0179 0.0075  0.0350  15  GLU A C   
112 O  O   . GLU A 20 ? 0.1690 0.2132 0.1658 -0.0169 0.0075  0.0329  15  GLU A O   
113 C  CB  . GLU A 20 ? 0.1646 0.2111 0.1591 -0.0135 0.0101  0.0345  15  GLU A CB  
114 C  CG  . GLU A 20 ? 0.1519 0.1917 0.1457 -0.0131 0.0111  0.0323  15  GLU A CG  
115 C  CD  . GLU A 20 ? 0.1568 0.1870 0.1511 -0.0144 0.0110  0.0287  15  GLU A CD  
116 O  OE1 . GLU A 20 ? 0.1829 0.2103 0.1767 -0.0125 0.0115  0.0275  15  GLU A OE1 
117 O  OE2 . GLU A 20 ? 0.1647 0.1902 0.1597 -0.0169 0.0106  0.0271  15  GLU A OE2 
118 N  N   . PHE A 21 ? 0.1549 0.2139 0.1514 -0.0185 0.0070  0.0381  16  PHE A N   
119 C  CA  . PHE A 21 ? 0.1657 0.2283 0.1625 -0.0178 0.0064  0.0392  16  PHE A CA  
120 C  C   . PHE A 21 ? 0.1540 0.2112 0.1509 -0.0215 0.0052  0.0370  16  PHE A C   
121 O  O   . PHE A 21 ? 0.1791 0.2330 0.1763 -0.0199 0.0051  0.0357  16  PHE A O   
122 C  CB  . PHE A 21 ? 0.1785 0.2529 0.1750 -0.0187 0.0060  0.0429  16  PHE A CB  
123 C  CG  . PHE A 21 ? 0.2382 0.3171 0.2349 -0.0177 0.0056  0.0444  16  PHE A CG  
124 C  CD1 . PHE A 21 ? 0.2441 0.3262 0.2405 -0.0122 0.0068  0.0462  16  PHE A CD1 
125 C  CD2 . PHE A 21 ? 0.2275 0.3078 0.2240 -0.0223 0.0041  0.0442  16  PHE A CD2 
126 C  CE1 . PHE A 21 ? 0.3377 0.4239 0.3342 -0.0112 0.0064  0.0477  16  PHE A CE1 
127 C  CE2 . PHE A 21 ? 0.2585 0.3430 0.2550 -0.0215 0.0037  0.0454  16  PHE A CE2 
128 C  CZ  . PHE A 21 ? 0.2559 0.3436 0.2529 -0.0159 0.0048  0.0472  16  PHE A CZ  
129 N  N   . ILE A 22 ? 0.1595 0.2154 0.1557 -0.0263 0.0043  0.0366  17  ILE A N   
130 C  CA  . ILE A 22 ? 0.1810 0.2314 0.1759 -0.0296 0.0034  0.0348  17  ILE A CA  
131 C  C   . ILE A 22 ? 0.1518 0.1928 0.1475 -0.0279 0.0038  0.0316  17  ILE A C   
132 O  O   . ILE A 22 ? 0.1581 0.1953 0.1537 -0.0275 0.0036  0.0300  17  ILE A O   
133 C  CB  . ILE A 22 ? 0.2054 0.2561 0.1977 -0.0352 0.0027  0.0357  17  ILE A CB  
134 C  CG1 . ILE A 22 ? 0.2450 0.3060 0.2362 -0.0375 0.0021  0.0389  17  ILE A CG1 
135 C  CG2 . ILE A 22 ? 0.2350 0.2777 0.2246 -0.0379 0.0023  0.0337  17  ILE A CG2 
136 C  CD1 . ILE A 22 ? 0.2424 0.3051 0.2305 -0.0433 0.0017  0.0404  17  ILE A CD1 
137 N  N   . GLU A 23 ? 0.1525 0.1897 0.1488 -0.0267 0.0046  0.0306  18  GLU A N   
138 C  CA  . GLU A 23 ? 0.1417 0.1712 0.1389 -0.0252 0.0051  0.0276  18  GLU A CA  
139 C  C   . GLU A 23 ? 0.1518 0.1810 0.1498 -0.0216 0.0055  0.0267  18  GLU A C   
140 O  O   . GLU A 23 ? 0.1463 0.1708 0.1446 -0.0212 0.0054  0.0246  18  GLU A O   
141 C  CB  . GLU A 23 ? 0.1336 0.1604 0.1312 -0.0242 0.0059  0.0269  18  GLU A CB  
142 C  CG  . GLU A 23 ? 0.1404 0.1656 0.1371 -0.0279 0.0056  0.0274  18  GLU A CG  
143 C  CD  . GLU A 23 ? 0.1448 0.1689 0.1418 -0.0266 0.0065  0.0272  18  GLU A CD  
144 O  OE1 . GLU A 23 ? 0.1473 0.1697 0.1446 -0.0231 0.0077  0.0259  18  GLU A OE1 
145 O  OE2 . GLU A 23 ? 0.1529 0.1775 0.1490 -0.0292 0.0063  0.0283  18  GLU A OE2 
146 N  N   . ASP A 24 ? 0.1445 0.1781 0.1423 -0.0185 0.0062  0.0285  19  ASP A N   
147 C  CA  . ASP A 24 ? 0.1444 0.1771 0.1422 -0.0151 0.0069  0.0281  19  ASP A CA  
148 C  C   . ASP A 24 ? 0.1598 0.1934 0.1581 -0.0159 0.0059  0.0281  19  ASP A C   
149 O  O   . ASP A 24 ? 0.1672 0.1970 0.1656 -0.0143 0.0060  0.0266  19  ASP A O   
150 C  CB  . ASP A 24 ? 0.1930 0.2305 0.1895 -0.0116 0.0081  0.0307  19  ASP A CB  
151 C  CG  . ASP A 24 ? 0.2437 0.2779 0.2383 -0.0093 0.0099  0.0300  19  ASP A CG  
152 O  OD1 . ASP A 24 ? 0.2887 0.3166 0.2834 -0.0105 0.0101  0.0273  19  ASP A OD1 
153 O  OD2 . ASP A 24 ? 0.3119 0.3501 0.3046 -0.0062 0.0112  0.0323  19  ASP A OD2 
154 N  N   A MET A 25 ? 0.1701 0.2081 0.1681 -0.0186 0.0048  0.0296  20  MET A N   
155 N  N   B MET A 25 ? 0.1393 0.1783 0.1373 -0.0182 0.0049  0.0300  20  MET A N   
156 C  CA  A MET A 25 ? 0.1432 0.1809 0.1410 -0.0195 0.0040  0.0292  20  MET A CA  
157 C  CA  B MET A 25 ? 0.1341 0.1739 0.1320 -0.0192 0.0040  0.0299  20  MET A CA  
158 C  C   A MET A 25 ? 0.1425 0.1730 0.1401 -0.0209 0.0036  0.0261  20  MET A C   
159 C  C   B MET A 25 ? 0.1231 0.1557 0.1207 -0.0203 0.0037  0.0269  20  MET A C   
160 O  O   A MET A 25 ? 0.1389 0.1670 0.1368 -0.0196 0.0034  0.0247  20  MET A O   
161 O  O   B MET A 25 ? 0.1651 0.1953 0.1632 -0.0190 0.0034  0.0257  20  MET A O   
162 C  CB  A MET A 25 ? 0.1593 0.2032 0.1559 -0.0227 0.0031  0.0313  20  MET A CB  
163 C  CB  B MET A 25 ? 0.1503 0.1958 0.1469 -0.0229 0.0031  0.0319  20  MET A CB  
164 C  CG  A MET A 25 ? 0.1194 0.1716 0.1166 -0.0206 0.0034  0.0344  20  MET A CG  
165 C  CG  B MET A 25 ? 0.2719 0.3265 0.2687 -0.0221 0.0034  0.0353  20  MET A CG  
166 S  SD  A MET A 25 ? 0.2577 0.3179 0.2534 -0.0241 0.0023  0.0368  20  MET A SD  
167 S  SD  B MET A 25 ? 0.2098 0.2724 0.2045 -0.0272 0.0023  0.0378  20  MET A SD  
168 C  CE  A MET A 25 ? 0.2148 0.2743 0.2081 -0.0299 0.0019  0.0367  20  MET A CE  
169 C  CE  B MET A 25 ? 0.0761 0.1326 0.0690 -0.0292 0.0016  0.0354  20  MET A CE  
170 N  N   A SER A 26 ? 0.1171 0.1445 0.1141 -0.0230 0.0037  0.0253  21  SER A N   
171 N  N   B SER A 26 ? 0.1635 0.1927 0.1608 -0.0226 0.0037  0.0258  21  SER A N   
172 C  CA  A SER A 26 ? 0.1450 0.1664 0.1416 -0.0238 0.0035  0.0229  21  SER A CA  
173 C  CA  B SER A 26 ? 0.1464 0.1693 0.1431 -0.0236 0.0035  0.0234  21  SER A CA  
174 C  C   A SER A 26 ? 0.1551 0.1736 0.1536 -0.0209 0.0041  0.0208  21  SER A C   
175 C  C   B SER A 26 ? 0.1447 0.1640 0.1431 -0.0207 0.0040  0.0212  21  SER A C   
176 O  O   A SER A 26 ? 0.1782 0.1938 0.1767 -0.0203 0.0038  0.0192  21  SER A O   
177 O  O   B SER A 26 ? 0.1335 0.1501 0.1319 -0.0202 0.0037  0.0195  21  SER A O   
178 C  CB  A SER A 26 ? 0.1594 0.1777 0.1547 -0.0264 0.0037  0.0226  21  SER A CB  
179 C  CB  B SER A 26 ? 0.1407 0.1608 0.1358 -0.0265 0.0035  0.0233  21  SER A CB  
180 O  OG  A SER A 26 ? 0.1892 0.2020 0.1841 -0.0263 0.0038  0.0206  21  SER A OG  
181 O  OG  B SER A 26 ? 0.1630 0.1811 0.1595 -0.0256 0.0041  0.0226  21  SER A OG  
182 N  N   . ILE A 27 ? 0.1432 0.1624 0.1425 -0.0190 0.0048  0.0212  22  ILE A N   
183 C  CA  . ILE A 27 ? 0.1433 0.1591 0.1431 -0.0167 0.0055  0.0193  22  ILE A CA  
184 C  C   . ILE A 27 ? 0.1540 0.1708 0.1538 -0.0147 0.0054  0.0196  22  ILE A C   
185 O  O   . ILE A 27 ? 0.1670 0.1808 0.1671 -0.0141 0.0053  0.0177  22  ILE A O   
186 C  CB  . ILE A 27 ? 0.1529 0.1679 0.1519 -0.0153 0.0068  0.0196  22  ILE A CB  
187 C  CG1 . ILE A 27 ? 0.1744 0.1872 0.1737 -0.0173 0.0068  0.0186  22  ILE A CG1 
188 C  CG2 . ILE A 27 ? 0.1940 0.2056 0.1921 -0.0132 0.0078  0.0180  22  ILE A CG2 
189 C  CD1 . ILE A 27 ? 0.2126 0.2251 0.2107 -0.0160 0.0082  0.0192  22  ILE A CD1 
190 N  N   . ASN A 28 ? 0.1429 0.1639 0.1422 -0.0138 0.0054  0.0220  23  ASN A N   
191 C  CA  . ASN A 28 ? 0.1575 0.1790 0.1566 -0.0117 0.0053  0.0226  23  ASN A CA  
192 C  C   . ASN A 28 ? 0.1618 0.1822 0.1616 -0.0128 0.0042  0.0213  23  ASN A C   
193 O  O   . ASN A 28 ? 0.1615 0.1796 0.1614 -0.0113 0.0042  0.0203  23  ASN A O   
194 C  CB  . ASN A 28 ? 0.1755 0.2023 0.1739 -0.0102 0.0056  0.0258  23  ASN A CB  
195 C  CG  . ASN A 28 ? 0.2376 0.2647 0.2344 -0.0077 0.0072  0.0271  23  ASN A CG  
196 O  OD1 . ASN A 28 ? 0.2770 0.2991 0.2725 -0.0066 0.0082  0.0255  23  ASN A OD1 
197 N  ND2 . ASN A 28 ? 0.2769 0.3100 0.2732 -0.0067 0.0075  0.0300  23  ASN A ND2 
198 N  N   . ILE A 29 ? 0.1390 0.1601 0.1383 -0.0155 0.0035  0.0212  24  ILE A N   
199 C  CA  . ILE A 29 ? 0.1439 0.1629 0.1424 -0.0163 0.0029  0.0197  24  ILE A CA  
200 C  C   . ILE A 29 ? 0.1686 0.1832 0.1678 -0.0155 0.0030  0.0172  24  ILE A C   
201 O  O   . ILE A 29 ? 0.1642 0.1775 0.1638 -0.0143 0.0028  0.0159  24  ILE A O   
202 C  CB  . ILE A 29 ? 0.1331 0.1524 0.1293 -0.0195 0.0025  0.0203  24  ILE A CB  
203 C  CG1 . ILE A 29 ? 0.1499 0.1744 0.1451 -0.0207 0.0021  0.0227  24  ILE A CG1 
204 C  CG2 . ILE A 29 ? 0.1793 0.1946 0.1733 -0.0201 0.0023  0.0184  24  ILE A CG2 
205 C  CD1 . ILE A 29 ? 0.1663 0.1916 0.1583 -0.0249 0.0019  0.0237  24  ILE A CD1 
206 N  N   . GLN A 30 ? 0.1685 0.1816 0.1683 -0.0161 0.0034  0.0164  25  GLN A N   
207 C  CA  . GLN A 30 ? 0.1662 0.1766 0.1668 -0.0156 0.0037  0.0140  25  GLN A CA  
208 C  C   . GLN A 30 ? 0.1777 0.1876 0.1791 -0.0136 0.0040  0.0135  25  GLN A C   
209 O  O   . GLN A 30 ? 0.1977 0.2063 0.1995 -0.0131 0.0038  0.0118  25  GLN A O   
210 C  CB  . GLN A 30 ? 0.1999 0.2089 0.2008 -0.0168 0.0041  0.0135  25  GLN A CB  
211 C  CG  . GLN A 30 ? 0.2637 0.2708 0.2654 -0.0165 0.0043  0.0113  25  GLN A CG  
212 C  CD  . GLN A 30 ? 0.4486 0.4548 0.4494 -0.0164 0.0039  0.0105  25  GLN A CD  
213 O  OE1 . GLN A 30 ? 0.4428 0.4484 0.4414 -0.0173 0.0037  0.0114  25  GLN A OE1 
214 N  NE2 . GLN A 30 ? 0.5177 0.5241 0.5195 -0.0155 0.0039  0.0088  25  GLN A NE2 
215 N  N   . LYS A 31 ? 0.1634 0.1740 0.1643 -0.0126 0.0046  0.0149  26  LYS A N   
216 C  CA  . LYS A 31 ? 0.1814 0.1901 0.1816 -0.0109 0.0052  0.0145  26  LYS A CA  
217 C  C   . LYS A 31 ? 0.2010 0.2100 0.2015 -0.0098 0.0046  0.0146  26  LYS A C   
218 O  O   . LYS A 31 ? 0.2178 0.2245 0.2179 -0.0091 0.0046  0.0135  26  LYS A O   
219 C  CB  . LYS A 31 ? 0.2110 0.2197 0.2092 -0.0095 0.0064  0.0163  26  LYS A CB  
220 C  CG  . LYS A 31 ? 0.2413 0.2487 0.2386 -0.0102 0.0073  0.0158  26  LYS A CG  
221 C  CD  . LYS A 31 ? 0.3426 0.3500 0.3371 -0.0082 0.0089  0.0178  26  LYS A CD  
222 C  CE  . LYS A 31 ? 0.5137 0.5175 0.5046 -0.0062 0.0101  0.0181  26  LYS A CE  
223 N  NZ  . LYS A 31 ? 0.6353 0.6344 0.6247 -0.0076 0.0107  0.0153  26  LYS A NZ  
224 N  N   . ILE A 32 ? 0.1663 0.1775 0.1669 -0.0098 0.0039  0.0161  27  ILE A N   
225 C  CA  . ILE A 32 ? 0.1656 0.1767 0.1662 -0.0088 0.0033  0.0161  27  ILE A CA  
226 C  C   . ILE A 32 ? 0.1800 0.1893 0.1811 -0.0092 0.0027  0.0136  27  ILE A C   
227 O  O   . ILE A 32 ? 0.1804 0.1882 0.1818 -0.0080 0.0026  0.0127  27  ILE A O   
228 C  CB  . ILE A 32 ? 0.1514 0.1658 0.1516 -0.0092 0.0029  0.0180  27  ILE A CB  
229 C  CG1 . ILE A 32 ? 0.1889 0.2060 0.1886 -0.0078 0.0035  0.0208  27  ILE A CG1 
230 C  CG2 . ILE A 32 ? 0.2047 0.2181 0.2047 -0.0086 0.0022  0.0174  27  ILE A CG2 
231 C  CD1 . ILE A 32 ? 0.1905 0.2127 0.1899 -0.0089 0.0031  0.0230  27  ILE A CD1 
232 N  N   . VAL A 33 ? 0.1762 0.1856 0.1770 -0.0108 0.0026  0.0128  28  VAL A N   
233 C  CA  . VAL A 33 ? 0.1820 0.1901 0.1826 -0.0107 0.0024  0.0107  28  VAL A CA  
234 C  C   . VAL A 33 ? 0.2238 0.2313 0.2259 -0.0099 0.0025  0.0092  28  VAL A C   
235 O  O   . VAL A 33 ? 0.2117 0.2188 0.2140 -0.0088 0.0022  0.0080  28  VAL A O   
236 C  CB  . VAL A 33 ? 0.1936 0.2012 0.1928 -0.0122 0.0025  0.0106  28  VAL A CB  
237 C  CG1 . VAL A 33 ? 0.2293 0.2356 0.2278 -0.0114 0.0026  0.0087  28  VAL A CG1 
238 C  CG2 . VAL A 33 ? 0.2327 0.2404 0.2293 -0.0135 0.0024  0.0118  28  VAL A CG2 
239 N  N   . GLU A 34 ? 0.2024 0.2099 0.2048 -0.0107 0.0030  0.0093  29  GLU A N   
240 C  CA  . GLU A 34 ? 0.2101 0.2172 0.2130 -0.0108 0.0034  0.0078  29  GLU A CA  
241 C  C   . GLU A 34 ? 0.2534 0.2592 0.2557 -0.0097 0.0034  0.0079  29  GLU A C   
242 O  O   . GLU A 34 ? 0.2531 0.2589 0.2558 -0.0096 0.0032  0.0065  29  GLU A O   
243 C  CB  . GLU A 34 ? 0.2500 0.2565 0.2526 -0.0121 0.0042  0.0077  29  GLU A CB  
244 C  CG  . GLU A 34 ? 0.3308 0.3382 0.3341 -0.0132 0.0041  0.0073  29  GLU A CG  
245 C  CD  . GLU A 34 ? 0.5059 0.5122 0.5090 -0.0145 0.0048  0.0068  29  GLU A CD  
246 O  OE1 . GLU A 34 ? 0.6286 0.6335 0.6304 -0.0146 0.0056  0.0064  29  GLU A OE1 
247 O  OE2 . GLU A 34 ? 0.4452 0.4516 0.4486 -0.0153 0.0048  0.0069  29  GLU A OE2 
248 N  N   . PHE A 35 ? 0.2124 0.2172 0.2138 -0.0088 0.0037  0.0098  30  PHE A N   
249 C  CA  . PHE A 35 ? 0.2222 0.2246 0.2222 -0.0074 0.0038  0.0104  30  PHE A CA  
250 C  C   . PHE A 35 ? 0.2376 0.2405 0.2389 -0.0065 0.0029  0.0094  30  PHE A C   
251 O  O   . PHE A 35 ? 0.2382 0.2394 0.2390 -0.0061 0.0028  0.0086  30  PHE A O   
252 C  CB  . PHE A 35 ? 0.2345 0.2362 0.2330 -0.0060 0.0045  0.0130  30  PHE A CB  
253 C  CG  . PHE A 35 ? 0.2414 0.2403 0.2384 -0.0044 0.0047  0.0139  30  PHE A CG  
254 C  CD1 . PHE A 35 ? 0.3025 0.2974 0.2963 -0.0043 0.0057  0.0139  30  PHE A CD1 
255 C  CD2 . PHE A 35 ? 0.2538 0.2533 0.2516 -0.0031 0.0039  0.0146  30  PHE A CD2 
256 C  CE1 . PHE A 35 ? 0.3101 0.3013 0.3018 -0.0029 0.0060  0.0149  30  PHE A CE1 
257 C  CE2 . PHE A 35 ? 0.2828 0.2791 0.2794 -0.0014 0.0041  0.0155  30  PHE A CE2 
258 C  CZ  . PHE A 35 ? 0.2993 0.2914 0.2927 -0.0013 0.0051  0.0158  30  PHE A CZ  
259 N  N   . LEU A 36 ? 0.2039 0.2081 0.2057 -0.0062 0.0022  0.0096  31  LEU A N   
260 C  CA  . LEU A 36 ? 0.2065 0.2103 0.2086 -0.0052 0.0016  0.0086  31  LEU A CA  
261 C  C   . LEU A 36 ? 0.2148 0.2192 0.2175 -0.0051 0.0014  0.0064  31  LEU A C   
262 O  O   . LEU A 36 ? 0.2339 0.2375 0.2367 -0.0039 0.0011  0.0054  31  LEU A O   
263 C  CB  . LEU A 36 ? 0.1927 0.1970 0.1938 -0.0053 0.0014  0.0090  31  LEU A CB  
264 C  CG  . LEU A 36 ? 0.2193 0.2242 0.2201 -0.0051 0.0014  0.0114  31  LEU A CG  
265 C  CD1 . LEU A 36 ? 0.2548 0.2609 0.2540 -0.0063 0.0012  0.0118  31  LEU A CD1 
266 C  CD2 . LEU A 36 ? 0.2899 0.2927 0.2906 -0.0032 0.0012  0.0119  31  LEU A CD2 
267 N  N   . ASN A 37 ? 0.2189 0.2250 0.2219 -0.0063 0.0016  0.0057  32  ASN A N   
268 C  CA  . ASN A 37 ? 0.2497 0.2576 0.2534 -0.0061 0.0015  0.0038  32  ASN A CA  
269 C  C   . ASN A 37 ? 0.2534 0.2614 0.2576 -0.0065 0.0016  0.0033  32  ASN A C   
270 O  O   . ASN A 37 ? 0.2618 0.2709 0.2664 -0.0057 0.0012  0.0021  32  ASN A O   
271 C  CB  . ASN A 37 ? 0.2798 0.2898 0.2839 -0.0074 0.0020  0.0035  32  ASN A CB  
272 C  CG  . ASN A 37 ? 0.3551 0.3644 0.3578 -0.0071 0.0021  0.0039  32  ASN A CG  
273 O  OD1 . ASN A 37 ? 0.3733 0.3814 0.3743 -0.0058 0.0020  0.0038  32  ASN A OD1 
274 N  ND2 . ASN A 37 ? 0.3685 0.3781 0.3710 -0.0084 0.0025  0.0043  32  ASN A ND2 
275 N  N   . LYS A 38 ? 0.2106 0.2169 0.2139 -0.0078 0.0021  0.0041  33  LYS A N   
276 C  CA  A LYS A 38 ? 0.2545 0.2595 0.2567 -0.0088 0.0024  0.0038  33  LYS A CA  
277 C  CA  B LYS A 38 ? 0.2484 0.2534 0.2505 -0.0088 0.0024  0.0038  33  LYS A CA  
278 C  C   . LYS A 38 ? 0.2485 0.2505 0.2497 -0.0074 0.0021  0.0043  33  LYS A C   
279 O  O   . LYS A 38 ? 0.2590 0.2612 0.2599 -0.0077 0.0019  0.0034  33  LYS A O   
280 C  CB  A LYS A 38 ? 0.2902 0.2925 0.2899 -0.0102 0.0036  0.0048  33  LYS A CB  
281 C  CB  B LYS A 38 ? 0.3066 0.3093 0.3064 -0.0104 0.0035  0.0046  33  LYS A CB  
282 C  CG  A LYS A 38 ? 0.3954 0.3991 0.3944 -0.0127 0.0040  0.0034  33  LYS A CG  
283 C  CG  B LYS A 38 ? 0.3955 0.4007 0.3957 -0.0124 0.0039  0.0033  33  LYS A CG  
284 C  CD  A LYS A 38 ? 0.4057 0.4134 0.4074 -0.0128 0.0035  0.0026  33  LYS A CD  
285 C  CD  B LYS A 38 ? 0.4539 0.4566 0.4521 -0.0132 0.0049  0.0042  33  LYS A CD  
286 C  CE  A LYS A 38 ? 0.3830 0.3896 0.3848 -0.0126 0.0039  0.0037  33  LYS A CE  
287 C  CE  B LYS A 38 ? 0.4750 0.4728 0.4688 -0.0135 0.0062  0.0052  33  LYS A CE  
288 N  NZ  A LYS A 38 ? 0.3169 0.3262 0.3207 -0.0123 0.0035  0.0034  33  LYS A NZ  
289 N  NZ  B LYS A 38 ? 0.5278 0.5230 0.5188 -0.0139 0.0075  0.0059  33  LYS A NZ  
290 N  N   . PHE A 39 ? 0.2263 0.2263 0.2274 -0.0058 0.0021  0.0059  34  PHE A N   
291 C  CA  . PHE A 39 ? 0.2076 0.2042 0.2076 -0.0043 0.0019  0.0068  34  PHE A CA  
292 C  C   . PHE A 39 ? 0.2237 0.2213 0.2253 -0.0029 0.0010  0.0053  34  PHE A C   
293 O  O   . PHE A 39 ? 0.2150 0.2104 0.2160 -0.0022 0.0008  0.0050  34  PHE A O   
294 C  CB  . PHE A 39 ? 0.2607 0.2559 0.2600 -0.0030 0.0023  0.0092  34  PHE A CB  
295 C  CG  . PHE A 39 ? 0.2609 0.2526 0.2591 -0.0012 0.0022  0.0104  34  PHE A CG  
296 C  CD1 . PHE A 39 ? 0.3398 0.3271 0.3353 -0.0011 0.0029  0.0112  34  PHE A CD1 
297 C  CD2 . PHE A 39 ? 0.3762 0.3683 0.3755 0.0003  0.0017  0.0109  34  PHE A CD2 
298 C  CE1 . PHE A 39 ? 0.3325 0.3159 0.3268 0.0008  0.0029  0.0126  34  PHE A CE1 
299 C  CE2 . PHE A 39 ? 0.4746 0.4635 0.4731 0.0020  0.0015  0.0120  34  PHE A CE2 
300 C  CZ  . PHE A 39 ? 0.3071 0.2916 0.3033 0.0025  0.0022  0.0129  34  PHE A CZ  
301 N  N   . GLU A 40 ? 0.2027 0.2031 0.2054 -0.0023 0.0007  0.0044  35  GLU A N   
302 C  CA  . GLU A 40 ? 0.1969 0.1978 0.2001 -0.0007 0.0001  0.0027  35  GLU A CA  
303 C  C   . GLU A 40 ? 0.2360 0.2391 0.2398 -0.0010 -0.0001 0.0013  35  GLU A C   
304 O  O   . GLU A 40 ? 0.2375 0.2398 0.2413 0.0003  -0.0004 0.0004  35  GLU A O   
305 C  CB  . GLU A 40 ? 0.2567 0.2592 0.2593 -0.0001 0.0002  0.0021  35  GLU A CB  
306 C  CG  . GLU A 40 ? 0.3067 0.3083 0.3080 0.0022  0.0002  0.0004  35  GLU A CG  
307 C  CD  . GLU A 40 ? 0.3451 0.3502 0.3470 0.0030  0.0002  -0.0012 35  GLU A CD  
308 O  OE1 . GLU A 40 ? 0.3194 0.3281 0.3224 0.0016  0.0003  -0.0011 35  GLU A OE1 
309 O  OE2 . GLU A 40 ? 0.4021 0.4068 0.4032 0.0053  0.0001  -0.0024 35  GLU A OE2 
310 N  N   . LEU A 41 ? 0.1984 0.2047 0.2027 -0.0030 0.0002  0.0009  36  LEU A N   
311 C  CA  . LEU A 41 ? 0.2067 0.2169 0.2117 -0.0038 0.0000  -0.0005 36  LEU A CA  
312 C  C   . LEU A 41 ? 0.2598 0.2669 0.2634 -0.0050 0.0000  -0.0001 36  LEU A C   
313 O  O   . LEU A 41 ? 0.2350 0.2436 0.2390 -0.0046 -0.0005 -0.0011 36  LEU A O   
314 C  CB  . LEU A 41 ? 0.2571 0.2710 0.2624 -0.0060 0.0004  -0.0008 36  LEU A CB  
315 C  CG  . LEU A 41 ? 0.3254 0.3444 0.3313 -0.0075 0.0003  -0.0020 36  LEU A CG  
316 C  CD1 . LEU A 41 ? 0.3576 0.3806 0.3645 -0.0047 -0.0002 -0.0031 36  LEU A CD1 
317 C  CD2 . LEU A 41 ? 0.3493 0.3717 0.3556 -0.0097 0.0007  -0.0023 36  LEU A CD2 
318 N  N   A SER A 42 ? 0.2160 0.2190 0.2177 -0.0064 0.0006  0.0014  37  SER A N   
319 N  N   B SER A 42 ? 0.2226 0.2256 0.2244 -0.0063 0.0006  0.0014  37  SER A N   
320 C  CA  A SER A 42 ? 0.2302 0.2288 0.2291 -0.0076 0.0010  0.0022  37  SER A CA  
321 C  CA  B SER A 42 ? 0.2267 0.2253 0.2255 -0.0077 0.0010  0.0020  37  SER A CA  
322 C  C   A SER A 42 ? 0.2376 0.2331 0.2367 -0.0053 0.0004  0.0023  37  SER A C   
323 C  C   B SER A 42 ? 0.2476 0.2423 0.2464 -0.0054 0.0005  0.0025  37  SER A C   
324 O  O   A SER A 42 ? 0.2091 0.2038 0.2073 -0.0061 0.0002  0.0017  37  SER A O   
325 O  O   B SER A 42 ? 0.2181 0.2108 0.2153 -0.0062 0.0004  0.0023  37  SER A O   
326 C  CB  A SER A 42 ? 0.3273 0.3210 0.3231 -0.0083 0.0022  0.0042  37  SER A CB  
327 C  CB  B SER A 42 ? 0.2844 0.2785 0.2798 -0.0091 0.0022  0.0037  37  SER A CB  
328 O  OG  A SER A 42 ? 0.3041 0.2918 0.2957 -0.0090 0.0029  0.0053  37  SER A OG  
329 O  OG  B SER A 42 ? 0.2899 0.2812 0.2853 -0.0068 0.0024  0.0055  37  SER A OG  
330 N  N   . THR A 43 ? 0.2211 0.2147 0.2212 -0.0029 0.0002  0.0030  38  THR A N   
331 C  CA  . THR A 43 ? 0.1915 0.1813 0.1914 -0.0006 -0.0002 0.0032  38  THR A CA  
332 C  C   . THR A 43 ? 0.2243 0.2172 0.2259 0.0005  -0.0009 0.0010  38  THR A C   
333 O  O   . THR A 43 ? 0.2076 0.1978 0.2086 0.0011  -0.0013 0.0007  38  THR A O   
334 C  CB  . THR A 43 ? 0.2265 0.2151 0.2271 0.0014  -0.0002 0.0042  38  THR A CB  
335 O  OG1 . THR A 43 ? 0.2244 0.2111 0.2234 0.0007  0.0005  0.0065  38  THR A OG1 
336 C  CG2 . THR A 43 ? 0.2384 0.2231 0.2388 0.0038  -0.0007 0.0042  38  THR A CG2 
337 N  N   . ARG A 44 ? 0.2028 0.2010 0.2060 0.0010  -0.0011 -0.0004 39  ARG A N   
338 C  CA  . ARG A 44 ? 0.2162 0.2179 0.2202 0.0026  -0.0016 -0.0023 39  ARG A CA  
339 C  C   . ARG A 44 ? 0.2258 0.2300 0.2299 0.0008  -0.0018 -0.0028 39  ARG A C   
340 O  O   . ARG A 44 ? 0.2555 0.2598 0.2597 0.0020  -0.0022 -0.0038 39  ARG A O   
341 C  CB  . ARG A 44 ? 0.2597 0.2663 0.2642 0.0035  -0.0013 -0.0032 39  ARG A CB  
342 C  CG  . ARG A 44 ? 0.3302 0.3415 0.3349 0.0055  -0.0013 -0.0050 39  ARG A CG  
343 C  CD  . ARG A 44 ? 0.4641 0.4766 0.4674 0.0080  -0.0006 -0.0056 39  ARG A CD  
344 N  NE  . ARG A 44 ? 0.4970 0.5102 0.5003 0.0061  -0.0003 -0.0045 39  ARG A NE  
345 C  CZ  . ARG A 44 ? 0.6188 0.6372 0.6233 0.0047  -0.0001 -0.0044 39  ARG A CZ  
346 N  NH1 . ARG A 44 ? 0.6184 0.6424 0.6239 0.0046  -0.0003 -0.0052 39  ARG A NH1 
347 N  NH2 . ARG A 44 ? 0.6057 0.6238 0.6100 0.0032  0.0003  -0.0035 39  ARG A NH2 
348 N  N   . ASN A 45 ? 0.1968 0.2031 0.2004 -0.0025 -0.0015 -0.0024 40  ASN A N   
349 C  CA  . ASN A 45 ? 0.2082 0.2172 0.2109 -0.0052 -0.0016 -0.0028 40  ASN A CA  
350 C  C   . ASN A 45 ? 0.2214 0.2239 0.2217 -0.0060 -0.0017 -0.0019 40  ASN A C   
351 O  O   . ASN A 45 ? 0.2277 0.2317 0.2276 -0.0069 -0.0022 -0.0027 40  ASN A O   
352 C  CB  . ASN A 45 ? 0.2892 0.3010 0.2908 -0.0090 -0.0011 -0.0026 40  ASN A CB  
353 C  CG  . ASN A 45 ? 0.3471 0.3667 0.3513 -0.0084 -0.0012 -0.0036 40  ASN A CG  
354 O  OD1 . ASN A 45 ? 0.4241 0.4476 0.4301 -0.0055 -0.0015 -0.0045 40  ASN A OD1 
355 N  ND2 . ASN A 45 ? 0.3723 0.3932 0.3759 -0.0111 -0.0006 -0.0034 40  ASN A ND2 
356 N  N   A LYS A 46 ? 0.1956 0.1907 0.1938 -0.0058 -0.0011 -0.0001 41  LYS A N   
357 N  N   B LYS A 46 ? 0.1959 0.1910 0.1940 -0.0059 -0.0010 -0.0002 41  LYS A N   
358 C  CA  A LYS A 46 ? 0.1841 0.1715 0.1791 -0.0063 -0.0008 0.0011  41  LYS A CA  
359 C  CA  B LYS A 46 ? 0.1751 0.1628 0.1701 -0.0063 -0.0008 0.0011  41  LYS A CA  
360 C  C   A LYS A 46 ? 0.2048 0.1901 0.2013 -0.0032 -0.0016 0.0005  41  LYS A C   
361 C  C   B LYS A 46 ? 0.2099 0.1961 0.2067 -0.0033 -0.0017 0.0002  41  LYS A C   
362 O  O   A LYS A 46 ? 0.1602 0.1416 0.1548 -0.0038 -0.0017 0.0007  41  LYS A O   
363 O  O   B LYS A 46 ? 0.1996 0.1839 0.1950 -0.0042 -0.0019 0.0000  41  LYS A O   
364 C  CB  A LYS A 46 ? 0.2199 0.2004 0.2120 -0.0059 0.0003  0.0036  41  LYS A CB  
365 C  CB  B LYS A 46 ? 0.2187 0.1994 0.2107 -0.0060 0.0002  0.0036  41  LYS A CB  
366 C  CG  A LYS A 46 ? 0.2476 0.2270 0.2358 -0.0092 0.0015  0.0045  41  LYS A CG  
367 C  CG  B LYS A 46 ? 0.2334 0.2140 0.2221 -0.0094 0.0014  0.0043  41  LYS A CG  
368 C  CD  A LYS A 46 ? 0.2739 0.2464 0.2585 -0.0080 0.0028  0.0072  41  LYS A CD  
369 C  CD  B LYS A 46 ? 0.2820 0.2575 0.2681 -0.0082 0.0027  0.0066  41  LYS A CD  
370 C  CE  A LYS A 46 ? 0.3572 0.3276 0.3368 -0.0109 0.0044  0.0081  41  LYS A CE  
371 C  CE  B LYS A 46 ? 0.3593 0.3335 0.3409 -0.0114 0.0041  0.0071  41  LYS A CE  
372 N  NZ  A LYS A 46 ? 0.3997 0.3772 0.3820 -0.0126 0.0042  0.0063  41  LYS A NZ  
373 N  NZ  B LYS A 46 ? 0.3888 0.3586 0.3675 -0.0100 0.0054  0.0094  41  LYS A NZ  
374 N  N   . LEU A 47 ? 0.2080 0.1954 0.2075 0.0001  -0.0020 -0.0004 42  LEU A N   
375 C  CA  . LEU A 47 ? 0.1899 0.1755 0.1905 0.0033  -0.0027 -0.0016 42  LEU A CA  
376 C  C   . LEU A 47 ? 0.2059 0.1973 0.2074 0.0032  -0.0032 -0.0036 42  LEU A C   
377 O  O   . LEU A 47 ? 0.2227 0.2115 0.2239 0.0041  -0.0037 -0.0041 42  LEU A O   
378 C  CB  . LEU A 47 ? 0.2062 0.1920 0.2081 0.0062  -0.0026 -0.0023 42  LEU A CB  
379 C  CG  . LEU A 47 ? 0.2253 0.2055 0.2260 0.0066  -0.0022 -0.0002 42  LEU A CG  
380 C  CD1 . LEU A 47 ? 0.2842 0.2665 0.2857 0.0082  -0.0021 -0.0007 42  LEU A CD1 
381 C  CD2 . LEU A 47 ? 0.2834 0.2566 0.2831 0.0081  -0.0024 0.0007  42  LEU A CD2 
382 N  N   A SER A 48 ? 0.2084 0.2077 0.2112 0.0022  -0.0032 -0.0045 43  SER A N   
383 N  N   B SER A 48 ? 0.2061 0.2054 0.2089 0.0022  -0.0032 -0.0045 43  SER A N   
384 C  CA  A SER A 48 ? 0.2160 0.2226 0.2200 0.0023  -0.0037 -0.0061 43  SER A CA  
385 C  CA  B SER A 48 ? 0.2320 0.2388 0.2361 0.0022  -0.0037 -0.0060 43  SER A CA  
386 C  C   A SER A 48 ? 0.2330 0.2398 0.2353 -0.0015 -0.0039 -0.0056 43  SER A C   
387 C  C   B SER A 48 ? 0.2183 0.2236 0.2206 -0.0011 -0.0040 -0.0054 43  SER A C   
388 O  O   A SER A 48 ? 0.2165 0.2270 0.2195 -0.0012 -0.0046 -0.0066 43  SER A O   
389 O  O   B SER A 48 ? 0.1857 0.1918 0.1883 0.0001  -0.0045 -0.0064 43  SER A O   
390 C  CB  A SER A 48 ? 0.2490 0.2644 0.2544 0.0024  -0.0035 -0.0068 43  SER A CB  
391 C  CB  B SER A 48 ? 0.2286 0.2439 0.2337 0.0008  -0.0034 -0.0063 43  SER A CB  
392 O  OG  A SER A 48 ? 0.3342 0.3490 0.3399 0.0059  -0.0030 -0.0073 43  SER A OG  
393 O  OG  B SER A 48 ? 0.3194 0.3432 0.3257 0.0012  -0.0038 -0.0076 43  SER A OG  
394 N  N   . ASP A 49 ? 0.1988 0.2012 0.1986 -0.0051 -0.0035 -0.0040 44  ASP A N   
395 C  CA  . ASP A 49 ? 0.1974 0.1980 0.1939 -0.0093 -0.0033 -0.0034 44  ASP A CA  
396 C  C   . ASP A 49 ? 0.2155 0.2074 0.2103 -0.0079 -0.0035 -0.0027 44  ASP A C   
397 O  O   . ASP A 49 ? 0.1983 0.1907 0.1917 -0.0097 -0.0040 -0.0030 44  ASP A O   
398 C  CB  . ASP A 49 ? 0.2184 0.2155 0.2108 -0.0135 -0.0023 -0.0019 44  ASP A CB  
399 C  CG  . ASP A 49 ? 0.3103 0.3161 0.3039 -0.0160 -0.0022 -0.0028 44  ASP A CG  
400 O  OD1 . ASP A 49 ? 0.2932 0.3083 0.2905 -0.0147 -0.0029 -0.0043 44  ASP A OD1 
401 O  OD2 . ASP A 49 ? 0.4186 0.4214 0.4089 -0.0190 -0.0012 -0.0019 44  ASP A OD2 
402 N  N   . LEU A 50 ? 0.2049 0.1891 0.1994 -0.0051 -0.0032 -0.0016 45  LEU A N   
403 C  CA  . LEU A 50 ? 0.1924 0.1680 0.1854 -0.0035 -0.0034 -0.0008 45  LEU A CA  
404 C  C   . LEU A 50 ? 0.1908 0.1696 0.1867 -0.0005 -0.0043 -0.0030 45  LEU A C   
405 O  O   . LEU A 50 ? 0.1923 0.1678 0.1868 -0.0010 -0.0047 -0.0030 45  LEU A O   
406 C  CB  . LEU A 50 ? 0.2230 0.1908 0.2153 -0.0008 -0.0028 0.0008  45  LEU A CB  
407 C  CG  . LEU A 50 ? 0.2838 0.2454 0.2716 -0.0029 -0.0016 0.0036  45  LEU A CG  
408 C  CD1 . LEU A 50 ? 0.2797 0.2373 0.2683 0.0003  -0.0012 0.0051  45  LEU A CD1 
409 C  CD2 . LEU A 50 ? 0.3310 0.2841 0.3137 -0.0049 -0.0010 0.0052  45  LEU A CD2 
410 N  N   A ASN A 51 ? 0.1928 0.1777 0.1920 0.0028  -0.0046 -0.0047 46  ASN A N   
411 N  N   B ASN A 51 ? 0.1920 0.1768 0.1912 0.0028  -0.0046 -0.0047 46  ASN A N   
412 C  CA  A ASN A 51 ? 0.1941 0.1822 0.1952 0.0061  -0.0052 -0.0069 46  ASN A CA  
413 C  CA  B ASN A 51 ? 0.1821 0.1698 0.1832 0.0062  -0.0052 -0.0069 46  ASN A CA  
414 C  C   A ASN A 51 ? 0.1868 0.1818 0.1879 0.0038  -0.0057 -0.0076 46  ASN A C   
415 C  C   B ASN A 51 ? 0.1871 0.1829 0.1886 0.0041  -0.0057 -0.0078 46  ASN A C   
416 O  O   A ASN A 51 ? 0.1777 0.1715 0.1789 0.0051  -0.0062 -0.0085 46  ASN A O   
417 O  O   B ASN A 51 ? 0.2054 0.2012 0.2072 0.0059  -0.0062 -0.0089 46  ASN A O   
418 C  CB  A ASN A 51 ? 0.1961 0.1893 0.1991 0.0097  -0.0050 -0.0085 46  ASN A CB  
419 C  CB  B ASN A 51 ? 0.1944 0.1856 0.1972 0.0101  -0.0050 -0.0084 46  ASN A CB  
420 C  CG  A ASN A 51 ? 0.2049 0.1908 0.2075 0.0128  -0.0047 -0.0085 46  ASN A CG  
421 C  CG  B ASN A 51 ? 0.2244 0.2160 0.2275 0.0145  -0.0051 -0.0106 46  ASN A CG  
422 O  OD1 A ASN A 51 ? 0.2761 0.2617 0.2785 0.0128  -0.0041 -0.0078 46  ASN A OD1 
423 O  OD1 B ASN A 51 ? 0.2517 0.2355 0.2542 0.0168  -0.0052 -0.0109 46  ASN A OD1 
424 N  ND2 A ASN A 51 ? 0.2189 0.1987 0.2209 0.0152  -0.0049 -0.0092 46  ASN A ND2 
425 N  ND2 B ASN A 51 ? 0.2902 0.2906 0.2941 0.0160  -0.0050 -0.0121 46  ASN A ND2 
426 N  N   . GLU A 52 ? 0.1700 0.1726 0.1712 0.0003  -0.0056 -0.0073 47  GLU A N   
427 C  CA  . GLU A 52 ? 0.1675 0.1786 0.1687 -0.0025 -0.0061 -0.0079 47  GLU A CA  
428 C  C   . GLU A 52 ? 0.1744 0.1791 0.1723 -0.0062 -0.0064 -0.0068 47  GLU A C   
429 O  O   . GLU A 52 ? 0.1827 0.1903 0.1807 -0.0065 -0.0070 -0.0076 47  GLU A O   
430 C  CB  . GLU A 52 ? 0.2038 0.2234 0.2052 -0.0063 -0.0059 -0.0077 47  GLU A CB  
431 C  CG  . GLU A 52 ? 0.2455 0.2751 0.2470 -0.0094 -0.0064 -0.0082 47  GLU A CG  
432 C  CD  . GLU A 52 ? 0.3406 0.3791 0.3421 -0.0133 -0.0061 -0.0081 47  GLU A CD  
433 O  OE1 . GLU A 52 ? 0.3920 0.4291 0.3940 -0.0127 -0.0055 -0.0077 47  GLU A OE1 
434 O  OE2 . GLU A 52 ? 0.3554 0.4025 0.3565 -0.0169 -0.0066 -0.0083 47  GLU A OE2 
435 N  N   . LYS A 53 ? 0.1647 0.1598 0.1590 -0.0089 -0.0057 -0.0049 48  LYS A N   
436 C  CA  . LYS A 53 ? 0.1562 0.1430 0.1456 -0.0124 -0.0055 -0.0034 48  LYS A CA  
437 C  C   . LYS A 53 ? 0.1612 0.1413 0.1514 -0.0087 -0.0061 -0.0038 48  LYS A C   
438 O  O   . LYS A 53 ? 0.1762 0.1551 0.1644 -0.0107 -0.0064 -0.0037 48  LYS A O   
439 C  CB  . LYS A 53 ? 0.2024 0.1792 0.1866 -0.0151 -0.0042 -0.0009 48  LYS A CB  
440 C  CG  . LYS A 53 ? 0.2210 0.2031 0.2031 -0.0195 -0.0035 -0.0008 48  LYS A CG  
441 C  CD  . LYS A 53 ? 0.2743 0.2462 0.2511 -0.0210 -0.0019 0.0016  48  LYS A CD  
442 C  CE  . LYS A 53 ? 0.2820 0.2587 0.2559 -0.0256 -0.0010 0.0015  48  LYS A CE  
443 N  NZ  . LYS A 53 ? 0.3458 0.3126 0.3138 -0.0264 0.0008  0.0036  48  LYS A NZ  
444 N  N   . LEU A 54 ? 0.1677 0.1437 0.1603 -0.0035 -0.0060 -0.0042 49  LEU A N   
445 C  CA  . LEU A 54 ? 0.1648 0.1343 0.1581 0.0004  -0.0065 -0.0049 49  LEU A CA  
446 C  C   . LEU A 54 ? 0.1800 0.1580 0.1761 0.0022  -0.0073 -0.0073 49  LEU A C   
447 O  O   . LEU A 54 ? 0.1756 0.1495 0.1710 0.0029  -0.0078 -0.0077 49  LEU A O   
448 C  CB  . LEU A 54 ? 0.2030 0.1681 0.1983 0.0052  -0.0062 -0.0052 49  LEU A CB  
449 C  CG  . LEU A 54 ? 0.3003 0.2587 0.2963 0.0095  -0.0065 -0.0064 49  LEU A CG  
450 C  CD1 . LEU A 54 ? 0.3690 0.3162 0.3616 0.0078  -0.0063 -0.0040 49  LEU A CD1 
451 C  CD2 . LEU A 54 ? 0.3575 0.3144 0.3552 0.0132  -0.0061 -0.0069 49  LEU A CD2 
452 N  N   . THR A 55 ? 0.1569 0.1466 0.1560 0.0034  -0.0075 -0.0089 50  THR A N   
453 C  CA  . THR A 55 ? 0.1654 0.1639 0.1663 0.0059  -0.0080 -0.0109 50  THR A CA  
454 C  C   . THR A 55 ? 0.1549 0.1579 0.1545 0.0011  -0.0086 -0.0104 50  THR A C   
455 O  O   . THR A 55 ? 0.1575 0.1618 0.1575 0.0025  -0.0092 -0.0114 50  THR A O   
456 C  CB  . THR A 55 ? 0.1980 0.2078 0.2013 0.0080  -0.0076 -0.0121 50  THR A CB  
457 O  OG1 . THR A 55 ? 0.2269 0.2318 0.2308 0.0122  -0.0070 -0.0127 50  THR A OG1 
458 C  CG2 . THR A 55 ? 0.2428 0.2629 0.2476 0.0109  -0.0079 -0.0138 50  THR A CG2 
459 N  N   . ILE A 56 ? 0.1526 0.1572 0.1498 -0.0050 -0.0084 -0.0088 51  ILE A N   
460 C  CA  . ILE A 56 ? 0.1478 0.1560 0.1423 -0.0106 -0.0089 -0.0081 51  ILE A CA  
461 C  C   . ILE A 56 ? 0.1473 0.1427 0.1383 -0.0116 -0.0090 -0.0070 51  ILE A C   
462 O  O   . ILE A 56 ? 0.1499 0.1474 0.1402 -0.0129 -0.0097 -0.0075 51  ILE A O   
463 C  CB  . ILE A 56 ? 0.1598 0.1698 0.1511 -0.0171 -0.0083 -0.0066 51  ILE A CB  
464 C  CG1 . ILE A 56 ? 0.1942 0.2183 0.1891 -0.0166 -0.0083 -0.0078 51  ILE A CG1 
465 C  CG2 . ILE A 56 ? 0.1732 0.1836 0.1597 -0.0240 -0.0085 -0.0057 51  ILE A CG2 
466 C  CD1 . ILE A 56 ? 0.2312 0.2560 0.2232 -0.0220 -0.0076 -0.0066 51  ILE A CD1 
467 N  N   . LEU A 57 ? 0.1468 0.1287 0.1352 -0.0111 -0.0082 -0.0055 52  LEU A N   
468 C  CA  . LEU A 57 ? 0.1537 0.1226 0.1381 -0.0118 -0.0081 -0.0041 52  LEU A CA  
469 C  C   . LEU A 57 ? 0.1405 0.1082 0.1284 -0.0061 -0.0090 -0.0060 52  LEU A C   
470 O  O   . LEU A 57 ? 0.1506 0.1136 0.1365 -0.0074 -0.0095 -0.0057 52  LEU A O   
471 C  CB  . LEU A 57 ? 0.1679 0.1235 0.1487 -0.0117 -0.0070 -0.0018 52  LEU A CB  
472 C  CG  . LEU A 57 ? 0.1702 0.1113 0.1456 -0.0129 -0.0065 0.0004  52  LEU A CG  
473 C  CD1 . LEU A 57 ? 0.2099 0.1501 0.1789 -0.0201 -0.0062 0.0018  52  LEU A CD1 
474 C  CD2 . LEU A 57 ? 0.2179 0.1473 0.1900 -0.0115 -0.0052 0.0030  52  LEU A CD2 
475 N  N   . ASP A 58 ? 0.1507 0.1221 0.1431 -0.0002 -0.0090 -0.0080 53  ASP A N   
476 C  CA  . ASP A 58 ? 0.1525 0.1226 0.1475 0.0055  -0.0096 -0.0102 53  ASP A CA  
477 C  C   . ASP A 58 ? 0.1562 0.1364 0.1521 0.0047  -0.0104 -0.0115 53  ASP A C   
478 O  O   . ASP A 58 ? 0.1580 0.1336 0.1534 0.0062  -0.0108 -0.0122 53  ASP A O   
479 C  CB  . ASP A 58 ? 0.1664 0.1401 0.1645 0.0111  -0.0092 -0.0121 53  ASP A CB  
480 C  CG  . ASP A 58 ? 0.1720 0.1441 0.1715 0.0173  -0.0092 -0.0148 53  ASP A CG  
481 O  OD1 . ASP A 58 ? 0.1860 0.1461 0.1844 0.0194  -0.0092 -0.0147 53  ASP A OD1 
482 O  OD2 . ASP A 58 ? 0.1836 0.1663 0.1847 0.0199  -0.0093 -0.0166 53  ASP A OD2 
483 N  N   . ARG A 59 ? 0.1446 0.1385 0.1417 0.0021  -0.0105 -0.0117 54  ARG A N   
484 C  CA  . ARG A 59 ? 0.1507 0.1563 0.1488 0.0013  -0.0112 -0.0127 54  ARG A CA  
485 C  C   . ARG A 59 ? 0.1449 0.1455 0.1392 -0.0048 -0.0118 -0.0112 54  ARG A C   
486 O  O   . ARG A 59 ? 0.1655 0.1679 0.1598 -0.0042 -0.0125 -0.0119 54  ARG A O   
487 C  CB  . ARG A 59 ? 0.1735 0.1951 0.1734 -0.0007 -0.0113 -0.0128 54  ARG A CB  
488 C  CG  . ARG A 59 ? 0.3085 0.3364 0.3116 0.0055  -0.0106 -0.0145 54  ARG A CG  
489 C  CD  . ARG A 59 ? 0.4612 0.5070 0.4662 0.0045  -0.0107 -0.0147 54  ARG A CD  
490 N  NE  . ARG A 59 ? 0.5235 0.5720 0.5275 -0.0012 -0.0105 -0.0132 54  ARG A NE  
491 C  CZ  . ARG A 59 ? 0.5790 0.6294 0.5844 0.0006  -0.0098 -0.0132 54  ARG A CZ  
492 N  NH1 . ARG A 59 ? 0.6542 0.7040 0.6613 0.0076  -0.0092 -0.0145 54  ARG A NH1 
493 N  NH2 . ARG A 59 ? 0.6034 0.6559 0.6078 -0.0047 -0.0096 -0.0119 54  ARG A NH2 
494 N  N   . GLN A 60 ? 0.1419 0.1352 0.1319 -0.0107 -0.0114 -0.0088 55  GLN A N   
495 C  CA  . GLN A 60 ? 0.1442 0.1306 0.1286 -0.0170 -0.0114 -0.0069 55  GLN A CA  
496 C  C   . GLN A 60 ? 0.1511 0.1237 0.1343 -0.0140 -0.0117 -0.0068 55  GLN A C   
497 O  O   . GLN A 60 ? 0.1824 0.1541 0.1636 -0.0163 -0.0122 -0.0066 55  GLN A O   
498 C  CB  . GLN A 60 ? 0.2132 0.1928 0.1919 -0.0230 -0.0103 -0.0044 55  GLN A CB  
499 C  CG  . GLN A 60 ? 0.2329 0.2041 0.2038 -0.0301 -0.0099 -0.0022 55  GLN A CG  
500 C  CD  . GLN A 60 ? 0.2076 0.1729 0.1719 -0.0357 -0.0084 0.0001  55  GLN A CD  
501 O  OE1 . GLN A 60 ? 0.2378 0.2061 0.2040 -0.0344 -0.0078 -0.0002 55  GLN A OE1 
502 N  NE2 . GLN A 60 ? 0.2691 0.2246 0.2246 -0.0419 -0.0076 0.0023  55  GLN A NE2 
503 N  N   . VAL A 61 ? 0.1560 0.1184 0.1405 -0.0086 -0.0111 -0.0069 56  VAL A N   
504 C  CA  . VAL A 61 ? 0.1713 0.1205 0.1549 -0.0054 -0.0112 -0.0068 56  VAL A CA  
505 C  C   . VAL A 61 ? 0.1493 0.1042 0.1368 -0.0006 -0.0121 -0.0097 56  VAL A C   
506 O  O   . VAL A 61 ? 0.1780 0.1267 0.1637 -0.0010 -0.0126 -0.0096 56  VAL A O   
507 C  CB  . VAL A 61 ? 0.1639 0.1023 0.1481 -0.0009 -0.0104 -0.0064 56  VAL A CB  
508 C  CG1 . VAL A 61 ? 0.1928 0.1188 0.1769 0.0034  -0.0105 -0.0069 56  VAL A CG1 
509 C  CG2 . VAL A 61 ? 0.1780 0.1086 0.1571 -0.0054 -0.0092 -0.0030 56  VAL A CG2 
510 N  N   . ASP A 62 ? 0.1587 0.1253 0.1507 0.0040  -0.0122 -0.0122 57  ASP A N   
511 C  CA  . ASP A 62 ? 0.1500 0.1226 0.1449 0.0093  -0.0127 -0.0150 57  ASP A CA  
512 C  C   . ASP A 62 ? 0.1760 0.1576 0.1702 0.0051  -0.0136 -0.0147 57  ASP A C   
513 O  O   . ASP A 62 ? 0.1753 0.1552 0.1698 0.0077  -0.0141 -0.0160 57  ASP A O   
514 C  CB  . ASP A 62 ? 0.1505 0.1343 0.1489 0.0146  -0.0123 -0.0172 57  ASP A CB  
515 C  CG  . ASP A 62 ? 0.1439 0.1182 0.1430 0.0211  -0.0114 -0.0188 57  ASP A CG  
516 O  OD1 . ASP A 62 ? 0.1582 0.1190 0.1560 0.0230  -0.0114 -0.0189 57  ASP A OD1 
517 O  OD2 . ASP A 62 ? 0.1719 0.1527 0.1724 0.0242  -0.0107 -0.0199 57  ASP A OD2 
518 N  N   . TYR A 63 ? 0.1566 0.1474 0.1493 -0.0015 -0.0138 -0.0131 58  TYR A N   
519 C  CA  . TYR A 63 ? 0.1827 0.1833 0.1743 -0.0064 -0.0146 -0.0127 58  TYR A CA  
520 C  C   . TYR A 63 ? 0.2025 0.1895 0.1890 -0.0109 -0.0149 -0.0109 58  TYR A C   
521 O  O   . TYR A 63 ? 0.2018 0.1919 0.1881 -0.0117 -0.0158 -0.0114 58  TYR A O   
522 C  CB  . TYR A 63 ? 0.2341 0.2480 0.2250 -0.0127 -0.0147 -0.0115 58  TYR A CB  
523 C  CG  . TYR A 63 ? 0.3964 0.4232 0.3862 -0.0180 -0.0156 -0.0111 58  TYR A CG  
524 C  CD1 . TYR A 63 ? 0.5088 0.5525 0.5030 -0.0140 -0.0162 -0.0129 58  TYR A CD1 
525 C  CD2 . TYR A 63 ? 0.4543 0.4765 0.4381 -0.0271 -0.0157 -0.0089 58  TYR A CD2 
526 C  CE1 . TYR A 63 ? 0.6171 0.6741 0.6106 -0.0189 -0.0171 -0.0124 58  TYR A CE1 
527 C  CE2 . TYR A 63 ? 0.5257 0.5605 0.5082 -0.0327 -0.0166 -0.0086 58  TYR A CE2 
528 C  CZ  . TYR A 63 ? 0.6786 0.7312 0.6664 -0.0286 -0.0174 -0.0103 58  TYR A CZ  
529 O  OH  . TYR A 63 ? 0.8197 0.8862 0.8064 -0.0342 -0.0183 -0.0097 58  TYR A OH  
530 N  N   . LEU A 64 ? 0.2036 0.1757 0.1859 -0.0137 -0.0141 -0.0087 59  LEU A N   
531 C  CA  . LEU A 64 ? 0.2403 0.1973 0.2166 -0.0179 -0.0141 -0.0066 59  LEU A CA  
532 C  C   . LEU A 64 ? 0.2401 0.1887 0.2186 -0.0116 -0.0145 -0.0082 59  LEU A C   
533 O  O   . LEU A 64 ? 0.2788 0.2232 0.2548 -0.0140 -0.0152 -0.0077 59  LEU A O   
534 C  CB  . LEU A 64 ? 0.2788 0.2218 0.2498 -0.0208 -0.0127 -0.0038 59  LEU A CB  
535 C  CG  . LEU A 64 ? 0.3604 0.2863 0.3231 -0.0255 -0.0120 -0.0006 59  LEU A CG  
536 C  CD1 . LEU A 64 ? 0.3661 0.2971 0.3235 -0.0340 -0.0123 0.0005  59  LEU A CD1 
537 C  CD2 . LEU A 64 ? 0.3756 0.2916 0.3340 -0.0268 -0.0104 0.0017  59  LEU A CD2 
538 N  N   A GLU A 65 ? 0.2268 0.1731 0.2098 -0.0037 -0.0143 -0.0101 60  GLU A N   
539 N  N   B GLU A 65 ? 0.2339 0.1808 0.2170 -0.0038 -0.0143 -0.0102 60  GLU A N   
540 C  CA  A GLU A 65 ? 0.2468 0.1854 0.2318 0.0027  -0.0145 -0.0123 60  GLU A CA  
541 C  CA  B GLU A 65 ? 0.2332 0.1715 0.2179 0.0025  -0.0145 -0.0121 60  GLU A CA  
542 C  C   A GLU A 65 ? 0.2772 0.2269 0.2644 0.0040  -0.0155 -0.0143 60  GLU A C   
543 C  C   B GLU A 65 ? 0.2634 0.2127 0.2509 0.0051  -0.0154 -0.0146 60  GLU A C   
544 O  O   A GLU A 65 ? 0.3006 0.2427 0.2863 0.0043  -0.0160 -0.0145 60  GLU A O   
545 O  O   B GLU A 65 ? 0.3301 0.2716 0.3171 0.0072  -0.0158 -0.0154 60  GLU A O   
546 C  CB  A GLU A 65 ? 0.2694 0.2070 0.2584 0.0106  -0.0139 -0.0146 60  GLU A CB  
547 C  CB  B GLU A 65 ? 0.2688 0.2034 0.2569 0.0095  -0.0138 -0.0138 60  GLU A CB  
548 C  CG  A GLU A 65 ? 0.2969 0.2207 0.2842 0.0112  -0.0131 -0.0129 60  GLU A CG  
549 C  CG  B GLU A 65 ? 0.2313 0.1583 0.2209 0.0163  -0.0139 -0.0163 60  GLU A CG  
550 C  CD  A GLU A 65 ? 0.2377 0.1608 0.2284 0.0183  -0.0125 -0.0154 60  GLU A CD  
551 C  CD  B GLU A 65 ? 0.2646 0.1881 0.2565 0.0223  -0.0130 -0.0180 60  GLU A CD  
552 O  OE1 A GLU A 65 ? 0.1902 0.1248 0.1839 0.0222  -0.0125 -0.0181 60  GLU A OE1 
553 O  OE1 B GLU A 65 ? 0.2581 0.1912 0.2517 0.0229  -0.0126 -0.0185 60  GLU A OE1 
554 O  OE2 A GLU A 65 ? 0.2955 0.2100 0.2851 0.0192  -0.0121 -0.0139 60  GLU A OE2 
555 O  OE2 B GLU A 65 ? 0.3581 0.2774 0.3492 0.0240  -0.0132 -0.0172 60  GLU A OE2 
556 N  N   . ALA A 66 ? 0.2280 0.1956 0.2185 0.0051  -0.0156 -0.0157 61  ALA A N   
557 C  CA  . ALA A 66 ? 0.2680 0.2488 0.2608 0.0075  -0.0163 -0.0177 61  ALA A CA  
558 C  C   . ALA A 66 ? 0.3673 0.3497 0.3567 -0.0001 -0.0173 -0.0157 61  ALA A C   
559 O  O   . ALA A 66 ? 0.3969 0.3801 0.3866 0.0016  -0.0180 -0.0169 61  ALA A O   
560 C  CB  . ALA A 66 ? 0.2644 0.2645 0.2607 0.0096  -0.0161 -0.0189 61  ALA A CB  
561 N  N   . THR A 67 ? 0.2812 0.2632 0.2667 -0.0087 -0.0173 -0.0130 62  THR A N   
562 C  CA  . THR A 67 ? 0.3121 0.2952 0.2928 -0.0171 -0.0179 -0.0109 62  THR A CA  
563 C  C   . THR A 67 ? 0.3990 0.3630 0.3755 -0.0180 -0.0180 -0.0097 62  THR A C   
564 O  O   . THR A 67 ? 0.4438 0.4088 0.4182 -0.0212 -0.0189 -0.0094 62  THR A O   
565 C  CB  . THR A 67 ? 0.4277 0.4123 0.4035 -0.0263 -0.0175 -0.0082 62  THR A CB  
566 O  OG1 . THR A 67 ? 0.4944 0.4965 0.4740 -0.0258 -0.0174 -0.0091 62  THR A OG1 
567 C  CG2 . THR A 67 ? 0.6362 0.6219 0.6060 -0.0356 -0.0180 -0.0062 62  THR A CG2 
568 N  N   . PHE A 68 ? 0.4389 0.3855 0.4139 -0.0153 -0.0171 -0.0090 63  PHE A N   
569 C  CA  . PHE A 68 ? 0.5455 0.4726 0.5164 -0.0152 -0.0170 -0.0077 63  PHE A CA  
570 C  C   . PHE A 68 ? 0.5813 0.5066 0.5565 -0.0077 -0.0177 -0.0107 63  PHE A C   
571 O  O   . PHE A 68 ? 0.6262 0.5447 0.5987 -0.0095 -0.0182 -0.0102 63  PHE A O   
572 C  CB  . PHE A 68 ? 0.6195 0.5294 0.5878 -0.0139 -0.0157 -0.0059 63  PHE A CB  
573 C  CG  . PHE A 68 ? 0.6751 0.5653 0.6402 -0.0118 -0.0155 -0.0048 63  PHE A CG  
574 C  CD1 . PHE A 68 ? 0.6985 0.5766 0.6557 -0.0186 -0.0152 -0.0015 63  PHE A CD1 
575 C  CD2 . PHE A 68 ? 0.6490 0.5350 0.6187 -0.0033 -0.0155 -0.0069 63  PHE A CD2 
576 C  CE1 . PHE A 68 ? 0.6557 0.5271 0.6095 -0.0152 -0.0149 -0.0001 63  PHE A CE1 
577 C  CE2 . PHE A 68 ? 0.6823 0.5656 0.6491 -0.0012 -0.0153 -0.0051 63  PHE A CE2 
578 C  CZ  . PHE A 68 ? 0.6315 0.5073 0.5907 -0.0066 -0.0150 -0.0020 63  PHE A CZ  
579 N  N   . LYS A 69 ? 0.4868 0.4171 0.4677 0.0006  -0.0174 -0.0138 64  LYS A N   
580 C  CA  . LYS A 69 ? 0.5275 0.4545 0.5115 0.0085  -0.0177 -0.0169 64  LYS A CA  
581 C  C   . LYS A 69 ? 0.6474 0.5880 0.6330 0.0085  -0.0186 -0.0185 64  LYS A C   
582 O  O   . LYS A 69 ? 0.6433 0.5785 0.6294 0.0128  -0.0190 -0.0203 64  LYS A O   
583 C  CB  . LYS A 69 ? 0.4642 0.3938 0.4524 0.0168  -0.0168 -0.0198 64  LYS A CB  
584 C  CG  . LYS A 69 ? 0.4802 0.3944 0.4673 0.0185  -0.0159 -0.0189 64  LYS A CG  
585 C  CD  . LYS A 69 ? 0.4735 0.3928 0.4641 0.0254  -0.0151 -0.0216 64  LYS A CD  
586 C  CE  . LYS A 69 ? 0.5126 0.4302 0.5022 0.0249  -0.0151 -0.0187 64  LYS A CE  
587 N  NZ  . LYS A 69 ? 0.6345 0.5588 0.6261 0.0295  -0.0146 -0.0206 64  LYS A NZ  
588 N  N   . THR A 70 ? 0.6278 0.5861 0.6137 0.0037  -0.0191 -0.0177 65  THR A N   
589 C  CA  . THR A 70 ? 0.6158 0.5896 0.6031 0.0034  -0.0200 -0.0187 65  THR A CA  
590 C  C   . THR A 70 ? 0.7004 0.6709 0.6829 -0.0059 -0.0209 -0.0159 65  THR A C   
591 O  O   . THR A 70 ? 0.7491 0.7008 0.7269 -0.0093 -0.0207 -0.0139 65  THR A O   
592 C  CB  . THR A 70 ? 0.6308 0.6279 0.6217 0.0036  -0.0200 -0.0193 65  THR A CB  
593 O  OG1 . THR A 70 ? 0.7696 0.7702 0.7578 -0.0051 -0.0200 -0.0165 65  THR A OG1 
594 C  CG2 . THR A 70 ? 0.5094 0.5089 0.5040 0.0129  -0.0189 -0.0220 65  THR A CG2 
595 C  C1  . MPD B .  ? 0.3038 0.2715 0.2755 -0.0266 -0.0051 0.0004  69  MPD A C1  
596 C  C2  . MPD B .  ? 0.2331 0.1976 0.1987 -0.0313 -0.0035 0.0021  69  MPD A C2  
597 O  O2  . MPD B .  ? 0.2242 0.1840 0.1818 -0.0381 -0.0029 0.0033  69  MPD A O2  
598 C  CM  . MPD B .  ? 0.2530 0.2316 0.2229 -0.0323 -0.0039 0.0003  69  MPD A CM  
599 C  C3  . MPD B .  ? 0.2752 0.2273 0.2379 -0.0285 -0.0022 0.0041  69  MPD A C3  
600 C  C4  . MPD B .  ? 0.3238 0.2687 0.2776 -0.0335 -0.0001 0.0062  69  MPD A C4  
601 O  O4  . MPD B .  ? 0.4336 0.3865 0.3901 -0.0337 0.0002  0.0053  69  MPD A O4  
602 C  C5  . MPD B .  ? 0.4361 0.3659 0.3846 -0.0309 0.0015  0.0090  69  MPD A C5  
603 C  C1  . MRD C .  ? 0.7244 0.7273 0.7163 -0.0033 0.0083  0.0196  70  MRD A C1  
604 C  C2  . MRD C .  ? 0.7084 0.7115 0.7004 -0.0015 0.0079  0.0211  70  MRD A C2  
605 O  O2  . MRD C .  ? 0.7225 0.7286 0.7133 0.0005  0.0085  0.0243  70  MRD A O2  
606 C  CM  . MRD C .  ? 0.6411 0.6467 0.6367 -0.0030 0.0060  0.0197  70  MRD A CM  
607 C  C3  . MRD C .  ? 0.7115 0.7089 0.7002 -0.0006 0.0088  0.0208  70  MRD A C3  
608 C  C4  . MRD C .  ? 0.6883 0.6843 0.6753 0.0021  0.0091  0.0232  70  MRD A C4  
609 O  O4  . MRD C .  ? 0.7443 0.7432 0.7351 0.0017  0.0074  0.0227  70  MRD A O4  
610 C  C5  . MRD C .  ? 0.5593 0.5568 0.5432 0.0048  0.0105  0.0268  70  MRD A C5  
611 CA CA  . CA  D .  ? 0.1112 0.1325 0.1076 -0.0242 0.0086  0.0267  71  CA  A CA  
612 CA CA  . CA  E .  ? 0.1241 0.1405 0.1203 -0.0174 0.0100  0.0228  72  CA  A CA  
613 O  O   . HOH F .  ? 0.5189 0.5336 0.4948 0.0037  0.0212  0.0263  73  HOH A O   
614 O  O   . HOH F .  ? 0.4696 0.5110 0.4703 -0.0188 -0.0044 -0.0069 74  HOH A O   
615 O  O   . HOH F .  ? 0.6769 0.7209 0.6647 -0.0505 0.0050  0.0432  75  HOH A O   
616 O  O   . HOH F .  ? 0.6385 0.6344 0.6300 -0.0146 0.0017  0.0012  76  HOH A O   
617 O  O   . HOH F .  ? 0.6525 0.6792 0.6585 0.0127  -0.0027 -0.0104 77  HOH A O   
618 O  O   . HOH F .  ? 0.6014 0.5909 0.5929 -0.0087 0.0048  0.0077  78  HOH A O   
619 O  O   . HOH F .  ? 0.3938 0.3367 0.3470 -0.0295 0.0029  0.0079  79  HOH A O   
620 O  O   . HOH F .  ? 0.6819 0.6850 0.6792 -0.0222 0.0045  0.0141  80  HOH A O   
621 O  O   . HOH F .  ? 0.5591 0.5851 0.5622 -0.0108 -0.0027 -0.0054 81  HOH A O   
622 O  O   . HOH F .  ? 0.7157 0.6990 0.6869 -0.0303 0.0014  0.0013  82  HOH A O   
623 O  O   . HOH F .  ? 0.7387 0.7424 0.7187 -0.0457 0.0043  0.0288  83  HOH A O   
624 O  O   . HOH F .  ? 0.2557 0.2044 0.2530 0.0370  -0.0120 -0.0264 84  HOH A O   
625 O  O   . HOH F .  ? 0.6717 0.7169 0.6798 0.0006  -0.0051 -0.0099 85  HOH A O   
626 O  O   . HOH F .  ? 0.1972 0.1708 0.1956 0.0244  -0.0130 -0.0217 86  HOH A O   
627 O  O   . HOH F .  ? 0.1643 0.1415 0.1652 0.0318  -0.0086 -0.0217 87  HOH A O   
628 O  O   . HOH F .  ? 0.5597 0.5894 0.5639 -0.0071 -0.0044 -0.0071 88  HOH A O   
629 O  O   . HOH F .  ? 0.7134 0.8444 0.7068 -0.0105 0.0098  0.0608  89  HOH A O   
630 O  O   . HOH F .  ? 0.6689 0.6991 0.6755 0.0066  -0.0013 -0.0072 90  HOH A O   
631 O  O   . HOH F .  ? 0.7029 0.6819 0.6858 -0.0048 0.0076  0.0136  91  HOH A O   
632 O  O   . HOH F .  ? 0.3860 0.5018 0.3771 -0.0295 0.0092  0.0575  92  HOH A O   
633 O  O   . HOH F .  ? 0.6015 0.6157 0.6038 -0.0149 0.0028  -0.0006 93  HOH A O   
634 O  O   . HOH F .  ? 0.6759 0.6652 0.6592 -0.0198 0.0025  0.0017  94  HOH A O   
635 O  O   . HOH F .  ? 0.7090 0.7481 0.6751 -0.0579 -0.0177 -0.0041 95  HOH A O   
636 O  O   . HOH F .  ? 0.6317 0.7324 0.6209 -0.0474 0.0054  0.0563  96  HOH A O   
637 O  O   . HOH F .  ? 0.6794 0.6783 0.6738 -0.0277 0.0051  0.0171  97  HOH A O   
638 O  O   . HOH F .  ? 0.1695 0.1191 0.1675 0.0263  -0.0097 -0.0181 98  HOH A O   
639 O  O   . HOH F .  ? 0.2277 0.2315 0.2304 0.0198  -0.0103 -0.0185 99  HOH A O   
640 O  O   . HOH F .  ? 0.2697 0.2766 0.2732 0.0163  -0.0090 -0.0161 100 HOH A O   
641 O  O   . HOH F .  ? 0.7234 0.7356 0.7219 0.0204  -0.0002 -0.0112 101 HOH A O   
642 O  O   . HOH F .  ? 0.3669 0.3360 0.3672 0.0212  -0.0043 -0.0107 102 HOH A O   
643 O  O   . HOH F .  ? 0.6503 0.7032 0.6373 0.0004  0.0154  0.0388  103 HOH A O   
644 O  O   . HOH F .  ? 0.7202 0.7114 0.7081 -0.0323 0.0056  0.0192  104 HOH A O   
645 O  O   . HOH F .  ? 0.3309 0.3018 0.3144 -0.0111 0.0004  0.0040  105 HOH A O   
646 O  O   . HOH F .  ? 0.7235 0.7345 0.7134 0.0002  0.0097  0.0259  106 HOH A O   
647 O  O   . HOH F .  ? 0.5092 0.6243 0.4892 0.0114  0.0212  0.0575  107 HOH A O   
648 O  O   . HOH F .  ? 0.6794 0.7334 0.6710 -0.0040 0.0118  0.0385  108 HOH A O   
649 O  O   . HOH F .  ? 0.5800 0.5765 0.5822 0.0049  -0.0009 -0.0006 109 HOH A O   
650 O  O   . HOH F .  ? 0.4863 0.4694 0.4884 0.0158  -0.0060 -0.0113 110 HOH A O   
651 O  O   . HOH F .  ? 0.7061 0.7257 0.6976 -0.0004 0.0096  0.0282  111 HOH A O   
652 O  O   . HOH F .  ? 0.5249 0.5618 0.5153 0.0003  0.0115  0.0345  112 HOH A O   
653 O  O   . HOH F .  ? 0.7328 0.7159 0.7161 -0.0095 0.0079  0.0101  113 HOH A O   
654 O  O   . HOH F .  ? 0.1543 0.1907 0.1500 -0.0249 0.0082  0.0322  114 HOH A O   
656 O  O   . HOH F .  ? 0.2557 0.2662 0.2491 -0.0237 0.0032  0.0181  116 HOH A O   
658 O  O   . HOH F .  ? 0.3108 0.3674 0.3077 -0.0108 0.0067  0.0378  118 HOH A O   
659 O  O   . HOH F .  ? 0.3059 0.3532 0.3038 -0.0111 0.0054  0.0341  119 HOH A O   
660 O  O   . HOH F .  ? 0.3472 0.3755 0.3482 0.0049  -0.0131 -0.0160 120 HOH A O   
661 O  O   . HOH F .  ? 0.3393 0.3514 0.3432 -0.0019 0.0009  0.0001  121 HOH A O   
662 O  O   . HOH F .  ? 0.3904 0.4576 0.3867 -0.0065 0.0068  0.0427  122 HOH A O   
663 O  O   . HOH F .  ? 0.3132 0.2959 0.2854 -0.0325 -0.0128 -0.0041 123 HOH A O   
664 O  O   . HOH F .  ? 0.3556 0.3755 0.3616 0.0077  -0.0048 -0.0100 124 HOH A O   
665 O  O   . HOH F .  ? 0.7145 0.7720 0.7161 -0.0050 -0.0138 -0.0143 125 HOH A O   
666 O  O   . HOH F .  ? 0.1984 0.2326 0.1930 -0.0309 0.0076  0.0335  126 HOH A O   
667 O  O   . HOH F .  ? 0.4403 0.5923 0.4316 -0.0290 0.0087  0.0665  127 HOH A O   
668 O  O   . HOH F .  ? 0.5121 0.5577 0.4855 0.0119  0.0241  0.0376  128 HOH A O   
669 O  O   . HOH F .  ? 0.7860 0.9506 0.7799 -0.0103 0.0093  0.0701  129 HOH A O   
670 O  O   . HOH F .  ? 0.2357 0.2443 0.2337 -0.0264 0.0063  0.0206  130 HOH A O   
671 O  O   . HOH F .  ? 0.3997 0.4116 0.3979 -0.0250 0.0054  0.0206  131 HOH A O   
672 O  O   . HOH F .  ? 0.3447 0.3752 0.3347 -0.0054 0.0134  0.0297  132 HOH A O   
673 O  O   . HOH F .  ? 0.3668 0.3840 0.3522 -0.0042 0.0165  0.0251  133 HOH A O   
674 O  O   . HOH F .  ? 0.6209 0.6392 0.6125 -0.0052 0.0110  0.0250  134 HOH A O   
675 O  O   . HOH F .  ? 0.6491 0.6500 0.6460 -0.0125 0.0073  0.0090  135 HOH A O   
676 O  O   . HOH F .  ? 0.3343 0.3352 0.3302 -0.0092 0.0069  0.0120  136 HOH A O   
677 O  O   . HOH F .  ? 0.7770 0.7825 0.7805 -0.0177 0.0060  0.0034  137 HOH A O   
678 O  O   . HOH F .  ? 0.5760 0.6126 0.5827 -0.0131 -0.0005 -0.0050 138 HOH A O   
679 O  O   . HOH F .  ? 0.5433 0.5527 0.5396 -0.0164 0.0011  -0.0013 139 HOH A O   
680 O  O   . HOH F .  ? 0.5277 0.4827 0.4996 -0.0056 0.0068  0.0142  140 HOH A O   
681 O  O   . HOH F .  ? 0.5163 0.4989 0.4980 -0.0189 0.0010  0.0020  141 HOH A O   
682 O  O   . HOH F .  ? 0.4879 0.4933 0.4813 -0.0203 0.0035  0.0143  142 HOH A O   
683 O  O   . HOH F .  ? 0.4152 0.4213 0.4143 -0.0128 0.0025  0.0011  143 HOH A O   
684 O  O   . HOH F .  ? 0.3349 0.3133 0.3268 -0.0019 0.0024  0.0091  144 HOH A O   
685 O  O   . HOH F .  ? 0.4698 0.4362 0.4529 -0.0013 0.0048  0.0135  145 HOH A O   
686 O  O   . HOH F .  ? 0.5236 0.5216 0.5226 0.0088  -0.0002 -0.0037 146 HOH A O   
687 O  O   . HOH F .  ? 0.5143 0.5421 0.5216 -0.0002 -0.0024 -0.0063 147 HOH A O   
688 O  O   . HOH F .  ? 0.3391 0.3438 0.3433 0.0093  -0.0024 -0.0067 148 HOH A O   
689 O  O   . HOH F .  ? 0.6526 0.6643 0.6517 -0.0152 0.0016  -0.0011 149 HOH A O   
690 O  O   . HOH F .  ? 0.5035 0.4618 0.4800 -0.0096 0.0031  0.0087  150 HOH A O   
691 O  O   . HOH F .  ? 0.4166 0.3544 0.3793 -0.0084 0.0066  0.0150  151 HOH A O   
692 O  O   . HOH F .  ? 0.5103 0.5232 0.5151 0.0144  -0.0036 -0.0109 152 HOH A O   
693 O  O   . HOH F .  ? 0.5589 0.5789 0.5638 0.0113  -0.0018 -0.0086 153 HOH A O   
694 O  O   . HOH F .  ? 0.4993 0.5179 0.5050 0.0114  -0.0059 -0.0120 154 HOH A O   
695 O  O   . HOH F .  ? 0.3621 0.4203 0.3551 -0.0332 0.0077  0.0418  155 HOH A O   
696 O  O   . HOH F .  ? 0.5207 0.5885 0.5110 -0.0448 0.0055  0.0470  156 HOH A O   
697 O  O   . HOH F .  ? 0.4117 0.4582 0.4043 -0.0382 0.0061  0.0390  157 HOH A O   
698 O  O   . HOH F .  ? 0.3100 0.3347 0.2857 0.0055  0.0226  0.0295  158 HOH A O   
699 O  O   . HOH F .  ? 0.4806 0.5502 0.4726 -0.0050 0.0117  0.0434  159 HOH A O   
700 O  O   . HOH F .  ? 0.4276 0.4496 0.4197 -0.0383 0.0049  0.0306  160 HOH A O   
701 O  O   . HOH F .  ? 0.3787 0.3852 0.3738 -0.0320 0.0058  0.0231  161 HOH A O   
702 O  O   . HOH F .  ? 0.4288 0.4227 0.4224 -0.0348 0.0063  0.0215  162 HOH A O   
703 O  O   . HOH F .  ? 0.5105 0.5181 0.5084 -0.0242 0.0048  0.0177  163 HOH A O   
704 O  O   . HOH F .  ? 0.5070 0.5602 0.4999 -0.0034 0.0104  0.0387  164 HOH A O   
705 O  O   . HOH F .  ? 0.6786 0.6930 0.6674 -0.0453 0.0053  0.0329  165 HOH A O   
706 O  O   . HOH F .  ? 0.4780 0.4754 0.4721 -0.0102 0.0067  0.0093  166 HOH A O   
707 O  O   . HOH F .  ? 0.4507 0.4667 0.4202 0.0093  0.0247  0.0280  167 HOH A O   
708 O  O   . HOH F .  ? 0.4703 0.4797 0.4618 -0.0396 0.0056  0.0286  168 HOH A O   
709 O  O   . HOH F .  ? 0.4395 0.4370 0.4381 -0.0269 0.0067  0.0164  169 HOH A O   
710 O  O   . HOH F .  ? 0.6621 0.6525 0.6560 0.0094  0.0004  -0.0034 170 HOH A O   
711 O  O   . HOH F .  ? 0.5038 0.5100 0.5041 -0.0206 0.0051  0.0144  171 HOH A O   
712 O  O   . HOH F .  ? 0.4874 0.5260 0.4947 0.0081  -0.0067 -0.0127 172 HOH A O   
713 O  O   . HOH F .  ? 0.6649 0.6845 0.6525 -0.0410 0.0036  0.0298  173 HOH A O   
714 O  O   . HOH F .  ? 0.4815 0.5406 0.4853 -0.0132 -0.0080 -0.0099 174 HOH A O   
715 O  O   . HOH F .  ? 0.6019 0.6137 0.6070 -0.0115 0.0031  0.0032  175 HOH A O   
716 O  O   . HOH F .  ? 0.5418 0.5599 0.5238 0.0002  0.0173  0.0269  176 HOH A O   
717 O  O   . HOH F .  ? 0.6509 0.6334 0.6370 -0.0414 0.0063  0.0239  177 HOH A O   
718 O  O   . HOH F .  ? 0.7278 0.7533 0.7137 -0.0454 0.0034  0.0332  178 HOH A O   
719 O  O   . HOH F .  ? 0.5333 0.5264 0.4980 -0.0457 -0.0139 -0.0027 179 HOH A O   
# 
